data_2BBD
#
_entry.id   2BBD
#
_cell.length_a   241.600
_cell.length_b   82.890
_cell.length_c   114.800
_cell.angle_alpha   90.00
_cell.angle_beta   116.00
_cell.angle_gamma   90.00
#
_symmetry.space_group_name_H-M   'C 1 2 1'
#
loop_
_entity.id
_entity.type
_entity.pdbx_description
1 polymer 'coat protein'
2 non-polymer (4S)-2-METHYL-2,4-PENTANEDIOL
3 water water
#
_entity_poly.entity_id   1
_entity_poly.type   'polypeptide(L)'
_entity_poly.pdbx_seq_one_letter_code
;GEIYTETLQQTYAWTAGTNIPIKIPRNNFIRKIRVQLIGSISNSGTAAVTLPSAPFPYNLVQTFNLSYEGSKTLYSVSGT
GLGIL(MSE)YYTTKGQNPAYPAPGTSVPASGSVNLNV(MSE)WEFDLARFPAT(MSE)VQNIILSILTGQAPSGVSINA
SFYITITYERVTAQEILSEGGLGADGE(MSE)PLATVLPKVIEIPTFNVPASSAPIHVAYLQPGQIYKRQLVYVINSTSG
INNTDPTEYELKIVRGVPTDKIKVSWAALQAENQAEYQVAPYSGASAIIDFRKYFNGDLDLTHAPSDSIEYDLALQNQDN
VYSLYVSYVLPYYDQLAALPAQVAAIVQQYVARQKRRIKRHHHHHH
;
_entity_poly.pdbx_strand_id   A,B,C,D
#
loop_
_chem_comp.id
_chem_comp.type
_chem_comp.name
_chem_comp.formula
MPD non-polymer (4S)-2-METHYL-2,4-PENTANEDIOL 'C6 H14 O2'
#
# COMPACT_ATOMS: atom_id res chain seq x y z
N GLY A 1 -22.11 23.28 -41.88
CA GLY A 1 -23.24 23.44 -40.91
C GLY A 1 -24.35 24.35 -41.42
N GLU A 2 -25.21 24.79 -40.51
CA GLU A 2 -26.33 25.68 -40.85
C GLU A 2 -25.83 27.09 -41.14
N ILE A 3 -26.22 27.62 -42.29
CA ILE A 3 -25.82 28.97 -42.72
C ILE A 3 -26.94 29.96 -42.49
N TYR A 4 -26.61 31.09 -41.88
CA TYR A 4 -27.61 32.12 -41.61
C TYR A 4 -26.98 33.49 -41.63
N THR A 5 -27.82 34.49 -41.84
CA THR A 5 -27.35 35.85 -41.93
C THR A 5 -28.03 36.79 -40.95
N GLU A 6 -27.26 37.71 -40.40
CA GLU A 6 -27.82 38.71 -39.51
C GLU A 6 -27.11 40.06 -39.67
N THR A 7 -27.87 41.13 -39.48
CA THR A 7 -27.36 42.47 -39.61
C THR A 7 -27.04 43.06 -38.24
N LEU A 8 -25.82 43.57 -38.08
CA LEU A 8 -25.42 44.17 -36.81
C LEU A 8 -26.31 45.37 -36.46
N GLN A 9 -26.61 45.52 -35.19
CA GLN A 9 -27.45 46.61 -34.70
C GLN A 9 -26.72 47.94 -34.82
N GLN A 10 -25.43 47.92 -34.53
CA GLN A 10 -24.60 49.13 -34.58
C GLN A 10 -24.25 49.53 -36.02
N THR A 11 -24.48 50.80 -36.34
CA THR A 11 -24.18 51.32 -37.67
C THR A 11 -23.08 52.36 -37.52
N TYR A 12 -22.48 52.75 -38.65
CA TYR A 12 -21.38 53.72 -38.62
C TYR A 12 -21.64 54.85 -39.61
N ALA A 13 -21.67 56.06 -39.09
CA ALA A 13 -21.93 57.23 -39.93
C ALA A 13 -20.81 57.47 -40.91
N TRP A 14 -21.18 57.96 -42.09
CA TRP A 14 -20.21 58.28 -43.09
C TRP A 14 -19.77 59.73 -42.86
N THR A 15 -18.47 59.94 -42.68
CA THR A 15 -17.89 61.29 -42.57
C THR A 15 -16.65 61.19 -43.45
N ALA A 16 -16.29 62.29 -44.12
CA ALA A 16 -15.15 62.31 -45.02
C ALA A 16 -13.81 62.01 -44.34
N GLY A 17 -12.92 61.35 -45.10
CA GLY A 17 -11.60 61.02 -44.60
C GLY A 17 -11.61 60.58 -43.15
N THR A 18 -12.28 59.46 -42.90
CA THR A 18 -12.38 58.92 -41.55
C THR A 18 -12.11 57.40 -41.54
N ASN A 19 -11.26 56.95 -40.64
CA ASN A 19 -10.97 55.52 -40.54
C ASN A 19 -11.94 54.95 -39.51
N ILE A 20 -12.84 54.10 -39.97
CA ILE A 20 -13.84 53.51 -39.10
C ILE A 20 -13.55 52.03 -38.79
N PRO A 21 -13.02 51.74 -37.58
CA PRO A 21 -12.73 50.36 -37.23
C PRO A 21 -13.99 49.68 -36.71
N ILE A 22 -14.39 48.59 -37.35
CA ILE A 22 -15.59 47.87 -36.95
C ILE A 22 -15.21 46.50 -36.43
N LYS A 23 -15.65 46.17 -35.22
CA LYS A 23 -15.35 44.87 -34.65
C LYS A 23 -16.37 43.88 -35.16
N ILE A 24 -15.90 42.76 -35.68
CA ILE A 24 -16.79 41.73 -36.19
C ILE A 24 -17.03 40.68 -35.11
N PRO A 25 -18.30 40.42 -34.78
CA PRO A 25 -18.66 39.42 -33.75
C PRO A 25 -18.30 38.00 -34.18
N ARG A 26 -17.76 37.22 -33.26
CA ARG A 26 -17.35 35.83 -33.53
C ARG A 26 -18.37 34.83 -32.99
N ASN A 27 -19.62 34.97 -33.44
CA ASN A 27 -20.69 34.09 -33.01
C ASN A 27 -20.56 32.68 -33.53
N ASN A 28 -19.96 32.54 -34.70
CA ASN A 28 -19.77 31.25 -35.33
C ASN A 28 -18.78 31.46 -36.47
N PHE A 29 -18.62 30.43 -37.30
CA PHE A 29 -17.74 30.55 -38.44
C PHE A 29 -18.42 31.59 -39.34
N ILE A 30 -17.62 32.32 -40.12
CA ILE A 30 -18.14 33.36 -41.00
C ILE A 30 -17.88 33.06 -42.48
N ARG A 31 -18.94 33.05 -43.28
CA ARG A 31 -18.79 32.81 -44.71
C ARG A 31 -18.61 34.12 -45.46
N LYS A 32 -19.28 35.17 -44.98
CA LYS A 32 -19.11 36.46 -45.62
C LYS A 32 -19.59 37.66 -44.81
N ILE A 33 -19.15 38.83 -45.23
CA ILE A 33 -19.52 40.07 -44.58
C ILE A 33 -20.03 41.03 -45.65
N ARG A 34 -21.18 41.62 -45.41
CA ARG A 34 -21.75 42.56 -46.35
C ARG A 34 -21.72 43.96 -45.76
N VAL A 35 -21.37 44.93 -46.59
CA VAL A 35 -21.31 46.33 -46.19
C VAL A 35 -22.21 47.13 -47.13
N GLN A 36 -23.12 47.92 -46.57
CA GLN A 36 -24.01 48.75 -47.37
C GLN A 36 -23.93 50.20 -46.87
N LEU A 37 -23.57 51.10 -47.78
CA LEU A 37 -23.50 52.52 -47.47
C LEU A 37 -24.84 53.02 -47.97
N ILE A 38 -25.72 53.39 -47.05
CA ILE A 38 -27.07 53.81 -47.39
C ILE A 38 -27.45 55.16 -46.77
N GLY A 39 -28.05 56.02 -47.59
CA GLY A 39 -28.46 57.33 -47.13
C GLY A 39 -28.82 58.22 -48.31
N SER A 40 -28.28 59.43 -48.32
CA SER A 40 -28.57 60.36 -49.41
C SER A 40 -27.40 61.29 -49.67
N ILE A 41 -27.48 61.96 -50.82
CA ILE A 41 -26.48 62.93 -51.23
C ILE A 41 -27.30 64.20 -51.47
N SER A 42 -26.90 65.29 -50.83
CA SER A 42 -27.62 66.55 -50.95
C SER A 42 -26.86 67.69 -51.59
N ASN A 43 -27.61 68.58 -52.22
CA ASN A 43 -27.05 69.75 -52.89
C ASN A 43 -27.77 70.98 -52.33
N SER A 44 -27.04 71.82 -51.60
CA SER A 44 -27.65 73.03 -51.05
C SER A 44 -27.24 74.26 -51.86
N GLY A 45 -26.52 74.02 -52.96
CA GLY A 45 -26.09 75.10 -53.82
C GLY A 45 -27.24 75.70 -54.63
N THR A 46 -26.91 76.58 -55.58
CA THR A 46 -27.92 77.25 -56.39
C THR A 46 -28.09 76.59 -57.76
N ALA A 47 -27.14 75.77 -58.14
CA ALA A 47 -27.23 75.09 -59.43
C ALA A 47 -27.23 73.58 -59.23
N ALA A 48 -27.85 72.86 -60.15
CA ALA A 48 -27.90 71.41 -60.09
C ALA A 48 -26.47 70.92 -60.28
N VAL A 49 -26.10 69.87 -59.56
CA VAL A 49 -24.77 69.31 -59.66
C VAL A 49 -24.82 67.95 -60.33
N THR A 50 -23.92 67.75 -61.28
CA THR A 50 -23.84 66.46 -61.96
C THR A 50 -22.80 65.67 -61.18
N LEU A 51 -23.21 64.55 -60.60
CA LEU A 51 -22.28 63.73 -59.84
C LEU A 51 -21.18 63.22 -60.77
N PRO A 52 -19.98 62.95 -60.22
CA PRO A 52 -18.85 62.47 -61.02
C PRO A 52 -19.06 61.14 -61.74
N SER A 53 -18.15 60.85 -62.65
CA SER A 53 -18.21 59.62 -63.42
C SER A 53 -17.65 58.49 -62.55
N ALA A 54 -17.58 57.30 -63.12
CA ALA A 54 -17.02 56.15 -62.44
C ALA A 54 -15.59 56.56 -62.07
N PRO A 55 -15.02 55.97 -61.01
CA PRO A 55 -15.56 54.96 -60.10
C PRO A 55 -16.57 55.38 -59.04
N PHE A 56 -17.13 56.59 -59.16
CA PHE A 56 -18.17 56.99 -58.20
C PHE A 56 -19.35 56.06 -58.53
N PRO A 57 -20.13 55.66 -57.52
CA PRO A 57 -20.07 55.96 -56.09
C PRO A 57 -19.15 55.05 -55.24
N TYR A 58 -18.53 54.05 -55.85
CA TYR A 58 -17.66 53.15 -55.09
C TYR A 58 -16.50 53.84 -54.40
N ASN A 59 -15.99 54.93 -54.99
CA ASN A 59 -14.88 55.63 -54.37
C ASN A 59 -15.29 56.52 -53.18
N LEU A 60 -16.52 56.35 -52.70
CA LEU A 60 -16.95 57.08 -51.52
C LEU A 60 -16.28 56.39 -50.32
N VAL A 61 -15.67 55.24 -50.59
CA VAL A 61 -14.90 54.51 -49.58
C VAL A 61 -13.53 54.47 -50.21
N GLN A 62 -12.53 54.97 -49.49
CA GLN A 62 -11.17 54.96 -50.01
C GLN A 62 -10.60 53.54 -49.95
N THR A 63 -10.58 52.93 -48.75
CA THR A 63 -10.06 51.57 -48.63
C THR A 63 -10.78 50.73 -47.59
N PHE A 64 -10.80 49.43 -47.82
CA PHE A 64 -11.39 48.46 -46.89
C PHE A 64 -10.24 47.59 -46.40
N ASN A 65 -10.17 47.39 -45.10
CA ASN A 65 -9.15 46.52 -44.55
C ASN A 65 -9.78 45.53 -43.58
N LEU A 66 -9.69 44.24 -43.90
CA LEU A 66 -10.25 43.20 -43.04
C LEU A 66 -9.11 42.38 -42.48
N SER A 67 -9.01 42.37 -41.16
CA SER A 67 -7.94 41.65 -40.50
C SER A 67 -8.37 41.08 -39.14
N TYR A 68 -7.56 40.16 -38.61
CA TYR A 68 -7.83 39.56 -37.32
C TYR A 68 -6.49 39.34 -36.62
N GLU A 69 -6.55 39.20 -35.30
CA GLU A 69 -5.35 38.99 -34.49
C GLU A 69 -4.33 40.08 -34.71
N GLY A 70 -4.81 41.27 -35.04
CA GLY A 70 -3.94 42.41 -35.26
C GLY A 70 -3.13 42.49 -36.53
N SER A 71 -2.41 41.43 -36.85
CA SER A 71 -1.54 41.44 -38.03
C SER A 71 -1.92 40.61 -39.24
N LYS A 72 -3.00 39.83 -39.15
CA LYS A 72 -3.37 38.98 -40.28
C LYS A 72 -4.42 39.62 -41.18
N THR A 73 -4.04 39.85 -42.43
CA THR A 73 -4.91 40.49 -43.41
C THR A 73 -5.63 39.57 -44.38
N LEU A 74 -6.95 39.68 -44.41
CA LEU A 74 -7.78 38.88 -45.31
C LEU A 74 -8.08 39.71 -46.56
N TYR A 75 -8.30 41.00 -46.36
CA TYR A 75 -8.59 41.93 -47.45
C TYR A 75 -7.90 43.27 -47.23
N SER A 76 -7.39 43.82 -48.33
CA SER A 76 -6.76 45.13 -48.34
C SER A 76 -7.04 45.61 -49.76
N VAL A 77 -8.15 46.32 -49.93
CA VAL A 77 -8.58 46.80 -51.23
C VAL A 77 -9.24 48.18 -51.13
N SER A 78 -9.23 48.91 -52.23
CA SER A 78 -9.84 50.22 -52.29
C SER A 78 -11.34 50.01 -52.44
N GLY A 79 -12.13 51.04 -52.16
CA GLY A 79 -13.57 50.91 -52.32
C GLY A 79 -13.85 50.74 -53.82
N THR A 80 -13.03 51.39 -54.65
CA THR A 80 -13.16 51.33 -56.10
C THR A 80 -12.94 49.92 -56.66
N GLY A 81 -11.81 49.31 -56.33
CA GLY A 81 -11.50 47.98 -56.81
C GLY A 81 -12.49 46.91 -56.40
N LEU A 82 -12.85 46.89 -55.12
CA LEU A 82 -13.79 45.89 -54.63
C LEU A 82 -15.17 46.11 -55.29
N GLY A 83 -15.48 47.39 -55.52
CA GLY A 83 -16.74 47.77 -56.14
C GLY A 83 -16.82 47.27 -57.58
N ILE A 84 -15.72 47.42 -58.30
CA ILE A 84 -15.68 46.95 -59.68
C ILE A 84 -15.78 45.42 -59.67
N LEU A 85 -15.16 44.78 -58.68
CA LEU A 85 -15.25 43.33 -58.58
C LEU A 85 -16.71 42.94 -58.34
N MSE A 86 -17.42 43.73 -57.53
CA MSE A 86 -18.82 43.44 -57.27
C MSE A 86 -19.64 43.55 -58.56
O MSE A 86 -20.52 42.74 -58.84
CB MSE A 86 -19.38 44.42 -56.22
CG MSE A 86 -18.76 44.30 -54.85
SE MSE A 86 -18.94 42.50 -54.13
CE MSE A 86 -17.08 41.98 -54.24
N TYR A 87 -19.35 44.58 -59.33
CA TYR A 87 -20.04 44.82 -60.59
C TYR A 87 -19.98 43.57 -61.46
N TYR A 88 -18.78 43.03 -61.65
CA TYR A 88 -18.61 41.85 -62.47
C TYR A 88 -19.24 40.57 -61.91
N THR A 89 -19.00 40.33 -60.62
CA THR A 89 -19.52 39.12 -59.98
C THR A 89 -21.02 39.12 -59.74
N THR A 90 -21.68 40.25 -59.97
CA THR A 90 -23.13 40.34 -59.79
C THR A 90 -23.83 40.55 -61.13
N LYS A 91 -23.06 40.42 -62.22
CA LYS A 91 -23.58 40.61 -63.57
C LYS A 91 -24.07 42.04 -63.72
N GLY A 92 -23.34 42.97 -63.09
CA GLY A 92 -23.68 44.37 -63.16
C GLY A 92 -24.87 44.80 -62.32
N GLN A 93 -25.45 43.87 -61.54
CA GLN A 93 -26.62 44.15 -60.71
C GLN A 93 -26.34 44.71 -59.31
N ASN A 94 -25.09 44.73 -58.89
CA ASN A 94 -24.76 45.23 -57.56
C ASN A 94 -25.33 46.61 -57.27
N PRO A 95 -25.99 46.78 -56.11
CA PRO A 95 -26.55 48.10 -55.76
C PRO A 95 -25.47 49.18 -55.75
N ALA A 96 -25.63 50.17 -56.60
CA ALA A 96 -24.66 51.26 -56.69
C ALA A 96 -25.39 52.57 -57.01
N TYR A 97 -26.27 52.99 -56.12
CA TYR A 97 -27.00 54.23 -56.32
C TYR A 97 -26.33 55.36 -55.55
N PRO A 98 -26.25 56.55 -56.15
CA PRO A 98 -26.74 56.87 -57.50
C PRO A 98 -25.70 56.55 -58.57
N ALA A 99 -26.16 56.30 -59.80
CA ALA A 99 -25.26 56.00 -60.90
C ALA A 99 -24.41 57.22 -61.20
N PRO A 100 -23.19 57.00 -61.71
CA PRO A 100 -22.27 58.08 -62.05
C PRO A 100 -22.98 59.05 -63.00
N GLY A 101 -22.68 60.34 -62.91
CA GLY A 101 -23.31 61.29 -63.81
C GLY A 101 -24.72 61.70 -63.42
N THR A 102 -25.22 61.15 -62.32
CA THR A 102 -26.55 61.52 -61.87
C THR A 102 -26.54 62.97 -61.40
N SER A 103 -27.65 63.67 -61.62
CA SER A 103 -27.76 65.06 -61.24
C SER A 103 -28.48 65.23 -59.90
N VAL A 104 -27.91 66.09 -59.05
CA VAL A 104 -28.53 66.38 -57.76
C VAL A 104 -29.07 67.80 -57.90
N PRO A 105 -30.40 67.95 -57.90
CA PRO A 105 -31.05 69.25 -58.04
C PRO A 105 -30.66 70.24 -56.94
N ALA A 106 -30.64 71.52 -57.29
CA ALA A 106 -30.32 72.55 -56.31
C ALA A 106 -31.37 72.41 -55.21
N SER A 107 -30.93 72.47 -53.96
CA SER A 107 -31.84 72.34 -52.82
C SER A 107 -32.54 70.98 -52.82
N GLY A 108 -31.93 70.00 -53.48
CA GLY A 108 -32.52 68.67 -53.53
C GLY A 108 -31.52 67.61 -53.12
N SER A 109 -31.87 66.36 -53.35
CA SER A 109 -30.97 65.28 -53.01
C SER A 109 -31.36 64.01 -53.76
N VAL A 110 -30.46 63.03 -53.75
CA VAL A 110 -30.71 61.75 -54.39
C VAL A 110 -30.40 60.62 -53.42
N ASN A 111 -30.98 59.45 -53.67
CA ASN A 111 -30.78 58.29 -52.80
C ASN A 111 -29.40 57.67 -53.00
N LEU A 112 -28.79 57.25 -51.90
CA LEU A 112 -27.48 56.61 -51.93
C LEU A 112 -27.61 55.17 -51.40
N ASN A 113 -27.10 54.21 -52.17
CA ASN A 113 -27.13 52.81 -51.79
C ASN A 113 -26.05 52.06 -52.55
N VAL A 114 -24.93 51.85 -51.87
CA VAL A 114 -23.76 51.16 -52.41
C VAL A 114 -23.46 49.90 -51.59
N MSE A 115 -23.17 48.81 -52.28
CA MSE A 115 -22.88 47.56 -51.58
C MSE A 115 -21.55 46.93 -51.96
O MSE A 115 -21.08 47.05 -53.09
CB MSE A 115 -24.00 46.54 -51.86
CG MSE A 115 -23.89 45.29 -51.02
SE MSE A 115 -25.20 43.96 -51.49
CE MSE A 115 -26.70 44.63 -50.46
N TRP A 116 -20.94 46.27 -50.97
CA TRP A 116 -19.67 45.56 -51.14
C TRP A 116 -19.79 44.30 -50.27
N GLU A 117 -19.19 43.22 -50.74
CA GLU A 117 -19.20 41.98 -49.97
C GLU A 117 -17.81 41.40 -49.88
N PHE A 118 -17.53 40.74 -48.76
CA PHE A 118 -16.25 40.12 -48.52
C PHE A 118 -16.50 38.62 -48.36
N ASP A 119 -15.93 37.85 -49.27
CA ASP A 119 -16.08 36.42 -49.21
C ASP A 119 -14.95 35.90 -48.32
N LEU A 120 -15.30 35.30 -47.19
CA LEU A 120 -14.30 34.77 -46.28
C LEU A 120 -14.24 33.25 -46.33
N ALA A 121 -14.71 32.65 -47.42
CA ALA A 121 -14.72 31.20 -47.55
C ALA A 121 -15.50 30.70 -46.33
N ARG A 122 -14.83 29.99 -45.44
CA ARG A 122 -15.50 29.54 -44.22
C ARG A 122 -14.51 29.74 -43.08
N PHE A 123 -14.36 31.01 -42.71
CA PHE A 123 -13.43 31.46 -41.68
C PHE A 123 -13.81 30.97 -40.28
N PRO A 124 -12.86 30.33 -39.57
CA PRO A 124 -13.10 29.82 -38.21
C PRO A 124 -13.02 30.97 -37.20
N ALA A 125 -13.98 31.88 -37.29
CA ALA A 125 -14.03 33.06 -36.44
C ALA A 125 -14.03 32.79 -34.94
N THR A 126 -14.66 31.70 -34.54
CA THR A 126 -14.73 31.36 -33.12
C THR A 126 -13.36 30.90 -32.57
N MSE A 127 -12.38 30.75 -33.46
CA MSE A 127 -11.08 30.29 -33.02
C MSE A 127 -9.98 31.35 -33.08
O MSE A 127 -8.83 31.10 -32.71
CB MSE A 127 -10.67 29.07 -33.86
CG MSE A 127 -11.58 27.87 -33.63
SE MSE A 127 -11.09 26.28 -34.62
CE MSE A 127 -9.53 25.75 -33.59
N VAL A 128 -10.36 32.56 -33.51
CA VAL A 128 -9.39 33.65 -33.60
C VAL A 128 -9.83 34.83 -32.74
N GLN A 129 -8.96 35.82 -32.63
CA GLN A 129 -9.22 37.01 -31.83
C GLN A 129 -9.26 38.28 -32.66
N ASN A 130 -10.05 39.24 -32.20
CA ASN A 130 -10.16 40.56 -32.79
C ASN A 130 -10.26 40.69 -34.33
N ILE A 131 -11.41 40.34 -34.87
CA ILE A 131 -11.65 40.47 -36.30
C ILE A 131 -12.10 41.92 -36.48
N ILE A 132 -11.33 42.70 -37.25
CA ILE A 132 -11.67 44.10 -37.46
C ILE A 132 -11.80 44.50 -38.93
N LEU A 133 -12.93 45.11 -39.27
CA LEU A 133 -13.16 45.60 -40.62
C LEU A 133 -12.96 47.12 -40.54
N SER A 134 -11.88 47.61 -41.13
CA SER A 134 -11.62 49.03 -41.10
C SER A 134 -12.06 49.69 -42.41
N ILE A 135 -12.91 50.71 -42.29
CA ILE A 135 -13.36 51.41 -43.48
C ILE A 135 -12.82 52.83 -43.45
N LEU A 136 -11.89 53.13 -44.35
CA LEU A 136 -11.36 54.48 -44.46
C LEU A 136 -12.23 55.14 -45.51
N THR A 137 -13.05 56.10 -45.09
CA THR A 137 -13.94 56.75 -46.03
C THR A 137 -13.21 57.65 -47.00
N GLY A 138 -13.83 57.89 -48.15
CA GLY A 138 -13.24 58.76 -49.15
C GLY A 138 -13.68 60.19 -48.88
N GLN A 139 -13.70 61.00 -49.93
CA GLN A 139 -14.09 62.40 -49.84
C GLN A 139 -15.47 62.59 -50.47
N ALA A 140 -16.15 63.68 -50.13
CA ALA A 140 -17.47 63.95 -50.73
C ALA A 140 -17.26 64.57 -52.09
N PRO A 141 -18.11 64.24 -53.07
CA PRO A 141 -17.91 64.86 -54.38
C PRO A 141 -18.10 66.37 -54.26
N SER A 142 -17.46 67.13 -55.12
CA SER A 142 -17.58 68.57 -55.08
C SER A 142 -19.04 69.02 -55.24
N GLY A 143 -19.42 70.02 -54.44
CA GLY A 143 -20.75 70.58 -54.53
C GLY A 143 -21.86 69.86 -53.80
N VAL A 144 -21.55 68.77 -53.12
CA VAL A 144 -22.60 68.05 -52.40
C VAL A 144 -22.18 67.57 -51.02
N SER A 145 -23.17 67.13 -50.25
CA SER A 145 -22.91 66.61 -48.91
C SER A 145 -23.48 65.19 -48.86
N ILE A 146 -22.83 64.33 -48.08
CA ILE A 146 -23.26 62.94 -47.93
C ILE A 146 -23.94 62.74 -46.58
N ASN A 147 -25.14 62.18 -46.59
CA ASN A 147 -25.89 61.94 -45.36
C ASN A 147 -26.23 60.44 -45.36
N ALA A 148 -25.31 59.62 -44.82
CA ALA A 148 -25.51 58.19 -44.80
C ALA A 148 -24.73 57.45 -43.69
N SER A 149 -24.97 56.15 -43.61
CA SER A 149 -24.31 55.28 -42.63
C SER A 149 -24.02 53.91 -43.24
N PHE A 150 -23.04 53.22 -42.66
CA PHE A 150 -22.67 51.89 -43.11
C PHE A 150 -23.40 50.87 -42.27
N TYR A 151 -24.03 49.91 -42.96
CA TYR A 151 -24.75 48.81 -42.33
C TYR A 151 -23.93 47.55 -42.58
N ILE A 152 -23.68 46.80 -41.52
CA ILE A 152 -22.90 45.58 -41.60
C ILE A 152 -23.75 44.33 -41.47
N THR A 153 -23.62 43.41 -42.41
CA THR A 153 -24.39 42.17 -42.36
C THR A 153 -23.46 40.98 -42.45
N ILE A 154 -23.61 40.05 -41.51
CA ILE A 154 -22.72 38.90 -41.50
C ILE A 154 -23.41 37.57 -41.78
N THR A 155 -22.78 36.78 -42.65
CA THR A 155 -23.30 35.47 -42.96
C THR A 155 -22.45 34.48 -42.16
N TYR A 156 -23.10 33.76 -41.25
CA TYR A 156 -22.41 32.78 -40.41
C TYR A 156 -22.71 31.37 -40.84
N GLU A 157 -21.97 30.44 -40.26
CA GLU A 157 -22.19 29.03 -40.49
C GLU A 157 -21.89 28.38 -39.15
N ARG A 158 -22.86 27.63 -38.64
CA ARG A 158 -22.67 26.97 -37.37
C ARG A 158 -21.95 25.66 -37.64
N VAL A 159 -20.64 25.67 -37.41
CA VAL A 159 -19.81 24.51 -37.62
C VAL A 159 -19.53 23.86 -36.27
N THR A 160 -20.01 22.63 -36.12
CA THR A 160 -19.85 21.90 -34.88
C THR A 160 -18.52 21.16 -34.81
N ALA A 161 -18.11 20.81 -33.60
CA ALA A 161 -16.87 20.10 -33.39
C ALA A 161 -16.91 18.76 -34.14
N GLN A 162 -18.11 18.19 -34.26
CA GLN A 162 -18.26 16.92 -34.96
C GLN A 162 -17.92 17.07 -36.44
N GLU A 163 -18.42 18.13 -37.07
CA GLU A 163 -18.14 18.34 -38.48
C GLU A 163 -16.64 18.56 -38.68
N ILE A 164 -16.03 19.29 -37.74
CA ILE A 164 -14.59 19.56 -37.83
C ILE A 164 -13.78 18.27 -37.77
N LEU A 165 -14.13 17.37 -36.86
CA LEU A 165 -13.42 16.10 -36.75
C LEU A 165 -13.61 15.32 -38.05
N SER A 166 -14.85 15.31 -38.55
CA SER A 166 -15.20 14.62 -39.79
C SER A 166 -14.43 15.16 -40.99
N GLU A 167 -13.98 16.41 -40.91
CA GLU A 167 -13.26 17.03 -42.01
C GLU A 167 -11.76 17.08 -41.76
N GLY A 168 -11.27 16.17 -40.93
CA GLY A 168 -9.85 16.11 -40.65
C GLY A 168 -9.36 16.79 -39.39
N GLY A 169 -10.28 17.34 -38.61
CA GLY A 169 -9.87 18.00 -37.39
C GLY A 169 -9.11 19.31 -37.57
N LEU A 170 -8.17 19.54 -36.67
CA LEU A 170 -7.34 20.74 -36.67
C LEU A 170 -5.98 20.48 -37.32
N GLY A 171 -5.28 21.56 -37.62
CA GLY A 171 -3.97 21.44 -38.22
C GLY A 171 -2.90 21.27 -37.16
N ALA A 172 -1.69 20.96 -37.60
CA ALA A 172 -0.55 20.73 -36.72
C ALA A 172 -0.43 21.63 -35.51
N ASP A 173 -0.69 22.93 -35.66
CA ASP A 173 -0.56 23.85 -34.55
C ASP A 173 -1.84 24.03 -33.73
N GLY A 174 -2.86 23.25 -34.06
CA GLY A 174 -4.12 23.32 -33.34
C GLY A 174 -4.84 24.66 -33.34
N GLU A 175 -4.38 25.60 -34.17
CA GLU A 175 -5.02 26.92 -34.23
C GLU A 175 -6.33 26.97 -35.02
N MSE A 176 -6.37 26.34 -36.18
CA MSE A 176 -7.58 26.34 -37.01
C MSE A 176 -7.86 24.98 -37.61
O MSE A 176 -7.02 24.09 -37.58
CB MSE A 176 -7.45 27.33 -38.17
CG MSE A 176 -7.00 28.73 -37.82
SE MSE A 176 -6.93 29.78 -39.48
CE MSE A 176 -7.38 31.54 -38.76
N PRO A 177 -9.07 24.80 -38.19
CA PRO A 177 -9.39 23.52 -38.80
C PRO A 177 -8.38 23.23 -39.91
N LEU A 178 -8.07 21.95 -40.11
CA LEU A 178 -7.13 21.52 -41.14
C LEU A 178 -7.57 21.96 -42.53
N ALA A 179 -8.86 21.79 -42.82
CA ALA A 179 -9.43 22.13 -44.12
C ALA A 179 -9.74 23.62 -44.29
N THR A 180 -8.93 24.47 -43.67
CA THR A 180 -9.16 25.91 -43.75
C THR A 180 -8.58 26.59 -44.99
N VAL A 181 -9.42 27.36 -45.66
CA VAL A 181 -9.02 28.14 -46.83
C VAL A 181 -9.17 29.60 -46.41
N LEU A 182 -8.04 30.32 -46.37
CA LEU A 182 -8.04 31.73 -45.99
C LEU A 182 -7.94 32.67 -47.19
N PRO A 183 -8.96 33.53 -47.38
CA PRO A 183 -8.88 34.44 -48.52
C PRO A 183 -7.76 35.46 -48.29
N LYS A 184 -7.10 35.85 -49.37
CA LYS A 184 -6.02 36.84 -49.33
C LYS A 184 -6.24 37.75 -50.54
N VAL A 185 -7.22 38.64 -50.41
CA VAL A 185 -7.60 39.57 -51.46
C VAL A 185 -6.90 40.92 -51.27
N ILE A 186 -5.86 41.14 -52.04
CA ILE A 186 -5.07 42.36 -51.92
C ILE A 186 -4.98 43.17 -53.21
N GLU A 187 -5.08 44.50 -53.08
CA GLU A 187 -4.97 45.35 -54.24
C GLU A 187 -3.58 45.97 -54.25
N ILE A 188 -2.88 45.83 -55.38
CA ILE A 188 -1.54 46.36 -55.52
C ILE A 188 -1.45 47.29 -56.73
N PRO A 189 -1.04 48.55 -56.48
CA PRO A 189 -0.92 49.53 -57.56
C PRO A 189 0.46 49.52 -58.21
N THR A 190 0.53 50.14 -59.40
CA THR A 190 1.77 50.31 -60.13
C THR A 190 1.61 51.65 -60.83
N PHE A 191 2.38 52.63 -60.38
CA PHE A 191 2.28 53.97 -60.93
C PHE A 191 3.20 54.22 -62.11
N ASN A 192 2.80 55.19 -62.92
CA ASN A 192 3.56 55.65 -64.06
C ASN A 192 3.97 54.60 -65.08
N VAL A 193 3.03 53.76 -65.50
CA VAL A 193 3.32 52.75 -66.50
C VAL A 193 3.27 53.46 -67.86
N PRO A 194 4.40 53.50 -68.58
CA PRO A 194 4.49 54.15 -69.89
C PRO A 194 3.66 53.56 -71.03
N ALA A 195 3.30 54.42 -71.97
CA ALA A 195 2.52 54.01 -73.13
C ALA A 195 3.39 53.06 -73.94
N SER A 196 2.78 52.06 -74.56
CA SER A 196 3.54 51.12 -75.34
C SER A 196 2.61 50.32 -76.24
N SER A 197 3.10 49.96 -77.42
CA SER A 197 2.30 49.18 -78.35
C SER A 197 2.44 47.72 -77.99
N ALA A 198 3.57 47.35 -77.40
CA ALA A 198 3.80 45.97 -76.99
C ALA A 198 3.73 45.93 -75.46
N PRO A 199 3.20 44.84 -74.89
CA PRO A 199 3.09 44.75 -73.43
C PRO A 199 4.41 44.90 -72.69
N ILE A 200 4.41 45.75 -71.66
CA ILE A 200 5.60 45.97 -70.85
C ILE A 200 5.32 45.54 -69.42
N HIS A 201 6.38 45.21 -68.70
CA HIS A 201 6.29 44.75 -67.31
C HIS A 201 5.59 45.71 -66.34
N VAL A 202 4.55 45.21 -65.68
CA VAL A 202 3.83 45.98 -64.69
C VAL A 202 4.31 45.54 -63.29
N ALA A 203 4.15 44.26 -62.98
CA ALA A 203 4.57 43.72 -61.69
C ALA A 203 4.71 42.21 -61.72
N TYR A 204 5.32 41.66 -60.67
CA TYR A 204 5.49 40.22 -60.52
C TYR A 204 4.45 39.77 -59.50
N LEU A 205 3.92 38.56 -59.68
CA LEU A 205 2.95 38.05 -58.72
C LEU A 205 3.79 37.43 -57.61
N GLN A 206 3.50 37.79 -56.36
CA GLN A 206 4.27 37.23 -55.26
C GLN A 206 3.84 35.81 -54.98
N PRO A 207 4.79 34.96 -54.58
CA PRO A 207 4.46 33.56 -54.28
C PRO A 207 3.89 33.51 -52.86
N GLY A 208 3.48 32.33 -52.42
CA GLY A 208 2.94 32.19 -51.08
C GLY A 208 1.42 32.22 -51.04
N GLN A 209 0.80 32.22 -52.21
CA GLN A 209 -0.66 32.24 -52.29
C GLN A 209 -1.11 31.57 -53.58
N ILE A 210 -2.41 31.28 -53.64
CA ILE A 210 -3.01 30.65 -54.80
C ILE A 210 -3.90 31.71 -55.45
N TYR A 211 -3.59 32.06 -56.70
CA TYR A 211 -4.32 33.08 -57.46
C TYR A 211 -5.53 32.53 -58.19
N LYS A 212 -6.69 33.10 -57.89
CA LYS A 212 -7.91 32.66 -58.54
C LYS A 212 -8.22 33.60 -59.70
N ARG A 213 -8.31 34.91 -59.43
CA ARG A 213 -8.58 35.85 -60.50
C ARG A 213 -7.96 37.21 -60.21
N GLN A 214 -7.67 37.94 -61.28
CA GLN A 214 -7.06 39.25 -61.16
C GLN A 214 -7.89 40.31 -61.85
N LEU A 215 -8.24 41.35 -61.10
CA LEU A 215 -9.00 42.46 -61.65
C LEU A 215 -8.00 43.55 -61.93
N VAL A 216 -7.96 44.01 -63.18
CA VAL A 216 -7.05 45.06 -63.55
C VAL A 216 -7.81 46.24 -64.14
N TYR A 217 -7.49 47.44 -63.65
CA TYR A 217 -8.11 48.63 -64.20
C TYR A 217 -7.04 49.70 -64.28
N VAL A 218 -7.18 50.58 -65.26
CA VAL A 218 -6.21 51.62 -65.51
C VAL A 218 -6.79 53.03 -65.45
N ILE A 219 -6.04 53.95 -64.85
CA ILE A 219 -6.49 55.31 -64.70
C ILE A 219 -5.71 56.29 -65.57
N ASN A 220 -6.44 57.06 -66.36
CA ASN A 220 -5.86 58.08 -67.25
C ASN A 220 -6.03 59.41 -66.49
N SER A 221 -4.96 60.21 -66.45
CA SER A 221 -4.99 61.49 -65.73
C SER A 221 -6.03 62.49 -66.21
N THR A 222 -6.57 62.28 -67.40
CA THR A 222 -7.59 63.19 -67.95
C THR A 222 -8.99 62.61 -67.89
N SER A 223 -9.15 61.38 -68.38
CA SER A 223 -10.45 60.74 -68.42
C SER A 223 -10.70 59.76 -67.27
N GLY A 224 -9.74 59.63 -66.36
CA GLY A 224 -9.92 58.72 -65.24
C GLY A 224 -9.99 57.26 -65.67
N ILE A 225 -10.96 56.53 -65.12
CA ILE A 225 -11.13 55.12 -65.44
C ILE A 225 -11.94 54.91 -66.73
N ASN A 226 -12.53 55.99 -67.26
CA ASN A 226 -13.31 55.88 -68.49
C ASN A 226 -12.42 56.19 -69.68
N ASN A 227 -11.55 55.24 -70.00
CA ASN A 227 -10.61 55.39 -71.11
C ASN A 227 -10.47 54.05 -71.80
N THR A 228 -9.79 54.02 -72.93
CA THR A 228 -9.58 52.78 -73.66
C THR A 228 -8.10 52.68 -73.96
N ASP A 229 -7.27 52.98 -72.95
CA ASP A 229 -5.82 52.92 -73.11
C ASP A 229 -5.24 51.51 -73.15
N PRO A 230 -5.81 50.56 -72.40
CA PRO A 230 -5.21 49.23 -72.48
C PRO A 230 -5.57 48.52 -73.77
N THR A 231 -4.57 47.92 -74.42
CA THR A 231 -4.82 47.20 -75.67
C THR A 231 -4.45 45.73 -75.63
N GLU A 232 -3.49 45.39 -74.77
CA GLU A 232 -3.03 44.00 -74.66
C GLU A 232 -2.61 43.65 -73.24
N TYR A 233 -2.88 42.41 -72.84
CA TYR A 233 -2.53 41.91 -71.52
C TYR A 233 -1.67 40.65 -71.72
N GLU A 234 -0.64 40.52 -70.89
CA GLU A 234 0.26 39.39 -71.02
C GLU A 234 0.71 38.86 -69.67
N LEU A 235 0.56 37.54 -69.47
CA LEU A 235 1.00 36.88 -68.24
C LEU A 235 2.16 36.01 -68.70
N LYS A 236 3.36 36.34 -68.25
CA LYS A 236 4.54 35.62 -68.70
C LYS A 236 5.43 35.04 -67.60
N ILE A 237 5.92 33.82 -67.85
CA ILE A 237 6.82 33.14 -66.92
C ILE A 237 8.20 33.65 -67.32
N VAL A 238 8.86 34.37 -66.41
CA VAL A 238 10.18 34.93 -66.69
C VAL A 238 11.32 34.04 -66.20
N ARG A 239 11.05 33.20 -65.20
CA ARG A 239 12.09 32.33 -64.67
C ARG A 239 12.29 31.11 -65.55
N GLY A 240 13.52 30.97 -66.06
CA GLY A 240 13.84 29.87 -66.94
C GLY A 240 13.65 30.33 -68.37
N VAL A 241 13.10 29.46 -69.21
CA VAL A 241 12.85 29.81 -70.61
C VAL A 241 11.58 30.66 -70.70
N PRO A 242 11.74 31.98 -70.93
CA PRO A 242 10.61 32.91 -71.03
C PRO A 242 9.43 32.30 -71.78
N THR A 243 8.29 32.17 -71.11
CA THR A 243 7.10 31.59 -71.72
C THR A 243 5.79 32.28 -71.36
N ASP A 244 5.11 32.80 -72.38
CA ASP A 244 3.82 33.45 -72.18
C ASP A 244 2.80 32.39 -71.80
N LYS A 245 1.93 32.72 -70.84
CA LYS A 245 0.87 31.81 -70.43
C LYS A 245 -0.43 32.45 -70.87
N ILE A 246 -0.39 33.77 -71.02
CA ILE A 246 -1.54 34.54 -71.46
C ILE A 246 -1.05 35.72 -72.29
N LYS A 247 -1.63 35.87 -73.48
CA LYS A 247 -1.29 36.95 -74.39
C LYS A 247 -2.61 37.21 -75.11
N VAL A 248 -3.30 38.27 -74.71
CA VAL A 248 -4.60 38.58 -75.29
C VAL A 248 -4.81 40.07 -75.44
N SER A 249 -5.74 40.45 -76.30
CA SER A 249 -6.05 41.86 -76.50
C SER A 249 -7.05 42.20 -75.40
N TRP A 250 -7.13 43.48 -75.04
CA TRP A 250 -8.04 43.89 -74.00
C TRP A 250 -9.48 43.58 -74.42
N ALA A 251 -9.79 43.83 -75.69
CA ALA A 251 -11.13 43.57 -76.20
C ALA A 251 -11.50 42.09 -76.08
N ALA A 252 -10.54 41.23 -76.34
CA ALA A 252 -10.80 39.79 -76.25
C ALA A 252 -10.98 39.38 -74.79
N LEU A 253 -10.25 40.06 -73.90
CA LEU A 253 -10.36 39.75 -72.49
C LEU A 253 -11.75 40.20 -72.02
N GLN A 254 -12.15 41.40 -72.42
CA GLN A 254 -13.47 41.92 -72.03
C GLN A 254 -14.58 41.07 -72.64
N ALA A 255 -14.33 40.48 -73.80
CA ALA A 255 -15.33 39.63 -74.44
C ALA A 255 -15.48 38.35 -73.62
N GLU A 256 -14.37 37.86 -73.10
CA GLU A 256 -14.33 36.66 -72.28
C GLU A 256 -15.10 36.92 -70.97
N ASN A 257 -14.92 38.11 -70.42
CA ASN A 257 -15.62 38.51 -69.18
C ASN A 257 -17.11 38.58 -69.44
N GLN A 258 -17.49 39.10 -70.61
CA GLN A 258 -18.88 39.22 -71.01
C GLN A 258 -19.54 37.86 -70.95
N ALA A 259 -18.85 36.85 -71.48
CA ALA A 259 -19.38 35.50 -71.49
C ALA A 259 -19.41 34.96 -70.08
N GLU A 260 -18.29 35.10 -69.38
CA GLU A 260 -18.16 34.61 -68.02
C GLU A 260 -19.12 35.25 -67.01
N TYR A 261 -19.11 36.58 -66.93
CA TYR A 261 -19.95 37.30 -65.97
C TYR A 261 -21.28 37.79 -66.48
N GLN A 262 -21.53 37.56 -67.77
CA GLN A 262 -22.78 37.95 -68.40
C GLN A 262 -23.12 39.41 -68.19
N VAL A 263 -22.13 40.26 -68.46
CA VAL A 263 -22.31 41.69 -68.32
C VAL A 263 -21.22 42.40 -69.12
N ALA A 264 -21.54 43.58 -69.64
CA ALA A 264 -20.60 44.36 -70.40
C ALA A 264 -19.52 44.88 -69.45
N PRO A 265 -18.38 45.35 -69.99
CA PRO A 265 -17.27 45.88 -69.18
C PRO A 265 -17.67 47.07 -68.30
N TYR A 266 -17.08 47.15 -67.11
CA TYR A 266 -17.34 48.25 -66.20
C TYR A 266 -16.95 49.55 -66.93
N SER A 267 -15.87 49.47 -67.70
CA SER A 267 -15.41 50.59 -68.52
C SER A 267 -14.44 50.00 -69.53
N GLY A 268 -13.94 50.84 -70.43
CA GLY A 268 -13.01 50.33 -71.41
C GLY A 268 -11.64 50.08 -70.80
N ALA A 269 -11.45 50.41 -69.52
CA ALA A 269 -10.14 50.21 -68.90
C ALA A 269 -10.08 49.19 -67.78
N SER A 270 -11.08 48.32 -67.72
CA SER A 270 -11.14 47.31 -66.67
C SER A 270 -11.35 45.91 -67.25
N ALA A 271 -10.67 44.93 -66.67
CA ALA A 271 -10.82 43.54 -67.10
C ALA A 271 -10.41 42.55 -66.02
N ILE A 272 -10.98 41.35 -66.07
CA ILE A 272 -10.67 40.31 -65.11
C ILE A 272 -10.01 39.11 -65.78
N ILE A 273 -8.96 38.61 -65.15
CA ILE A 273 -8.25 37.44 -65.64
C ILE A 273 -8.54 36.26 -64.74
N ASP A 274 -9.36 35.33 -65.22
CA ASP A 274 -9.65 34.14 -64.44
C ASP A 274 -8.57 33.13 -64.82
N PHE A 275 -7.60 32.98 -63.93
CA PHE A 275 -6.47 32.09 -64.15
C PHE A 275 -6.80 30.65 -64.56
N ARG A 276 -7.83 30.06 -63.97
CA ARG A 276 -8.18 28.68 -64.32
C ARG A 276 -8.49 28.53 -65.80
N LYS A 277 -8.78 29.65 -66.46
CA LYS A 277 -9.08 29.62 -67.89
C LYS A 277 -7.80 29.53 -68.71
N TYR A 278 -6.66 29.65 -68.07
CA TYR A 278 -5.37 29.59 -68.75
C TYR A 278 -4.42 28.58 -68.12
N PHE A 279 -4.82 28.05 -66.96
CA PHE A 279 -4.02 27.06 -66.26
C PHE A 279 -5.01 25.96 -65.90
N ASN A 280 -4.53 24.80 -65.49
CA ASN A 280 -5.45 23.74 -65.11
C ASN A 280 -5.75 23.99 -63.64
N GLY A 281 -6.83 24.74 -63.39
CA GLY A 281 -7.19 25.08 -62.03
C GLY A 281 -6.63 26.46 -61.74
N ASP A 282 -6.62 26.88 -60.48
CA ASP A 282 -6.09 28.19 -60.12
C ASP A 282 -4.57 28.15 -60.15
N LEU A 283 -3.98 29.33 -60.23
CA LEU A 283 -2.52 29.46 -60.26
C LEU A 283 -1.96 29.34 -58.85
N ASP A 284 -1.43 28.17 -58.52
CA ASP A 284 -0.88 27.92 -57.19
C ASP A 284 0.60 28.26 -57.08
N LEU A 285 0.89 29.37 -56.42
CA LEU A 285 2.27 29.79 -56.25
C LEU A 285 2.71 29.68 -54.80
N THR A 286 2.04 28.82 -54.03
CA THR A 286 2.36 28.65 -52.62
C THR A 286 3.84 28.48 -52.33
N HIS A 287 4.53 27.63 -53.10
CA HIS A 287 5.95 27.42 -52.88
C HIS A 287 6.81 27.82 -54.08
N ALA A 288 6.24 28.63 -54.97
CA ALA A 288 6.95 29.08 -56.15
C ALA A 288 8.03 30.11 -55.79
N PRO A 289 9.02 30.29 -56.68
CA PRO A 289 10.10 31.26 -56.46
C PRO A 289 9.54 32.65 -56.68
N SER A 290 10.22 33.67 -56.15
CA SER A 290 9.74 35.03 -56.32
C SER A 290 10.19 35.56 -57.68
N ASP A 291 9.52 36.60 -58.16
CA ASP A 291 9.84 37.22 -59.45
C ASP A 291 9.91 36.23 -60.61
N SER A 292 8.95 35.32 -60.66
CA SER A 292 8.95 34.31 -61.72
C SER A 292 7.80 34.50 -62.71
N ILE A 293 6.73 35.16 -62.28
CA ILE A 293 5.60 35.40 -63.15
C ILE A 293 5.21 36.86 -63.05
N GLU A 294 5.10 37.51 -64.21
CA GLU A 294 4.75 38.93 -64.29
C GLU A 294 3.52 39.12 -65.15
N TYR A 295 2.84 40.25 -64.97
CA TYR A 295 1.71 40.56 -65.83
C TYR A 295 2.14 41.86 -66.51
N ASP A 296 1.89 41.95 -67.81
CA ASP A 296 2.30 43.10 -68.62
C ASP A 296 1.12 43.72 -69.35
N LEU A 297 1.24 45.01 -69.64
CA LEU A 297 0.20 45.71 -70.36
C LEU A 297 0.72 46.60 -71.48
N ALA A 298 -0.12 46.79 -72.49
CA ALA A 298 0.20 47.68 -73.60
C ALA A 298 -0.81 48.80 -73.40
N LEU A 299 -0.32 50.02 -73.20
CA LEU A 299 -1.21 51.15 -72.96
C LEU A 299 -1.07 52.29 -73.97
N GLN A 300 -2.20 52.88 -74.35
CA GLN A 300 -2.26 53.99 -75.30
C GLN A 300 -1.72 55.28 -74.69
N ASN A 301 -1.70 55.34 -73.35
CA ASN A 301 -1.22 56.52 -72.61
C ASN A 301 -0.50 56.07 -71.35
N GLN A 302 0.34 56.94 -70.80
CA GLN A 302 1.04 56.58 -69.56
C GLN A 302 0.01 56.72 -68.46
N ASP A 303 -0.32 55.60 -67.82
CA ASP A 303 -1.33 55.62 -66.76
C ASP A 303 -0.87 54.91 -65.51
N ASN A 304 -1.74 54.97 -64.50
CA ASN A 304 -1.46 54.29 -63.26
C ASN A 304 -2.32 53.02 -63.33
N VAL A 305 -1.73 51.89 -62.96
CA VAL A 305 -2.40 50.61 -63.01
C VAL A 305 -2.74 50.04 -61.64
N TYR A 306 -3.91 49.44 -61.53
CA TYR A 306 -4.36 48.86 -60.28
C TYR A 306 -4.74 47.41 -60.47
N SER A 307 -4.14 46.55 -59.64
CA SER A 307 -4.40 45.13 -59.71
C SER A 307 -4.97 44.59 -58.39
N LEU A 308 -6.20 44.11 -58.45
CA LEU A 308 -6.86 43.55 -57.27
C LEU A 308 -6.82 42.04 -57.41
N TYR A 309 -6.02 41.40 -56.57
CA TYR A 309 -5.87 39.94 -56.59
C TYR A 309 -6.82 39.16 -55.71
N VAL A 310 -7.65 38.34 -56.33
CA VAL A 310 -8.54 37.51 -55.57
C VAL A 310 -7.81 36.20 -55.40
N SER A 311 -7.09 36.07 -54.29
CA SER A 311 -6.30 34.88 -53.97
C SER A 311 -6.67 34.29 -52.61
N TYR A 312 -6.13 33.11 -52.31
CA TYR A 312 -6.35 32.45 -51.03
C TYR A 312 -5.10 31.65 -50.64
N VAL A 313 -5.03 31.29 -49.36
CA VAL A 313 -3.90 30.56 -48.83
C VAL A 313 -4.41 29.45 -47.93
N LEU A 314 -3.70 28.32 -47.95
CA LEU A 314 -4.04 27.18 -47.09
C LEU A 314 -3.04 27.22 -45.95
N PRO A 315 -3.50 27.54 -44.74
CA PRO A 315 -2.60 27.60 -43.58
C PRO A 315 -1.88 26.28 -43.30
N TYR A 316 -2.46 25.18 -43.73
CA TYR A 316 -1.88 23.85 -43.52
C TYR A 316 -1.65 23.16 -44.86
N TYR A 317 -1.28 23.96 -45.85
CA TYR A 317 -1.02 23.49 -47.22
C TYR A 317 -0.27 22.15 -47.25
N ASP A 318 0.94 22.15 -46.69
CA ASP A 318 1.78 20.96 -46.65
C ASP A 318 1.06 19.72 -46.12
N GLN A 319 0.56 19.77 -44.89
CA GLN A 319 -0.17 18.64 -44.33
C GLN A 319 -1.17 18.06 -45.32
N LEU A 320 -2.00 18.93 -45.91
CA LEU A 320 -3.00 18.49 -46.87
C LEU A 320 -2.38 17.80 -48.08
N ALA A 321 -1.16 18.19 -48.41
CA ALA A 321 -0.46 17.61 -49.56
C ALA A 321 -0.36 16.08 -49.46
N ALA A 322 -0.29 15.57 -48.23
CA ALA A 322 -0.20 14.14 -47.97
C ALA A 322 -1.02 13.29 -48.95
N LEU A 323 -2.30 13.63 -49.11
CA LEU A 323 -3.17 12.89 -50.02
C LEU A 323 -2.61 12.92 -51.45
N GLY B 1 52.63 -38.93 74.25
CA GLY B 1 51.20 -38.76 74.06
C GLY B 1 50.38 -39.45 75.13
N GLU B 2 49.06 -39.40 74.98
CA GLU B 2 48.15 -40.05 75.94
C GLU B 2 48.29 -41.57 75.90
N ILE B 3 48.24 -42.19 77.08
CA ILE B 3 48.37 -43.64 77.18
C ILE B 3 47.10 -44.29 77.75
N TYR B 4 46.49 -45.18 76.97
CA TYR B 4 45.30 -45.88 77.41
C TYR B 4 45.45 -47.38 77.12
N THR B 5 44.56 -48.20 77.68
CA THR B 5 44.62 -49.64 77.47
C THR B 5 43.24 -50.18 77.09
N GLU B 6 43.21 -51.16 76.19
CA GLU B 6 41.94 -51.77 75.79
C GLU B 6 42.12 -53.28 75.58
N THR B 7 41.16 -54.06 76.08
CA THR B 7 41.19 -55.52 75.96
C THR B 7 40.40 -55.96 74.76
N LEU B 8 40.98 -56.85 73.94
CA LEU B 8 40.27 -57.32 72.77
C LEU B 8 38.95 -57.93 73.21
N GLN B 9 37.93 -57.81 72.35
CA GLN B 9 36.63 -58.37 72.67
C GLN B 9 36.73 -59.88 72.52
N GLN B 10 37.54 -60.33 71.56
CA GLN B 10 37.73 -61.76 71.35
C GLN B 10 38.70 -62.36 72.34
N THR B 11 38.34 -63.53 72.87
CA THR B 11 39.20 -64.26 73.79
C THR B 11 39.52 -65.54 73.02
N TYR B 12 40.54 -66.27 73.43
CA TYR B 12 40.90 -67.48 72.71
C TYR B 12 41.04 -68.68 73.63
N ALA B 13 40.15 -69.63 73.42
CA ALA B 13 40.10 -70.84 74.21
C ALA B 13 41.39 -71.66 74.12
N TRP B 14 41.82 -72.17 75.26
CA TRP B 14 43.02 -72.97 75.35
C TRP B 14 42.72 -74.41 74.95
N THR B 15 43.39 -74.89 73.91
CA THR B 15 43.26 -76.27 73.48
C THR B 15 44.68 -76.77 73.26
N ALA B 16 44.96 -77.98 73.74
CA ALA B 16 46.31 -78.55 73.63
C ALA B 16 46.94 -78.52 72.24
N GLY B 17 48.25 -78.29 72.20
CA GLY B 17 48.98 -78.26 70.94
C GLY B 17 48.26 -77.50 69.83
N THR B 18 47.90 -76.27 70.12
CA THR B 18 47.18 -75.46 69.14
C THR B 18 47.86 -74.11 68.90
N ASN B 19 48.04 -73.76 67.63
CA ASN B 19 48.65 -72.47 67.33
C ASN B 19 47.52 -71.45 67.20
N ILE B 20 47.56 -70.45 68.06
CA ILE B 20 46.55 -69.41 68.06
C ILE B 20 47.14 -68.09 67.56
N PRO B 21 46.85 -67.73 66.31
CA PRO B 21 47.37 -66.49 65.73
C PRO B 21 46.41 -65.34 66.04
N ILE B 22 46.86 -64.40 66.86
CA ILE B 22 46.03 -63.26 67.25
C ILE B 22 46.45 -61.96 66.57
N LYS B 23 45.55 -61.39 65.78
CA LYS B 23 45.84 -60.13 65.09
C LYS B 23 45.73 -58.98 66.08
N ILE B 24 46.76 -58.15 66.14
CA ILE B 24 46.77 -57.01 67.06
C ILE B 24 46.32 -55.76 66.29
N PRO B 25 45.19 -55.16 66.70
CA PRO B 25 44.64 -53.96 66.04
C PRO B 25 45.60 -52.77 66.09
N ARG B 26 45.74 -52.07 64.98
CA ARG B 26 46.63 -50.91 64.91
C ARG B 26 45.85 -49.61 65.15
N ASN B 27 45.39 -49.41 66.37
CA ASN B 27 44.61 -48.23 66.76
C ASN B 27 45.48 -47.02 67.06
N ASN B 28 46.71 -47.28 67.48
CA ASN B 28 47.66 -46.23 67.80
C ASN B 28 48.98 -46.90 68.07
N PHE B 29 49.98 -46.14 68.49
CA PHE B 29 51.25 -46.74 68.81
C PHE B 29 50.96 -47.69 69.96
N ILE B 30 51.81 -48.70 70.14
CA ILE B 30 51.60 -49.69 71.21
C ILE B 30 52.80 -49.73 72.15
N ARG B 31 52.52 -49.62 73.45
CA ARG B 31 53.57 -49.65 74.44
C ARG B 31 53.70 -51.04 75.07
N LYS B 32 52.61 -51.80 75.06
CA LYS B 32 52.66 -53.12 75.66
C LYS B 32 51.47 -54.00 75.34
N ILE B 33 51.68 -55.32 75.47
CA ILE B 33 50.62 -56.29 75.24
C ILE B 33 50.63 -57.24 76.43
N ARG B 34 49.45 -57.45 77.01
CA ARG B 34 49.33 -58.35 78.15
C ARG B 34 48.47 -59.55 77.81
N VAL B 35 48.97 -60.74 78.15
CA VAL B 35 48.24 -61.97 77.91
C VAL B 35 47.92 -62.65 79.23
N GLN B 36 46.64 -62.88 79.46
CA GLN B 36 46.22 -63.54 80.68
C GLN B 36 45.44 -64.79 80.33
N LEU B 37 45.91 -65.92 80.85
CA LEU B 37 45.25 -67.20 80.63
C LEU B 37 44.43 -67.41 81.90
N ILE B 38 43.11 -67.25 81.78
CA ILE B 38 42.23 -67.37 82.93
C ILE B 38 41.20 -68.48 82.75
N GLY B 39 40.93 -69.18 83.85
CA GLY B 39 39.96 -70.27 83.82
C GLY B 39 40.23 -71.22 84.97
N SER B 40 40.13 -72.52 84.71
CA SER B 40 40.37 -73.50 85.76
C SER B 40 40.89 -74.82 85.23
N ILE B 41 41.44 -75.60 86.15
CA ILE B 41 41.94 -76.94 85.84
C ILE B 41 41.05 -77.89 86.64
N SER B 42 40.40 -78.82 85.94
CA SER B 42 39.50 -79.78 86.57
C SER B 42 40.04 -81.20 86.65
N ASN B 43 39.61 -81.92 87.69
CA ASN B 43 40.01 -83.31 87.91
C ASN B 43 38.75 -84.15 88.01
N SER B 44 38.48 -84.94 86.98
CA SER B 44 37.30 -85.79 86.94
C SER B 44 37.58 -87.19 87.52
N GLY B 45 38.81 -87.39 87.99
CA GLY B 45 39.19 -88.68 88.55
C GLY B 45 38.64 -88.93 89.93
N THR B 46 38.57 -90.19 90.31
CA THR B 46 38.05 -90.56 91.62
C THR B 46 39.09 -90.33 92.70
N ALA B 47 40.25 -89.83 92.29
CA ALA B 47 41.34 -89.56 93.22
C ALA B 47 41.99 -88.22 92.85
N ALA B 48 42.59 -87.56 93.84
CA ALA B 48 43.24 -86.29 93.60
C ALA B 48 44.41 -86.46 92.62
N VAL B 49 44.88 -85.35 92.06
CA VAL B 49 45.99 -85.36 91.12
C VAL B 49 46.94 -84.21 91.45
N THR B 50 48.21 -84.54 91.65
CA THR B 50 49.21 -83.54 91.95
C THR B 50 49.72 -82.97 90.63
N LEU B 51 49.64 -81.64 90.49
CA LEU B 51 50.08 -80.95 89.28
C LEU B 51 51.60 -81.00 89.13
N PRO B 52 52.10 -80.75 87.91
CA PRO B 52 53.55 -80.78 87.65
C PRO B 52 54.31 -79.71 88.43
N SER B 53 55.61 -79.93 88.54
CA SER B 53 56.49 -78.98 89.22
C SER B 53 56.87 -77.89 88.21
N ALA B 54 57.75 -76.97 88.61
CA ALA B 54 58.18 -75.90 87.71
C ALA B 54 58.71 -76.58 86.45
N PRO B 55 58.58 -75.92 85.28
CA PRO B 55 58.00 -74.62 84.97
C PRO B 55 56.48 -74.51 84.81
N PHE B 56 55.73 -75.46 85.34
CA PHE B 56 54.27 -75.36 85.26
C PHE B 56 53.92 -74.25 86.25
N PRO B 57 52.86 -73.47 85.98
CA PRO B 57 51.91 -73.46 84.87
C PRO B 57 52.34 -72.68 83.61
N TYR B 58 53.47 -72.00 83.67
CA TYR B 58 53.94 -71.24 82.50
C TYR B 58 54.07 -72.08 81.23
N ASN B 59 54.36 -73.37 81.37
CA ASN B 59 54.51 -74.19 80.18
C ASN B 59 53.21 -74.64 79.56
N LEU B 60 52.10 -74.11 80.07
CA LEU B 60 50.81 -74.43 79.48
C LEU B 60 50.80 -73.73 78.11
N VAL B 61 51.81 -72.89 77.90
CA VAL B 61 52.00 -72.23 76.61
C VAL B 61 53.37 -72.69 76.19
N GLN B 62 53.47 -73.25 74.99
CA GLN B 62 54.75 -73.73 74.49
C GLN B 62 55.59 -72.54 74.03
N THR B 63 55.03 -71.74 73.13
CA THR B 63 55.76 -70.58 72.63
C THR B 63 54.88 -69.38 72.31
N PHE B 64 55.51 -68.21 72.37
CA PHE B 64 54.87 -66.94 72.03
C PHE B 64 55.66 -66.35 70.88
N ASN B 65 54.96 -65.90 69.85
CA ASN B 65 55.61 -65.27 68.71
C ASN B 65 54.87 -63.97 68.39
N LEU B 66 55.58 -62.86 68.50
CA LEU B 66 55.01 -61.54 68.21
C LEU B 66 55.79 -60.95 67.05
N SER B 67 55.14 -60.83 65.91
CA SER B 67 55.78 -60.30 64.72
C SER B 67 54.86 -59.41 63.89
N TYR B 68 55.41 -58.75 62.89
CA TYR B 68 54.63 -57.89 62.02
C TYR B 68 55.16 -57.95 60.60
N GLU B 69 54.31 -57.58 59.65
CA GLU B 69 54.68 -57.58 58.24
C GLU B 69 55.26 -58.92 57.83
N GLY B 70 54.80 -59.98 58.50
CA GLY B 70 55.26 -61.31 58.20
C GLY B 70 56.55 -61.79 58.86
N SER B 71 57.69 -61.35 58.32
CA SER B 71 59.00 -61.77 58.79
C SER B 71 59.65 -61.04 59.95
N LYS B 72 59.16 -59.86 60.30
CA LYS B 72 59.77 -59.11 61.38
C LYS B 72 59.29 -59.58 62.74
N THR B 73 60.23 -60.09 63.52
CA THR B 73 59.93 -60.63 64.84
C THR B 73 60.34 -59.75 66.00
N LEU B 74 59.40 -59.48 66.89
CA LEU B 74 59.66 -58.66 68.07
C LEU B 74 59.96 -59.58 69.25
N TYR B 75 59.19 -60.66 69.36
CA TYR B 75 59.36 -61.67 70.43
C TYR B 75 59.22 -63.08 69.89
N SER B 76 60.12 -63.95 70.34
CA SER B 76 60.10 -65.38 69.99
C SER B 76 60.66 -66.01 71.25
N VAL B 77 59.74 -66.43 72.12
CA VAL B 77 60.12 -67.01 73.40
C VAL B 77 59.14 -68.08 73.85
N SER B 78 59.60 -68.98 74.72
CA SER B 78 58.73 -70.02 75.23
C SER B 78 57.87 -69.44 76.35
N GLY B 79 56.77 -70.11 76.66
CA GLY B 79 55.92 -69.65 77.73
C GLY B 79 56.70 -69.72 79.04
N THR B 80 57.60 -70.70 79.11
CA THR B 80 58.44 -70.90 80.29
C THR B 80 59.44 -69.77 80.41
N GLY B 81 60.15 -69.50 79.32
CA GLY B 81 61.14 -68.44 79.33
C GLY B 81 60.55 -67.11 79.75
N LEU B 82 59.50 -66.68 79.06
CA LEU B 82 58.86 -65.40 79.36
C LEU B 82 58.23 -65.39 80.75
N GLY B 83 57.68 -66.53 81.16
CA GLY B 83 57.07 -66.64 82.47
C GLY B 83 58.09 -66.40 83.57
N ILE B 84 59.26 -67.00 83.45
CA ILE B 84 60.30 -66.83 84.45
C ILE B 84 60.76 -65.37 84.49
N LEU B 85 60.79 -64.73 83.32
CA LEU B 85 61.19 -63.32 83.24
C LEU B 85 60.19 -62.48 84.02
N MSE B 86 58.90 -62.83 83.87
CA MSE B 86 57.85 -62.11 84.58
C MSE B 86 58.05 -62.24 86.08
O MSE B 86 57.91 -61.27 86.82
CB MSE B 86 56.49 -62.66 84.19
CG MSE B 86 56.11 -62.38 82.73
SE MSE B 86 56.23 -60.50 82.26
CE MSE B 86 58.01 -60.48 81.48
N TYR B 87 58.40 -63.45 86.53
CA TYR B 87 58.65 -63.74 87.93
C TYR B 87 59.70 -62.81 88.52
N TYR B 88 60.84 -62.69 87.84
CA TYR B 88 61.90 -61.82 88.33
C TYR B 88 61.57 -60.33 88.19
N THR B 89 61.00 -59.94 87.06
CA THR B 89 60.70 -58.53 86.84
C THR B 89 59.52 -58.01 87.66
N THR B 90 58.64 -58.90 88.10
CA THR B 90 57.51 -58.47 88.91
C THR B 90 57.79 -58.72 90.39
N LYS B 91 59.06 -58.79 90.76
CA LYS B 91 59.43 -59.04 92.15
C LYS B 91 58.62 -60.22 92.70
N GLY B 92 58.49 -61.26 91.88
CA GLY B 92 57.77 -62.46 92.28
C GLY B 92 56.27 -62.31 92.41
N GLN B 93 55.71 -61.20 91.94
CA GLN B 93 54.27 -60.97 92.05
C GLN B 93 53.42 -61.47 90.88
N ASN B 94 54.03 -61.60 89.72
CA ASN B 94 53.30 -62.04 88.53
C ASN B 94 52.34 -63.21 88.82
N PRO B 95 51.08 -63.08 88.40
CA PRO B 95 50.11 -64.16 88.64
C PRO B 95 50.42 -65.46 87.88
N ALA B 96 50.56 -66.54 88.65
CA ALA B 96 50.86 -67.84 88.10
C ALA B 96 50.18 -68.90 88.97
N TYR B 97 48.85 -68.99 88.83
CA TYR B 97 48.06 -69.95 89.59
C TYR B 97 47.53 -71.01 88.64
N PRO B 98 47.49 -72.26 89.09
CA PRO B 98 47.93 -72.73 90.41
C PRO B 98 49.44 -72.93 90.47
N ALA B 99 50.00 -72.94 91.69
CA ALA B 99 51.43 -73.13 91.87
C ALA B 99 51.83 -74.56 91.51
N PRO B 100 53.12 -74.79 91.20
CA PRO B 100 53.62 -76.11 90.84
C PRO B 100 53.43 -77.09 92.00
N GLY B 101 52.99 -78.31 91.69
CA GLY B 101 52.79 -79.30 92.74
C GLY B 101 51.43 -79.24 93.43
N THR B 102 50.64 -78.23 93.11
CA THR B 102 49.32 -78.06 93.71
C THR B 102 48.43 -79.26 93.41
N SER B 103 47.56 -79.59 94.35
CA SER B 103 46.67 -80.73 94.15
C SER B 103 45.29 -80.31 93.68
N VAL B 104 44.70 -81.12 92.82
CA VAL B 104 43.35 -80.87 92.32
C VAL B 104 42.53 -82.02 92.89
N PRO B 105 41.58 -81.70 93.78
CA PRO B 105 40.71 -82.69 94.41
C PRO B 105 39.86 -83.48 93.43
N ALA B 106 39.52 -84.70 93.82
CA ALA B 106 38.68 -85.56 92.99
C ALA B 106 37.40 -84.82 92.68
N SER B 107 36.95 -84.89 91.43
CA SER B 107 35.73 -84.21 91.00
C SER B 107 35.75 -82.73 91.43
N GLY B 108 36.95 -82.17 91.53
CA GLY B 108 37.07 -80.77 91.92
C GLY B 108 37.77 -79.91 90.87
N SER B 109 38.06 -78.67 91.23
CA SER B 109 38.73 -77.74 90.32
C SER B 109 39.51 -76.69 91.06
N VAL B 110 40.50 -76.12 90.39
CA VAL B 110 41.33 -75.06 90.96
C VAL B 110 41.41 -73.91 89.94
N ASN B 111 41.73 -72.72 90.41
CA ASN B 111 41.81 -71.56 89.52
C ASN B 111 43.08 -71.50 88.70
N LEU B 112 42.92 -71.21 87.42
CA LEU B 112 44.07 -71.07 86.52
C LEU B 112 44.16 -69.60 86.18
N ASN B 113 45.25 -68.97 86.60
CA ASN B 113 45.47 -67.55 86.37
C ASN B 113 46.95 -67.34 86.07
N VAL B 114 47.28 -67.21 84.78
CA VAL B 114 48.69 -67.03 84.40
C VAL B 114 48.84 -65.80 83.52
N MSE B 115 49.84 -64.97 83.84
CA MSE B 115 50.06 -63.76 83.07
C MSE B 115 51.44 -63.59 82.44
O MSE B 115 52.45 -64.00 83.00
CB MSE B 115 49.77 -62.53 83.93
CG MSE B 115 49.93 -61.22 83.19
SE MSE B 115 49.46 -59.70 84.28
CE MSE B 115 51.20 -59.27 85.04
N TRP B 116 51.44 -62.94 81.28
CA TRP B 116 52.64 -62.65 80.50
C TRP B 116 52.48 -61.24 79.91
N GLU B 117 53.58 -60.51 79.83
CA GLU B 117 53.52 -59.18 79.22
C GLU B 117 54.63 -59.01 78.20
N PHE B 118 54.33 -58.25 77.16
CA PHE B 118 55.28 -57.96 76.09
C PHE B 118 55.50 -56.47 76.03
N ASP B 119 56.68 -56.04 76.47
CA ASP B 119 57.05 -54.64 76.45
C ASP B 119 57.50 -54.31 75.03
N LEU B 120 56.92 -53.27 74.42
CA LEU B 120 57.28 -52.88 73.06
C LEU B 120 57.86 -51.48 72.99
N ALA B 121 58.27 -50.93 74.12
CA ALA B 121 58.80 -49.57 74.17
C ALA B 121 57.67 -48.71 73.59
N ARG B 122 57.86 -48.20 72.37
CA ARG B 122 56.82 -47.42 71.73
C ARG B 122 56.80 -47.82 70.26
N PHE B 123 56.08 -48.90 69.97
CA PHE B 123 55.97 -49.45 68.62
C PHE B 123 55.01 -48.68 67.72
N PRO B 124 55.51 -48.18 66.58
CA PRO B 124 54.73 -47.42 65.60
C PRO B 124 53.73 -48.29 64.87
N ALA B 125 52.89 -48.98 65.62
CA ALA B 125 51.88 -49.88 65.04
C ALA B 125 51.13 -49.31 63.84
N THR B 126 50.73 -48.05 63.94
CA THR B 126 49.97 -47.41 62.87
C THR B 126 50.74 -47.32 61.56
N MSE B 127 52.05 -47.52 61.60
CA MSE B 127 52.87 -47.43 60.40
C MSE B 127 53.31 -48.76 59.79
O MSE B 127 53.97 -48.77 58.76
CB MSE B 127 54.10 -46.56 60.68
CG MSE B 127 53.74 -45.15 61.10
SE MSE B 127 55.30 -44.06 61.30
CE MSE B 127 55.70 -43.79 59.43
N VAL B 128 52.97 -49.87 60.43
CA VAL B 128 53.34 -51.18 59.93
C VAL B 128 52.07 -51.94 59.54
N GLN B 129 52.25 -53.14 58.99
CA GLN B 129 51.11 -53.95 58.59
C GLN B 129 50.96 -55.22 59.42
N ASN B 130 49.71 -55.59 59.65
CA ASN B 130 49.33 -56.78 60.42
C ASN B 130 50.30 -57.34 61.46
N ILE B 131 50.11 -56.87 62.70
CA ILE B 131 50.90 -57.31 63.84
C ILE B 131 50.16 -58.56 64.30
N ILE B 132 50.90 -59.65 64.50
CA ILE B 132 50.28 -60.90 64.91
C ILE B 132 50.99 -61.54 66.10
N LEU B 133 50.20 -61.92 67.10
CA LEU B 133 50.73 -62.58 68.29
C LEU B 133 50.32 -64.04 68.19
N SER B 134 51.29 -64.90 67.91
CA SER B 134 51.00 -66.33 67.81
C SER B 134 51.26 -67.05 69.13
N ILE B 135 50.24 -67.74 69.63
CA ILE B 135 50.32 -68.49 70.88
C ILE B 135 50.23 -69.99 70.57
N LEU B 136 51.34 -70.70 70.71
CA LEU B 136 51.36 -72.14 70.50
C LEU B 136 51.24 -72.74 71.87
N THR B 137 50.04 -73.21 72.20
CA THR B 137 49.77 -73.78 73.52
C THR B 137 50.57 -75.06 73.78
N GLY B 138 50.78 -75.36 75.06
CA GLY B 138 51.52 -76.56 75.42
C GLY B 138 50.58 -77.74 75.56
N GLN B 139 50.95 -78.70 76.40
CA GLN B 139 50.12 -79.88 76.62
C GLN B 139 49.51 -79.85 78.02
N ALA B 140 48.34 -80.45 78.16
CA ALA B 140 47.67 -80.50 79.46
C ALA B 140 48.35 -81.53 80.35
N PRO B 141 48.53 -81.21 81.64
CA PRO B 141 49.16 -82.15 82.57
C PRO B 141 48.34 -83.44 82.57
N SER B 142 48.98 -84.55 82.89
CA SER B 142 48.27 -85.82 82.92
C SER B 142 47.23 -85.84 84.05
N GLY B 143 46.10 -86.46 83.79
CA GLY B 143 45.05 -86.57 84.80
C GLY B 143 44.02 -85.47 84.88
N VAL B 144 44.32 -84.29 84.35
CA VAL B 144 43.37 -83.19 84.42
C VAL B 144 43.16 -82.54 83.07
N SER B 145 42.08 -81.75 82.98
CA SER B 145 41.75 -81.04 81.76
C SER B 145 41.77 -79.54 82.06
N ILE B 146 42.04 -78.73 81.04
CA ILE B 146 42.09 -77.28 81.22
C ILE B 146 40.81 -76.63 80.68
N ASN B 147 40.26 -75.71 81.46
CA ASN B 147 39.06 -75.00 81.05
C ASN B 147 39.42 -73.52 81.18
N ALA B 148 39.95 -72.95 80.10
CA ALA B 148 40.37 -71.56 80.13
C ALA B 148 40.54 -70.94 78.76
N SER B 149 40.69 -69.62 78.75
CA SER B 149 40.86 -68.87 77.52
C SER B 149 41.87 -67.76 77.75
N PHE B 150 42.40 -67.22 76.65
CA PHE B 150 43.35 -66.12 76.72
C PHE B 150 42.66 -64.79 76.50
N TYR B 151 43.02 -63.80 77.32
CA TYR B 151 42.46 -62.45 77.22
C TYR B 151 43.61 -61.52 76.87
N ILE B 152 43.44 -60.74 75.81
CA ILE B 152 44.49 -59.84 75.35
C ILE B 152 44.18 -58.36 75.65
N THR B 153 45.05 -57.73 76.43
CA THR B 153 44.88 -56.32 76.78
C THR B 153 46.05 -55.51 76.23
N ILE B 154 45.75 -54.58 75.35
CA ILE B 154 46.77 -53.76 74.71
C ILE B 154 46.87 -52.35 75.28
N THR B 155 48.10 -51.92 75.55
CA THR B 155 48.34 -50.58 76.07
C THR B 155 48.80 -49.67 74.93
N TYR B 156 47.90 -48.81 74.48
CA TYR B 156 48.22 -47.89 73.40
C TYR B 156 48.66 -46.52 73.90
N GLU B 157 49.12 -45.72 72.97
CA GLU B 157 49.55 -44.35 73.23
C GLU B 157 49.24 -43.55 71.99
N ARG B 158 48.53 -42.45 72.16
CA ARG B 158 48.16 -41.58 71.04
C ARG B 158 49.37 -40.73 70.67
N VAL B 159 50.08 -41.12 69.62
CA VAL B 159 51.24 -40.36 69.17
C VAL B 159 50.81 -39.68 67.88
N THR B 160 50.91 -38.36 67.86
CA THR B 160 50.51 -37.58 66.69
C THR B 160 51.66 -37.25 65.78
N ALA B 161 51.32 -36.79 64.58
CA ALA B 161 52.30 -36.40 63.59
C ALA B 161 53.18 -35.30 64.15
N GLN B 162 52.57 -34.38 64.88
CA GLN B 162 53.34 -33.27 65.47
C GLN B 162 54.36 -33.78 66.46
N GLU B 163 53.96 -34.72 67.31
CA GLU B 163 54.89 -35.26 68.28
C GLU B 163 56.07 -35.87 67.52
N ILE B 164 55.75 -36.68 66.52
CA ILE B 164 56.78 -37.32 65.71
C ILE B 164 57.65 -36.25 65.08
N LEU B 165 56.99 -35.26 64.50
CA LEU B 165 57.68 -34.15 63.85
C LEU B 165 58.66 -33.50 64.81
N SER B 166 58.16 -33.10 65.98
CA SER B 166 59.01 -32.44 66.97
C SER B 166 60.07 -33.37 67.56
N GLU B 167 59.88 -34.68 67.38
CA GLU B 167 60.84 -35.65 67.91
C GLU B 167 61.85 -36.09 66.87
N GLY B 168 61.87 -35.41 65.72
CA GLY B 168 62.84 -35.75 64.69
C GLY B 168 62.26 -36.26 63.39
N GLY B 169 60.95 -36.51 63.35
CA GLY B 169 60.35 -36.98 62.13
C GLY B 169 60.65 -38.45 61.86
N LEU B 170 60.64 -38.84 60.59
CA LEU B 170 60.89 -40.23 60.25
C LEU B 170 62.34 -40.51 59.86
N GLY B 171 62.67 -41.80 59.81
CA GLY B 171 64.01 -42.19 59.44
C GLY B 171 64.18 -42.07 57.93
N ALA B 172 65.40 -42.20 57.45
CA ALA B 172 65.72 -42.08 56.02
C ALA B 172 64.78 -42.85 55.11
N ASP B 173 64.50 -44.11 55.42
CA ASP B 173 63.60 -44.92 54.60
C ASP B 173 62.14 -44.53 54.76
N GLY B 174 61.89 -43.61 55.70
CA GLY B 174 60.54 -43.13 55.95
C GLY B 174 59.55 -44.15 56.48
N GLU B 175 60.04 -45.27 57.00
CA GLU B 175 59.15 -46.31 57.51
C GLU B 175 58.68 -46.13 58.95
N MSE B 176 59.55 -45.64 59.80
CA MSE B 176 59.22 -45.44 61.21
C MSE B 176 59.86 -44.19 61.78
O MSE B 176 60.74 -43.59 61.16
CB MSE B 176 59.71 -46.63 62.04
CG MSE B 176 59.11 -47.96 61.67
SE MSE B 176 59.89 -49.34 62.77
CE MSE B 176 58.89 -50.87 62.10
N PRO B 177 59.42 -43.77 62.97
CA PRO B 177 60.00 -42.58 63.58
C PRO B 177 61.51 -42.77 63.78
N LEU B 178 62.25 -41.68 63.66
CA LEU B 178 63.70 -41.67 63.80
C LEU B 178 64.14 -42.19 65.17
N ALA B 179 63.35 -41.86 66.20
CA ALA B 179 63.69 -42.27 67.55
C ALA B 179 63.04 -43.58 67.97
N THR B 180 62.75 -44.45 67.01
CA THR B 180 62.11 -45.72 67.32
C THR B 180 63.05 -46.70 68.01
N VAL B 181 62.53 -47.42 68.98
CA VAL B 181 63.30 -48.43 69.70
C VAL B 181 62.53 -49.73 69.50
N LEU B 182 63.08 -50.64 68.71
CA LEU B 182 62.40 -51.90 68.46
C LEU B 182 62.85 -53.01 69.40
N PRO B 183 61.92 -53.60 70.16
CA PRO B 183 62.37 -54.67 71.06
C PRO B 183 62.71 -55.91 70.24
N LYS B 184 63.69 -56.67 70.72
CA LYS B 184 64.11 -57.90 70.06
C LYS B 184 64.37 -58.89 71.20
N VAL B 185 63.30 -59.49 71.71
CA VAL B 185 63.41 -60.43 72.82
C VAL B 185 63.32 -61.86 72.30
N ILE B 186 64.48 -62.48 72.13
CA ILE B 186 64.56 -63.83 71.59
C ILE B 186 65.14 -64.86 72.55
N GLU B 187 64.58 -66.07 72.55
CA GLU B 187 65.07 -67.14 73.40
C GLU B 187 65.83 -68.12 72.51
N ILE B 188 67.08 -68.39 72.85
CA ILE B 188 67.91 -69.30 72.06
C ILE B 188 68.41 -70.49 72.89
N PRO B 189 68.13 -71.72 72.43
CA PRO B 189 68.55 -72.92 73.15
C PRO B 189 69.93 -73.41 72.76
N THR B 190 70.55 -74.17 73.66
CA THR B 190 71.87 -74.77 73.42
C THR B 190 71.76 -76.12 74.11
N PHE B 191 71.51 -77.16 73.31
CA PHE B 191 71.36 -78.52 73.83
C PHE B 191 72.65 -79.26 74.09
N ASN B 192 72.58 -80.20 75.03
CA ASN B 192 73.70 -81.06 75.37
C ASN B 192 74.99 -80.40 75.88
N VAL B 193 74.87 -79.38 76.71
CA VAL B 193 76.08 -78.76 77.22
C VAL B 193 76.59 -79.73 78.29
N PRO B 194 77.82 -80.26 78.11
CA PRO B 194 78.44 -81.20 79.05
C PRO B 194 78.88 -80.62 80.38
N ALA B 195 78.88 -81.47 81.41
CA ALA B 195 79.29 -81.07 82.75
C ALA B 195 80.74 -80.60 82.74
N SER B 196 81.05 -79.63 83.59
CA SER B 196 82.40 -79.09 83.68
C SER B 196 82.51 -78.22 84.94
N SER B 197 83.68 -78.23 85.58
CA SER B 197 83.87 -77.43 86.78
C SER B 197 84.22 -76.00 86.37
N ALA B 198 84.89 -75.87 85.23
CA ALA B 198 85.25 -74.56 84.71
C ALA B 198 84.26 -74.24 83.59
N PRO B 199 83.81 -72.98 83.49
CA PRO B 199 82.86 -72.57 82.45
C PRO B 199 83.31 -72.91 81.02
N ILE B 200 82.38 -73.42 80.23
CA ILE B 200 82.68 -73.75 78.83
C ILE B 200 81.71 -73.02 77.90
N HIS B 201 82.12 -72.90 76.64
CA HIS B 201 81.33 -72.21 75.64
C HIS B 201 79.92 -72.76 75.45
N VAL B 202 78.93 -71.88 75.59
CA VAL B 202 77.54 -72.29 75.37
C VAL B 202 77.08 -71.76 74.01
N ALA B 203 77.32 -70.46 73.78
CA ALA B 203 76.93 -69.82 72.54
C ALA B 203 77.53 -68.42 72.42
N TYR B 204 77.48 -67.84 71.24
CA TYR B 204 77.99 -66.48 71.00
C TYR B 204 76.81 -65.53 70.93
N LEU B 205 76.99 -64.31 71.44
CA LEU B 205 75.92 -63.33 71.36
C LEU B 205 75.94 -62.71 69.96
N GLN B 206 74.80 -62.76 69.31
CA GLN B 206 74.60 -62.25 67.96
C GLN B 206 74.74 -60.70 67.89
N PRO B 207 75.51 -60.19 66.91
CA PRO B 207 75.69 -58.74 66.77
C PRO B 207 74.41 -58.15 66.19
N GLY B 208 74.39 -56.83 66.02
CA GLY B 208 73.23 -56.18 65.43
C GLY B 208 72.11 -55.84 66.38
N GLN B 209 72.37 -55.98 67.68
CA GLN B 209 71.35 -55.65 68.68
C GLN B 209 72.01 -55.15 69.94
N ILE B 210 71.20 -54.54 70.80
CA ILE B 210 71.69 -54.00 72.05
C ILE B 210 71.10 -54.86 73.19
N TYR B 211 71.98 -55.44 74.00
CA TYR B 211 71.59 -56.32 75.09
C TYR B 211 71.39 -55.67 76.47
N LYS B 212 70.17 -55.75 76.98
CA LYS B 212 69.85 -55.19 78.29
C LYS B 212 70.11 -56.23 79.38
N ARG B 213 69.45 -57.39 79.28
CA ARG B 213 69.62 -58.46 80.25
C ARG B 213 69.41 -59.85 79.64
N GLN B 214 70.03 -60.86 80.25
CA GLN B 214 69.95 -62.23 79.79
C GLN B 214 69.44 -63.19 80.88
N LEU B 215 68.35 -63.89 80.57
CA LEU B 215 67.79 -64.87 81.48
C LEU B 215 68.31 -66.24 81.04
N VAL B 216 69.05 -66.89 81.94
CA VAL B 216 69.60 -68.20 81.65
C VAL B 216 69.03 -69.24 82.60
N TYR B 217 68.63 -70.38 82.04
CA TYR B 217 68.13 -71.48 82.86
C TYR B 217 68.49 -72.81 82.20
N VAL B 218 68.73 -73.82 83.02
CA VAL B 218 69.12 -75.12 82.50
C VAL B 218 68.17 -76.22 82.96
N ILE B 219 67.95 -77.18 82.07
CA ILE B 219 67.07 -78.31 82.35
C ILE B 219 67.84 -79.62 82.51
N ASN B 220 67.67 -80.25 83.66
CA ASN B 220 68.31 -81.53 83.97
C ASN B 220 67.35 -82.63 83.52
N SER B 221 67.87 -83.71 82.93
CA SER B 221 67.01 -84.79 82.44
C SER B 221 66.20 -85.48 83.54
N THR B 222 66.72 -85.47 84.76
CA THR B 222 66.00 -86.10 85.86
C THR B 222 65.15 -85.10 86.62
N SER B 223 65.79 -84.04 87.11
CA SER B 223 65.10 -83.03 87.91
C SER B 223 64.51 -81.85 87.14
N GLY B 224 64.62 -81.86 85.82
CA GLY B 224 64.06 -80.76 85.03
C GLY B 224 64.69 -79.42 85.37
N ILE B 225 63.85 -78.41 85.60
CA ILE B 225 64.34 -77.08 85.90
C ILE B 225 64.64 -76.93 87.39
N ASN B 226 64.27 -77.94 88.17
CA ASN B 226 64.53 -77.90 89.61
C ASN B 226 65.82 -78.64 89.92
N ASN B 227 66.95 -78.01 89.61
CA ASN B 227 68.24 -78.60 89.84
C ASN B 227 69.18 -77.50 90.27
N THR B 228 70.39 -77.86 90.68
CA THR B 228 71.38 -76.88 91.11
C THR B 228 72.67 -77.05 90.32
N ASP B 229 72.55 -77.60 89.12
CA ASP B 229 73.68 -77.85 88.23
C ASP B 229 74.61 -76.68 87.92
N PRO B 230 74.05 -75.51 87.57
CA PRO B 230 74.93 -74.38 87.27
C PRO B 230 75.71 -73.88 88.48
N THR B 231 77.02 -73.73 88.32
CA THR B 231 77.86 -73.27 89.43
C THR B 231 78.63 -72.01 89.10
N GLU B 232 78.65 -71.62 87.82
CA GLU B 232 79.37 -70.44 87.41
C GLU B 232 79.04 -70.01 85.99
N TYR B 233 79.03 -68.70 85.79
CA TYR B 233 78.74 -68.08 84.50
C TYR B 233 79.81 -67.07 84.16
N GLU B 234 80.03 -66.87 82.86
CA GLU B 234 81.01 -65.89 82.44
C GLU B 234 80.75 -65.39 81.03
N LEU B 235 80.87 -64.09 80.86
CA LEU B 235 80.71 -63.45 79.56
C LEU B 235 82.15 -63.18 79.19
N LYS B 236 82.57 -63.67 78.03
CA LYS B 236 83.95 -63.51 77.62
C LYS B 236 84.14 -63.02 76.20
N ILE B 237 85.09 -62.11 76.01
CA ILE B 237 85.41 -61.62 74.69
C ILE B 237 86.44 -62.59 74.16
N VAL B 238 86.18 -63.16 72.99
CA VAL B 238 87.12 -64.12 72.41
C VAL B 238 87.71 -63.62 71.10
N ARG B 239 87.66 -62.31 70.91
CA ARG B 239 88.27 -61.71 69.73
C ARG B 239 89.70 -61.45 70.18
N GLY B 240 90.60 -62.35 69.83
CA GLY B 240 92.00 -62.23 70.23
C GLY B 240 92.19 -63.00 71.54
N VAL B 241 93.29 -62.76 72.24
CA VAL B 241 93.53 -63.45 73.51
C VAL B 241 92.32 -63.21 74.41
N PRO B 242 91.63 -64.30 74.80
CA PRO B 242 90.43 -64.29 75.65
C PRO B 242 90.51 -63.45 76.93
N THR B 243 89.62 -62.47 77.01
CA THR B 243 89.55 -61.59 78.17
C THR B 243 88.55 -62.18 79.16
N ASP B 244 87.65 -61.34 79.64
CA ASP B 244 86.62 -61.73 80.58
C ASP B 244 85.89 -60.47 81.01
N LYS B 245 84.63 -60.35 80.61
CA LYS B 245 83.83 -59.19 80.96
C LYS B 245 83.03 -59.50 82.22
N ILE B 246 82.68 -60.77 82.38
CA ILE B 246 81.92 -61.20 83.55
C ILE B 246 82.39 -62.59 83.91
N LYS B 247 82.58 -62.82 85.21
CA LYS B 247 83.03 -64.11 85.73
C LYS B 247 82.43 -64.14 87.12
N VAL B 248 81.44 -65.00 87.31
CA VAL B 248 80.76 -65.07 88.59
C VAL B 248 80.19 -66.45 88.89
N SER B 249 80.07 -66.76 90.18
CA SER B 249 79.51 -68.03 90.60
C SER B 249 78.00 -67.88 90.50
N TRP B 250 77.31 -69.00 90.28
CA TRP B 250 75.87 -68.99 90.16
C TRP B 250 75.28 -68.46 91.47
N ALA B 251 75.85 -68.93 92.59
CA ALA B 251 75.41 -68.51 93.91
C ALA B 251 75.49 -66.99 93.99
N ALA B 252 76.64 -66.45 93.64
CA ALA B 252 76.85 -65.01 93.69
C ALA B 252 75.94 -64.28 92.71
N LEU B 253 75.56 -64.95 91.63
CA LEU B 253 74.70 -64.33 90.64
C LEU B 253 73.26 -64.29 91.14
N GLN B 254 72.78 -65.42 91.67
CA GLN B 254 71.42 -65.49 92.17
C GLN B 254 71.24 -64.54 93.34
N ALA B 255 72.35 -64.14 93.96
CA ALA B 255 72.30 -63.22 95.09
C ALA B 255 71.99 -61.83 94.54
N GLU B 256 72.73 -61.46 93.49
CA GLU B 256 72.54 -60.17 92.85
C GLU B 256 71.12 -60.03 92.34
N ASN B 257 70.50 -61.16 92.00
CA ASN B 257 69.13 -61.15 91.50
C ASN B 257 68.13 -60.86 92.63
N GLN B 258 68.35 -61.49 93.77
CA GLN B 258 67.46 -61.28 94.92
C GLN B 258 67.55 -59.83 95.37
N ALA B 259 68.76 -59.29 95.35
CA ALA B 259 68.98 -57.91 95.75
C ALA B 259 68.39 -56.91 94.78
N GLU B 260 68.40 -57.24 93.49
CA GLU B 260 67.87 -56.32 92.49
C GLU B 260 66.40 -56.56 92.14
N TYR B 261 65.92 -57.78 92.30
CA TYR B 261 64.53 -58.08 91.98
C TYR B 261 63.67 -58.35 93.20
N GLN B 262 64.28 -58.36 94.37
CA GLN B 262 63.55 -58.57 95.62
C GLN B 262 62.78 -59.89 95.64
N VAL B 263 63.41 -60.97 95.19
CA VAL B 263 62.74 -62.25 95.19
C VAL B 263 63.77 -63.38 95.10
N ALA B 264 63.42 -64.53 95.66
CA ALA B 264 64.32 -65.68 95.64
C ALA B 264 64.33 -66.28 94.24
N PRO B 265 65.46 -66.91 93.85
CA PRO B 265 65.59 -67.52 92.54
C PRO B 265 64.38 -68.36 92.15
N TYR B 266 64.01 -68.32 90.89
CA TYR B 266 62.87 -69.10 90.40
C TYR B 266 63.14 -70.57 90.71
N SER B 267 64.41 -70.96 90.62
CA SER B 267 64.86 -72.31 90.91
C SER B 267 66.37 -72.23 91.06
N GLY B 268 67.01 -73.35 91.39
CA GLY B 268 68.45 -73.33 91.54
C GLY B 268 69.18 -73.23 90.22
N ALA B 269 68.46 -73.42 89.13
CA ALA B 269 69.07 -73.38 87.80
C ALA B 269 68.73 -72.15 86.96
N SER B 270 68.17 -71.12 87.58
CA SER B 270 67.82 -69.91 86.86
C SER B 270 68.52 -68.69 87.43
N ALA B 271 68.86 -67.76 86.56
CA ALA B 271 69.53 -66.54 86.97
C ALA B 271 69.43 -65.50 85.86
N ILE B 272 69.48 -64.23 86.22
CA ILE B 272 69.42 -63.17 85.24
C ILE B 272 70.69 -62.35 85.28
N ILE B 273 71.25 -62.08 84.11
CA ILE B 273 72.47 -61.29 84.03
C ILE B 273 72.12 -59.91 83.50
N ASP B 274 72.14 -58.90 84.38
CA ASP B 274 71.84 -57.54 83.95
C ASP B 274 73.13 -56.87 83.51
N PHE B 275 73.29 -56.73 82.19
CA PHE B 275 74.49 -56.13 81.64
C PHE B 275 74.79 -54.73 82.16
N ARG B 276 73.74 -53.95 82.48
CA ARG B 276 73.95 -52.61 83.02
C ARG B 276 74.88 -52.70 84.23
N LYS B 277 74.74 -53.79 84.98
CA LYS B 277 75.55 -54.02 86.17
C LYS B 277 77.00 -54.41 85.87
N TYR B 278 77.35 -54.54 84.61
CA TYR B 278 78.73 -54.92 84.26
C TYR B 278 79.36 -54.02 83.22
N PHE B 279 78.54 -53.20 82.58
CA PHE B 279 79.04 -52.28 81.58
C PHE B 279 78.40 -50.93 81.87
N ASN B 280 78.73 -49.93 81.06
CA ASN B 280 78.13 -48.61 81.23
C ASN B 280 76.80 -48.69 80.51
N GLY B 281 75.79 -49.22 81.19
CA GLY B 281 74.50 -49.36 80.54
C GLY B 281 74.48 -50.59 79.65
N ASP B 282 73.45 -50.72 78.84
CA ASP B 282 73.28 -51.86 77.94
C ASP B 282 74.49 -52.20 77.09
N LEU B 283 74.59 -53.48 76.73
CA LEU B 283 75.69 -53.98 75.90
C LEU B 283 75.32 -53.80 74.43
N ASP B 284 75.89 -52.77 73.82
CA ASP B 284 75.64 -52.42 72.43
C ASP B 284 76.51 -53.23 71.46
N LEU B 285 75.89 -54.14 70.72
CA LEU B 285 76.61 -54.97 69.76
C LEU B 285 76.11 -54.73 68.35
N THR B 286 75.45 -53.58 68.15
CA THR B 286 74.90 -53.21 66.85
C THR B 286 75.88 -53.41 65.71
N HIS B 287 77.12 -52.95 65.87
CA HIS B 287 78.12 -53.08 64.82
C HIS B 287 79.32 -53.93 65.25
N ALA B 288 79.11 -54.85 66.18
CA ALA B 288 80.20 -55.69 66.64
C ALA B 288 80.46 -56.85 65.69
N PRO B 289 81.68 -57.40 65.71
CA PRO B 289 82.08 -58.53 64.86
C PRO B 289 81.35 -59.78 65.36
N SER B 290 80.90 -60.63 64.45
CA SER B 290 80.21 -61.85 64.85
C SER B 290 81.16 -62.77 65.61
N ASP B 291 80.58 -63.63 66.45
CA ASP B 291 81.36 -64.57 67.23
C ASP B 291 82.46 -63.89 68.05
N SER B 292 82.19 -62.65 68.48
CA SER B 292 83.17 -61.89 69.27
C SER B 292 83.01 -62.13 70.78
N ILE B 293 81.78 -62.24 71.25
CA ILE B 293 81.55 -62.50 72.68
C ILE B 293 80.68 -63.74 72.90
N GLU B 294 81.03 -64.50 73.92
CA GLU B 294 80.32 -65.74 74.25
C GLU B 294 79.95 -65.76 75.71
N TYR B 295 78.97 -66.59 76.04
CA TYR B 295 78.57 -66.77 77.43
C TYR B 295 78.89 -68.23 77.72
N ASP B 296 79.57 -68.48 78.82
CA ASP B 296 79.95 -69.83 79.22
C ASP B 296 79.34 -70.24 80.54
N LEU B 297 79.15 -71.54 80.70
CA LEU B 297 78.57 -72.09 81.91
C LEU B 297 79.29 -73.33 82.41
N ALA B 298 79.40 -73.40 83.74
CA ALA B 298 80.01 -74.53 84.43
C ALA B 298 78.81 -75.29 85.00
N LEU B 299 78.59 -76.52 84.54
CA LEU B 299 77.45 -77.31 84.99
C LEU B 299 77.87 -78.62 85.64
N GLN B 300 77.14 -79.03 86.66
CA GLN B 300 77.43 -80.28 87.35
C GLN B 300 76.92 -81.50 86.58
N ASN B 301 75.99 -81.28 85.67
CA ASN B 301 75.43 -82.35 84.85
C ASN B 301 75.20 -81.87 83.41
N GLN B 302 75.25 -82.80 82.45
CA GLN B 302 75.02 -82.44 81.07
C GLN B 302 73.55 -82.06 80.93
N ASP B 303 73.31 -80.78 80.67
CA ASP B 303 71.96 -80.27 80.56
C ASP B 303 71.73 -79.47 79.28
N ASN B 304 70.48 -79.12 79.05
CA ASN B 304 70.09 -78.31 77.92
C ASN B 304 69.97 -76.91 78.53
N VAL B 305 70.51 -75.92 77.84
CA VAL B 305 70.51 -74.54 78.31
C VAL B 305 69.61 -73.63 77.47
N TYR B 306 68.90 -72.75 78.14
CA TYR B 306 68.01 -71.82 77.47
C TYR B 306 68.37 -70.39 77.84
N SER B 307 68.52 -69.54 76.82
CA SER B 307 68.85 -68.16 77.06
C SER B 307 67.82 -67.26 76.42
N LEU B 308 67.16 -66.47 77.26
CA LEU B 308 66.16 -65.53 76.79
C LEU B 308 66.84 -64.17 76.87
N TYR B 309 67.08 -63.58 75.70
CA TYR B 309 67.74 -62.28 75.59
C TYR B 309 66.77 -61.11 75.54
N VAL B 310 66.88 -60.19 76.47
CA VAL B 310 66.02 -59.02 76.43
C VAL B 310 66.85 -57.97 75.74
N SER B 311 66.61 -57.81 74.43
CA SER B 311 67.36 -56.85 73.63
C SER B 311 66.46 -55.93 72.83
N TYR B 312 67.08 -55.01 72.11
CA TYR B 312 66.37 -54.07 71.26
C TYR B 312 67.27 -53.55 70.15
N VAL B 313 66.64 -53.03 69.10
CA VAL B 313 67.38 -52.49 67.98
C VAL B 313 66.88 -51.10 67.61
N LEU B 314 67.81 -50.21 67.31
CA LEU B 314 67.47 -48.86 66.88
C LEU B 314 67.57 -48.94 65.38
N PRO B 315 66.43 -49.01 64.68
CA PRO B 315 66.46 -49.10 63.22
C PRO B 315 67.26 -47.98 62.54
N TYR B 316 67.37 -46.84 63.20
CA TYR B 316 68.09 -45.71 62.64
C TYR B 316 69.29 -45.35 63.51
N TYR B 317 69.96 -46.39 63.97
CA TYR B 317 71.14 -46.27 64.83
C TYR B 317 72.23 -45.33 64.27
N ASP B 318 72.75 -45.64 63.09
CA ASP B 318 73.80 -44.82 62.50
C ASP B 318 73.43 -43.35 62.46
N GLN B 319 72.19 -43.09 62.08
CA GLN B 319 71.66 -41.74 62.01
C GLN B 319 71.79 -41.05 63.34
N LEU B 320 71.12 -41.61 64.34
CA LEU B 320 71.14 -41.07 65.69
C LEU B 320 72.59 -40.87 66.12
N ALA B 321 73.40 -41.91 65.93
CA ALA B 321 74.80 -41.87 66.30
C ALA B 321 75.54 -40.74 65.59
N ALA B 322 75.08 -40.39 64.40
CA ALA B 322 75.70 -39.32 63.63
C ALA B 322 75.28 -37.96 64.17
N LEU B 323 75.66 -37.68 65.42
CA LEU B 323 75.33 -36.41 66.07
C LEU B 323 73.82 -36.20 66.13
N GLY C 1 -17.10 -39.51 41.91
CA GLY C 1 -18.10 -38.72 42.59
C GLY C 1 -18.87 -37.88 41.60
N GLU C 2 -19.85 -37.12 42.06
CA GLU C 2 -20.60 -36.29 41.14
C GLU C 2 -19.80 -35.02 40.90
N ILE C 3 -19.88 -34.51 39.69
CA ILE C 3 -19.14 -33.33 39.32
C ILE C 3 -20.05 -32.12 39.14
N TYR C 4 -19.80 -31.07 39.92
CA TYR C 4 -20.60 -29.86 39.81
C TYR C 4 -19.69 -28.65 39.64
N THR C 5 -20.23 -27.60 39.04
CA THR C 5 -19.47 -26.37 38.81
C THR C 5 -19.90 -25.37 39.85
N GLU C 6 -19.05 -24.38 40.09
CA GLU C 6 -19.34 -23.36 41.07
C GLU C 6 -18.54 -22.09 40.76
N THR C 7 -19.26 -21.01 40.49
CA THR C 7 -18.66 -19.72 40.16
C THR C 7 -18.51 -18.93 41.45
N LEU C 8 -17.28 -18.52 41.76
CA LEU C 8 -17.04 -17.76 42.97
C LEU C 8 -17.92 -16.51 42.93
N GLN C 9 -18.30 -16.04 44.11
CA GLN C 9 -19.14 -14.86 44.22
C GLN C 9 -18.24 -13.65 44.02
N GLN C 10 -16.97 -13.85 44.34
CA GLN C 10 -15.95 -12.82 44.21
C GLN C 10 -15.48 -12.70 42.78
N THR C 11 -15.55 -11.48 42.23
CA THR C 11 -15.08 -11.22 40.88
C THR C 11 -13.89 -10.30 41.09
N TYR C 12 -12.95 -10.29 40.14
CA TYR C 12 -11.76 -9.45 40.29
C TYR C 12 -11.59 -8.44 39.18
N ALA C 13 -11.70 -7.16 39.55
CA ALA C 13 -11.58 -6.05 38.60
C ALA C 13 -10.20 -5.97 37.96
N TRP C 14 -10.18 -5.82 36.64
CA TRP C 14 -8.93 -5.72 35.92
C TRP C 14 -8.36 -4.31 36.05
N THR C 15 -7.08 -4.24 36.38
CA THR C 15 -6.34 -2.99 36.51
C THR C 15 -4.95 -3.37 36.01
N ALA C 16 -4.26 -2.45 35.35
CA ALA C 16 -2.94 -2.76 34.81
C ALA C 16 -1.89 -3.15 35.86
N GLY C 17 -0.95 -3.98 35.44
CA GLY C 17 0.13 -4.40 36.31
C GLY C 17 -0.25 -4.57 37.76
N THR C 18 -1.14 -5.53 38.01
CA THR C 18 -1.63 -5.79 39.36
C THR C 18 -1.63 -7.30 39.62
N ASN C 19 -1.11 -7.69 40.79
CA ASN C 19 -1.08 -9.09 41.14
C ASN C 19 -2.36 -9.37 41.91
N ILE C 20 -3.18 -10.28 41.40
CA ILE C 20 -4.45 -10.64 42.03
C ILE C 20 -4.44 -12.06 42.58
N PRO C 21 -4.25 -12.21 43.91
CA PRO C 21 -4.22 -13.52 44.56
C PRO C 21 -5.65 -13.96 44.91
N ILE C 22 -6.10 -15.02 44.27
CA ILE C 22 -7.44 -15.53 44.51
C ILE C 22 -7.39 -16.85 45.29
N LYS C 23 -8.02 -16.87 46.47
CA LYS C 23 -8.06 -18.06 47.30
C LYS C 23 -9.09 -19.05 46.76
N ILE C 24 -8.65 -20.25 46.40
CA ILE C 24 -9.54 -21.26 45.86
C ILE C 24 -10.12 -22.10 47.02
N PRO C 25 -11.44 -22.05 47.22
CA PRO C 25 -12.11 -22.79 48.30
C PRO C 25 -11.92 -24.30 48.13
N ARG C 26 -11.56 -24.97 49.23
CA ARG C 26 -11.33 -26.41 49.21
C ARG C 26 -12.58 -27.20 49.59
N ASN C 27 -13.71 -26.88 48.97
CA ASN C 27 -14.98 -27.55 49.25
C ASN C 27 -14.98 -29.05 48.93
N ASN C 28 -14.34 -29.43 47.83
CA ASN C 28 -14.26 -30.84 47.42
C ASN C 28 -13.03 -30.98 46.53
N PHE C 29 -12.82 -32.16 45.98
CA PHE C 29 -11.70 -32.36 45.07
C PHE C 29 -11.96 -31.42 43.90
N ILE C 30 -10.91 -30.99 43.21
CA ILE C 30 -11.08 -30.08 42.08
C ILE C 30 -10.67 -30.69 40.75
N ARG C 31 -11.56 -30.56 39.76
CA ARG C 31 -11.33 -31.10 38.43
C ARG C 31 -10.63 -30.04 37.55
N LYS C 32 -11.14 -28.82 37.58
CA LYS C 32 -10.56 -27.75 36.78
C LYS C 32 -11.03 -26.39 37.26
N ILE C 33 -10.29 -25.35 36.87
CA ILE C 33 -10.63 -23.98 37.21
C ILE C 33 -10.72 -23.18 35.92
N ARG C 34 -11.82 -22.46 35.77
CA ARG C 34 -12.03 -21.65 34.58
C ARG C 34 -11.96 -20.19 34.96
N VAL C 35 -11.26 -19.41 34.14
CA VAL C 35 -11.11 -17.98 34.38
C VAL C 35 -11.65 -17.23 33.18
N GLN C 36 -12.56 -16.30 33.45
CA GLN C 36 -13.15 -15.50 32.40
C GLN C 36 -12.98 -14.02 32.65
N LEU C 37 -12.38 -13.34 31.68
CA LEU C 37 -12.17 -11.91 31.73
C LEU C 37 -13.22 -11.36 30.78
N ILE C 38 -14.24 -10.71 31.33
CA ILE C 38 -15.29 -10.19 30.50
C ILE C 38 -15.63 -8.75 30.84
N GLY C 39 -15.97 -7.98 29.81
CA GLY C 39 -16.31 -6.58 29.99
C GLY C 39 -16.14 -5.89 28.66
N SER C 40 -15.61 -4.67 28.71
CA SER C 40 -15.42 -3.90 27.48
C SER C 40 -14.13 -3.10 27.45
N ILE C 41 -13.67 -2.84 26.23
CA ILE C 41 -12.48 -2.05 25.98
C ILE C 41 -13.00 -0.75 25.39
N SER C 42 -12.76 0.36 26.08
CA SER C 42 -13.24 1.67 25.63
C SER C 42 -12.22 2.56 24.92
N ASN C 43 -12.75 3.39 24.02
CA ASN C 43 -11.95 4.35 23.25
C ASN C 43 -12.68 5.68 23.34
N SER C 44 -12.27 6.52 24.30
CA SER C 44 -12.90 7.81 24.49
C SER C 44 -12.18 8.89 23.69
N GLY C 45 -11.52 8.48 22.61
CA GLY C 45 -10.80 9.44 21.78
C GLY C 45 -11.50 9.82 20.50
N THR C 46 -11.15 11.00 19.98
CA THR C 46 -11.72 11.54 18.74
C THR C 46 -11.64 10.58 17.56
N ALA C 47 -10.60 9.74 17.54
CA ALA C 47 -10.42 8.79 16.44
C ALA C 47 -10.48 7.34 16.86
N ALA C 48 -10.87 6.48 15.92
CA ALA C 48 -10.96 5.04 16.15
C ALA C 48 -9.55 4.55 16.46
N VAL C 49 -9.45 3.58 17.37
CA VAL C 49 -8.15 3.03 17.74
C VAL C 49 -8.10 1.56 17.38
N THR C 50 -7.06 1.17 16.67
CA THR C 50 -6.89 -0.22 16.28
C THR C 50 -6.19 -0.93 17.45
N LEU C 51 -6.77 -2.03 17.91
CA LEU C 51 -6.19 -2.81 19.01
C LEU C 51 -4.94 -3.57 18.57
N PRO C 52 -4.06 -3.90 19.51
CA PRO C 52 -2.83 -4.63 19.19
C PRO C 52 -3.01 -5.97 18.49
N SER C 53 -1.91 -6.52 17.96
CA SER C 53 -1.95 -7.79 17.27
C SER C 53 -1.73 -8.96 18.25
N ALA C 54 -1.75 -10.18 17.74
CA ALA C 54 -1.53 -11.35 18.59
C ALA C 54 -0.23 -11.09 19.34
N PRO C 55 -0.10 -11.59 20.58
CA PRO C 55 -1.02 -12.41 21.38
C PRO C 55 -2.19 -11.75 22.10
N PHE C 56 -2.50 -10.48 21.78
CA PHE C 56 -3.64 -9.81 22.39
C PHE C 56 -4.88 -10.58 21.90
N PRO C 57 -5.95 -10.67 22.71
CA PRO C 57 -6.17 -10.12 24.05
C PRO C 57 -5.68 -11.02 25.20
N TYR C 58 -5.00 -12.12 24.89
CA TYR C 58 -4.51 -13.01 25.93
C TYR C 58 -3.44 -12.36 26.80
N ASN C 59 -2.60 -11.49 26.23
CA ASN C 59 -1.57 -10.87 27.04
C ASN C 59 -2.13 -9.83 28.00
N LEU C 60 -3.44 -9.71 28.05
CA LEU C 60 -4.06 -8.78 29.00
C LEU C 60 -3.75 -9.30 30.41
N VAL C 61 -3.28 -10.55 30.46
CA VAL C 61 -2.86 -11.17 31.70
C VAL C 61 -1.39 -11.50 31.44
N GLN C 62 -0.51 -11.08 32.35
CA GLN C 62 0.91 -11.35 32.18
C GLN C 62 1.19 -12.80 32.57
N THR C 63 0.84 -13.19 33.80
CA THR C 63 1.08 -14.57 34.21
C THR C 63 0.00 -15.14 35.13
N PHE C 64 -0.14 -16.46 35.05
CA PHE C 64 -1.07 -17.19 35.90
C PHE C 64 -0.22 -18.09 36.76
N ASN C 65 -0.49 -18.08 38.06
CA ASN C 65 0.24 -18.95 38.96
C ASN C 65 -0.71 -19.65 39.90
N LEU C 66 -0.78 -20.98 39.76
CA LEU C 66 -1.66 -21.80 40.60
C LEU C 66 -0.79 -22.67 41.50
N SER C 67 -0.86 -22.41 42.79
CA SER C 67 -0.06 -23.17 43.74
C SER C 67 -0.83 -23.45 45.03
N TYR C 68 -0.24 -24.28 45.88
CA TYR C 68 -0.84 -24.61 47.17
C TYR C 68 0.24 -24.87 48.22
N GLU C 69 -0.15 -24.80 49.49
CA GLU C 69 0.77 -25.02 50.59
C GLU C 69 2.04 -24.21 50.44
N GLY C 70 1.90 -23.03 49.85
CA GLY C 70 3.03 -22.14 49.67
C GLY C 70 3.91 -22.33 48.45
N SER C 71 4.67 -23.41 48.41
CA SER C 71 5.59 -23.65 47.31
C SER C 71 5.19 -24.69 46.26
N LYS C 72 4.06 -25.35 46.46
CA LYS C 72 3.63 -26.38 45.51
C LYS C 72 3.01 -25.72 44.28
N THR C 73 3.70 -25.83 43.15
CA THR C 73 3.22 -25.20 41.93
C THR C 73 2.58 -26.19 40.97
N LEU C 74 1.36 -25.88 40.56
CA LEU C 74 0.61 -26.70 39.62
C LEU C 74 0.71 -26.05 38.24
N TYR C 75 0.49 -24.74 38.20
CA TYR C 75 0.56 -23.94 36.98
C TYR C 75 1.40 -22.66 37.15
N SER C 76 2.26 -22.41 36.17
CA SER C 76 3.11 -21.22 36.13
C SER C 76 3.22 -20.96 34.64
N VAL C 77 2.29 -20.16 34.12
CA VAL C 77 2.24 -19.87 32.69
C VAL C 77 1.80 -18.44 32.43
N SER C 78 2.16 -17.92 31.26
CA SER C 78 1.75 -16.56 30.93
C SER C 78 0.34 -16.62 30.39
N GLY C 79 -0.33 -15.48 30.32
CA GLY C 79 -1.68 -15.46 29.80
C GLY C 79 -1.62 -15.81 28.32
N THR C 80 -0.49 -15.46 27.70
CA THR C 80 -0.27 -15.72 26.29
C THR C 80 -0.10 -17.20 26.01
N GLY C 81 0.78 -17.85 26.76
CA GLY C 81 1.02 -19.26 26.55
C GLY C 81 -0.19 -20.14 26.84
N LEU C 82 -0.90 -19.84 27.92
CA LEU C 82 -2.08 -20.63 28.27
C LEU C 82 -3.17 -20.45 27.23
N GLY C 83 -3.38 -19.20 26.82
CA GLY C 83 -4.39 -18.86 25.83
C GLY C 83 -4.19 -19.56 24.49
N ILE C 84 -2.95 -19.60 24.02
CA ILE C 84 -2.64 -20.25 22.76
C ILE C 84 -2.94 -21.74 22.90
N LEU C 85 -2.73 -22.27 24.10
CA LEU C 85 -3.00 -23.69 24.35
C LEU C 85 -4.50 -23.89 24.21
N MSE C 86 -5.26 -22.94 24.75
CA MSE C 86 -6.70 -23.00 24.68
C MSE C 86 -7.14 -22.99 23.22
O MSE C 86 -7.98 -23.79 22.82
CB MSE C 86 -7.32 -21.82 25.42
CG MSE C 86 -7.00 -21.77 26.91
SE MSE C 86 -7.60 -23.33 27.93
CE MSE C 86 -6.06 -24.48 27.68
N TYR C 87 -6.57 -22.10 22.41
CA TYR C 87 -6.89 -22.01 20.99
C TYR C 87 -6.76 -23.38 20.32
N TYR C 88 -5.64 -24.06 20.58
CA TYR C 88 -5.40 -25.37 19.99
C TYR C 88 -6.28 -26.49 20.56
N THR C 89 -6.52 -26.47 21.86
CA THR C 89 -7.33 -27.52 22.47
C THR C 89 -8.84 -27.33 22.31
N THR C 90 -9.26 -26.22 21.72
CA THR C 90 -10.68 -25.97 21.52
C THR C 90 -11.01 -25.74 20.05
N LYS C 91 -10.20 -26.32 19.17
CA LYS C 91 -10.39 -26.17 17.73
C LYS C 91 -10.55 -24.72 17.31
N GLY C 92 -10.04 -23.80 18.14
CA GLY C 92 -10.13 -22.38 17.82
C GLY C 92 -11.41 -21.71 18.28
N GLN C 93 -12.18 -22.40 19.13
CA GLN C 93 -13.44 -21.84 19.61
C GLN C 93 -13.29 -20.94 20.83
N ASN C 94 -12.38 -21.29 21.72
CA ASN C 94 -12.14 -20.54 22.95
C ASN C 94 -12.43 -19.05 22.79
N PRO C 95 -13.26 -18.49 23.69
CA PRO C 95 -13.63 -17.07 23.66
C PRO C 95 -12.42 -16.14 23.82
N ALA C 96 -12.18 -15.31 22.81
CA ALA C 96 -11.07 -14.37 22.83
C ALA C 96 -11.44 -13.08 22.08
N TYR C 97 -12.39 -12.34 22.65
CA TYR C 97 -12.86 -11.09 22.07
C TYR C 97 -12.30 -9.92 22.87
N PRO C 98 -11.90 -8.83 22.19
CA PRO C 98 -11.92 -8.61 20.74
C PRO C 98 -10.76 -9.33 20.07
N ALA C 99 -10.90 -9.66 18.80
CA ALA C 99 -9.83 -10.33 18.08
C ALA C 99 -8.70 -9.34 17.79
N PRO C 100 -7.47 -9.83 17.65
CA PRO C 100 -6.31 -8.98 17.35
C PRO C 100 -6.57 -8.11 16.12
N GLY C 101 -6.17 -6.84 16.18
CA GLY C 101 -6.36 -5.96 15.04
C GLY C 101 -7.71 -5.24 15.08
N THR C 102 -8.63 -5.75 15.87
CA THR C 102 -9.97 -5.14 15.98
C THR C 102 -9.87 -3.64 16.22
N SER C 103 -10.81 -2.90 15.63
CA SER C 103 -10.84 -1.45 15.78
C SER C 103 -11.93 -1.03 16.76
N VAL C 104 -11.62 -0.05 17.60
CA VAL C 104 -12.58 0.46 18.57
C VAL C 104 -12.97 1.86 18.11
N PRO C 105 -14.16 2.01 17.55
CA PRO C 105 -14.60 3.32 17.06
C PRO C 105 -14.40 4.43 18.09
N ALA C 106 -14.20 5.65 17.61
CA ALA C 106 -14.00 6.81 18.46
C ALA C 106 -15.18 6.95 19.41
N SER C 107 -14.90 7.30 20.67
CA SER C 107 -15.94 7.45 21.68
C SER C 107 -16.81 6.18 21.71
N GLY C 108 -16.24 5.09 21.21
CA GLY C 108 -16.96 3.83 21.17
C GLY C 108 -16.68 2.90 22.34
N SER C 109 -16.96 1.61 22.12
CA SER C 109 -16.74 0.60 23.15
C SER C 109 -16.83 -0.76 22.48
N VAL C 110 -15.98 -1.70 22.88
CA VAL C 110 -15.98 -3.04 22.31
C VAL C 110 -16.00 -4.12 23.38
N ASN C 111 -16.71 -5.21 23.12
CA ASN C 111 -16.79 -6.30 24.08
C ASN C 111 -15.48 -7.06 24.28
N LEU C 112 -15.15 -7.32 25.53
CA LEU C 112 -13.95 -8.07 25.88
C LEU C 112 -14.43 -9.34 26.58
N ASN C 113 -13.97 -10.49 26.09
CA ASN C 113 -14.34 -11.77 26.65
C ASN C 113 -13.26 -12.79 26.34
N VAL C 114 -12.42 -13.08 27.31
CA VAL C 114 -11.33 -14.02 27.15
C VAL C 114 -11.40 -15.13 28.21
N MSE C 115 -11.14 -16.36 27.82
CA MSE C 115 -11.22 -17.48 28.73
C MSE C 115 -10.00 -18.38 28.80
O MSE C 115 -9.40 -18.71 27.77
CB MSE C 115 -12.45 -18.32 28.38
CG MSE C 115 -12.68 -19.53 29.28
SE MSE C 115 -14.22 -20.59 28.70
CE MSE C 115 -13.30 -21.97 27.69
N TRP C 116 -9.66 -18.78 30.01
CA TRP C 116 -8.53 -19.67 30.26
C TRP C 116 -9.05 -20.78 31.18
N GLU C 117 -8.51 -21.97 31.05
CA GLU C 117 -8.92 -23.07 31.90
C GLU C 117 -7.74 -23.89 32.40
N PHE C 118 -7.80 -24.27 33.68
CA PHE C 118 -6.75 -25.05 34.27
C PHE C 118 -7.26 -26.44 34.61
N ASP C 119 -6.68 -27.43 33.94
CA ASP C 119 -7.04 -28.82 34.16
C ASP C 119 -6.23 -29.31 35.37
N LEU C 120 -6.92 -29.64 36.46
CA LEU C 120 -6.26 -30.12 37.66
C LEU C 120 -6.37 -31.63 37.82
N ALA C 121 -6.71 -32.32 36.73
CA ALA C 121 -6.88 -33.77 36.77
C ALA C 121 -7.99 -33.97 37.79
N ARG C 122 -7.65 -34.53 38.94
CA ARG C 122 -8.62 -34.70 40.01
C ARG C 122 -7.81 -34.41 41.25
N PHE C 123 -7.65 -33.13 41.53
CA PHE C 123 -6.87 -32.64 42.66
C PHE C 123 -7.54 -32.83 44.02
N PRO C 124 -6.84 -33.46 44.97
CA PRO C 124 -7.36 -33.70 46.32
C PRO C 124 -7.33 -32.42 47.16
N ALA C 125 -8.08 -31.42 46.72
CA ALA C 125 -8.14 -30.13 47.38
C ALA C 125 -8.47 -30.17 48.87
N THR C 126 -9.30 -31.12 49.27
CA THR C 126 -9.71 -31.24 50.66
C THR C 126 -8.58 -31.71 51.57
N MSE C 127 -7.52 -32.26 50.99
CA MSE C 127 -6.40 -32.76 51.77
C MSE C 127 -5.17 -31.86 51.80
O MSE C 127 -4.16 -32.19 52.44
CB MSE C 127 -6.01 -34.15 51.27
CG MSE C 127 -7.15 -35.14 51.37
SE MSE C 127 -6.60 -36.91 50.88
CE MSE C 127 -5.68 -37.37 52.51
N VAL C 128 -5.23 -30.71 51.13
CA VAL C 128 -4.10 -29.79 51.11
C VAL C 128 -4.53 -28.46 51.72
N GLN C 129 -3.62 -27.50 51.76
CA GLN C 129 -3.95 -26.20 52.32
C GLN C 129 -3.65 -25.05 51.36
N ASN C 130 -4.31 -23.94 51.62
CA ASN C 130 -4.17 -22.71 50.84
C ASN C 130 -3.87 -22.81 49.35
N ILE C 131 -4.92 -23.07 48.56
CA ILE C 131 -4.77 -23.14 47.12
C ILE C 131 -4.90 -21.69 46.68
N ILE C 132 -3.94 -21.21 45.89
CA ILE C 132 -3.99 -19.83 45.44
C ILE C 132 -3.73 -19.65 43.95
N LEU C 133 -4.67 -18.98 43.29
CA LEU C 133 -4.54 -18.69 41.86
C LEU C 133 -4.16 -17.23 41.81
N SER C 134 -2.93 -16.95 41.40
CA SER C 134 -2.47 -15.56 41.29
C SER C 134 -2.53 -15.11 39.85
N ILE C 135 -3.27 -14.02 39.61
CA ILE C 135 -3.38 -13.45 38.28
C ILE C 135 -2.59 -12.14 38.27
N LEU C 136 -1.51 -12.11 37.52
CA LEU C 136 -0.72 -10.87 37.41
C LEU C 136 -1.16 -10.32 36.07
N THR C 137 -1.93 -9.24 36.11
CA THR C 137 -2.44 -8.63 34.89
C THR C 137 -1.35 -7.93 34.09
N GLY C 138 -1.61 -7.75 32.80
CA GLY C 138 -0.66 -7.08 31.93
C GLY C 138 -0.93 -5.58 31.86
N GLN C 139 -0.61 -4.99 30.72
CA GLN C 139 -0.80 -3.56 30.53
C GLN C 139 -1.92 -3.26 29.54
N ALA C 140 -2.55 -2.10 29.71
CA ALA C 140 -3.63 -1.68 28.83
C ALA C 140 -3.06 -1.29 27.47
N PRO C 141 -3.78 -1.60 26.38
CA PRO C 141 -3.30 -1.27 25.04
C PRO C 141 -3.30 0.25 24.92
N SER C 142 -2.53 0.77 23.98
CA SER C 142 -2.46 2.21 23.81
C SER C 142 -3.78 2.80 23.32
N GLY C 143 -4.19 3.91 23.95
CA GLY C 143 -5.41 4.59 23.54
C GLY C 143 -6.75 4.04 23.99
N VAL C 144 -6.76 2.90 24.67
CA VAL C 144 -8.03 2.35 25.14
C VAL C 144 -8.05 2.08 26.63
N SER C 145 -9.25 2.13 27.19
CA SER C 145 -9.47 1.89 28.61
C SER C 145 -10.06 0.49 28.75
N ILE C 146 -9.75 -0.20 29.84
CA ILE C 146 -10.28 -1.55 30.05
C ILE C 146 -11.23 -1.58 31.25
N ASN C 147 -12.44 -2.05 30.99
CA ASN C 147 -13.47 -2.15 32.03
C ASN C 147 -13.93 -3.59 32.06
N ALA C 148 -13.27 -4.40 32.89
CA ALA C 148 -13.62 -5.80 32.98
C ALA C 148 -13.27 -6.37 34.34
N SER C 149 -13.70 -7.61 34.56
CA SER C 149 -13.44 -8.31 35.80
C SER C 149 -13.22 -9.77 35.48
N PHE C 150 -12.49 -10.45 36.36
CA PHE C 150 -12.24 -11.87 36.20
C PHE C 150 -13.33 -12.61 36.97
N TYR C 151 -13.88 -13.65 36.34
CA TYR C 151 -14.91 -14.47 36.96
C TYR C 151 -14.34 -15.87 37.10
N ILE C 152 -14.28 -16.34 38.33
CA ILE C 152 -13.72 -17.66 38.60
C ILE C 152 -14.77 -18.75 38.87
N THR C 153 -14.80 -19.77 38.01
CA THR C 153 -15.73 -20.87 38.19
C THR C 153 -14.91 -22.15 38.36
N ILE C 154 -15.19 -22.88 39.44
CA ILE C 154 -14.49 -24.10 39.77
C ILE C 154 -15.36 -25.33 39.55
N THR C 155 -14.79 -26.34 38.89
CA THR C 155 -15.50 -27.59 38.63
C THR C 155 -15.08 -28.60 39.69
N TYR C 156 -15.98 -28.85 40.64
CA TYR C 156 -15.73 -29.79 41.73
C TYR C 156 -16.27 -31.20 41.47
N GLU C 157 -15.76 -32.15 42.25
CA GLU C 157 -16.18 -33.54 42.18
C GLU C 157 -16.08 -34.09 43.61
N ARG C 158 -17.20 -34.55 44.14
CA ARG C 158 -17.21 -35.07 45.50
C ARG C 158 -16.64 -36.47 45.53
N VAL C 159 -15.44 -36.59 46.06
CA VAL C 159 -14.77 -37.89 46.16
C VAL C 159 -14.82 -38.29 47.63
N THR C 160 -15.43 -39.46 47.89
CA THR C 160 -15.58 -39.95 49.26
C THR C 160 -14.43 -40.82 49.73
N ALA C 161 -14.36 -41.04 51.04
CA ALA C 161 -13.33 -41.90 51.61
C ALA C 161 -13.46 -43.28 50.99
N GLN C 162 -14.71 -43.72 50.80
CA GLN C 162 -14.94 -45.03 50.22
C GLN C 162 -14.38 -45.10 48.81
N GLU C 163 -14.61 -44.06 48.02
CA GLU C 163 -14.09 -44.08 46.66
C GLU C 163 -12.57 -44.13 46.70
N ILE C 164 -11.97 -43.36 47.60
CA ILE C 164 -10.52 -43.34 47.75
C ILE C 164 -10.05 -44.72 48.16
N LEU C 165 -10.73 -45.29 49.16
CA LEU C 165 -10.39 -46.61 49.66
C LEU C 165 -10.44 -47.64 48.55
N SER C 166 -11.50 -47.61 47.76
CA SER C 166 -11.69 -48.53 46.66
C SER C 166 -10.76 -48.25 45.47
N GLU C 167 -10.02 -47.15 45.52
CA GLU C 167 -9.11 -46.80 44.44
C GLU C 167 -7.65 -46.96 44.84
N GLY C 168 -7.43 -47.68 45.94
CA GLY C 168 -6.08 -47.92 46.40
C GLY C 168 -5.72 -47.21 47.68
N GLY C 169 -6.61 -46.37 48.19
CA GLY C 169 -6.30 -45.67 49.42
C GLY C 169 -5.25 -44.57 49.24
N LEU C 170 -4.59 -44.22 50.34
CA LEU C 170 -3.58 -43.17 50.36
C LEU C 170 -2.16 -43.65 50.09
N GLY C 171 -1.29 -42.72 49.70
CA GLY C 171 0.09 -43.05 49.44
C GLY C 171 0.80 -43.24 50.78
N ALA C 172 1.98 -43.85 50.74
CA ALA C 172 2.76 -44.15 51.95
C ALA C 172 2.83 -43.08 53.05
N ASP C 173 2.88 -41.80 52.69
CA ASP C 173 2.94 -40.75 53.70
C ASP C 173 1.54 -40.26 54.08
N GLY C 174 0.54 -40.97 53.56
CA GLY C 174 -0.84 -40.63 53.84
C GLY C 174 -1.28 -39.21 53.58
N GLU C 175 -0.57 -38.48 52.73
CA GLU C 175 -0.92 -37.10 52.42
C GLU C 175 -1.96 -36.93 51.31
N MSE C 176 -1.95 -37.81 50.32
CA MSE C 176 -2.89 -37.75 49.21
C MSE C 176 -3.30 -39.15 48.74
O MSE C 176 -2.67 -40.14 49.12
CB MSE C 176 -2.27 -37.02 48.02
CG MSE C 176 -1.81 -35.60 48.29
SE MSE C 176 -1.20 -34.73 46.66
CE MSE C 176 0.70 -35.11 46.84
N PRO C 177 -4.34 -39.25 47.92
CA PRO C 177 -4.78 -40.55 47.42
C PRO C 177 -3.65 -41.17 46.58
N LEU C 178 -3.45 -42.47 46.71
CA LEU C 178 -2.40 -43.17 45.96
C LEU C 178 -2.47 -42.97 44.45
N ALA C 179 -3.68 -42.86 43.91
CA ALA C 179 -3.85 -42.71 42.46
C ALA C 179 -3.77 -41.26 41.98
N THR C 180 -3.40 -40.35 42.87
CA THR C 180 -3.31 -38.93 42.52
C THR C 180 -2.36 -38.63 41.36
N VAL C 181 -2.83 -37.77 40.46
CA VAL C 181 -2.04 -37.31 39.31
C VAL C 181 -1.98 -35.80 39.43
N LEU C 182 -0.80 -35.28 39.76
CA LEU C 182 -0.62 -33.85 39.92
C LEU C 182 -0.17 -33.16 38.64
N PRO C 183 -0.91 -32.13 38.22
CA PRO C 183 -0.53 -31.43 37.00
C PRO C 183 0.69 -30.57 37.29
N LYS C 184 1.54 -30.41 36.29
CA LYS C 184 2.74 -29.60 36.40
C LYS C 184 2.87 -28.87 35.06
N VAL C 185 2.10 -27.81 34.90
CA VAL C 185 2.09 -27.04 33.68
C VAL C 185 2.95 -25.78 33.85
N ILE C 186 4.18 -25.85 33.37
CA ILE C 186 5.13 -24.76 33.50
C ILE C 186 5.62 -24.23 32.15
N GLU C 187 5.69 -22.91 32.02
CA GLU C 187 6.17 -22.28 30.79
C GLU C 187 7.58 -21.77 31.07
N ILE C 188 8.54 -22.24 30.30
CA ILE C 188 9.95 -21.88 30.48
C ILE C 188 10.50 -21.18 29.25
N PRO C 189 11.07 -19.97 29.43
CA PRO C 189 11.60 -19.25 28.27
C PRO C 189 13.08 -19.54 28.01
N THR C 190 13.49 -19.25 26.78
CA THR C 190 14.88 -19.39 26.35
C THR C 190 15.08 -18.17 25.47
N PHE C 191 15.81 -17.19 26.01
CA PHE C 191 16.04 -15.94 25.29
C PHE C 191 17.24 -15.99 24.37
N ASN C 192 17.21 -15.14 23.35
CA ASN C 192 18.31 -15.00 22.41
C ASN C 192 18.73 -16.25 21.63
N VAL C 193 17.76 -17.03 21.16
CA VAL C 193 18.13 -18.22 20.38
C VAL C 193 18.49 -17.72 18.99
N PRO C 194 19.77 -17.87 18.60
CA PRO C 194 20.25 -17.44 17.29
C PRO C 194 19.64 -18.16 16.08
N ALA C 195 19.68 -17.51 14.93
CA ALA C 195 19.15 -18.08 13.70
C ALA C 195 20.03 -19.24 13.23
N SER C 196 19.40 -20.27 12.67
CA SER C 196 20.14 -21.43 12.19
C SER C 196 19.27 -22.25 11.26
N SER C 197 19.89 -22.87 10.26
CA SER C 197 19.14 -23.68 9.32
C SER C 197 18.97 -25.06 9.94
N ALA C 198 19.99 -25.47 10.69
CA ALA C 198 19.97 -26.76 11.38
C ALA C 198 19.65 -26.49 12.85
N PRO C 199 18.80 -27.35 13.44
CA PRO C 199 18.39 -27.23 14.84
C PRO C 199 19.52 -27.06 15.84
N ILE C 200 19.36 -26.07 16.73
CA ILE C 200 20.35 -25.82 17.76
C ILE C 200 19.68 -25.96 19.13
N HIS C 201 20.44 -26.44 20.09
CA HIS C 201 19.92 -26.63 21.44
C HIS C 201 19.21 -25.41 22.02
N VAL C 202 18.01 -25.64 22.53
CA VAL C 202 17.23 -24.57 23.14
C VAL C 202 17.27 -24.80 24.65
N ALA C 203 16.71 -25.92 25.09
CA ALA C 203 16.68 -26.27 26.52
C ALA C 203 16.66 -27.79 26.71
N TYR C 204 16.88 -28.24 27.94
CA TYR C 204 16.83 -29.68 28.27
C TYR C 204 15.53 -29.89 29.02
N LEU C 205 14.88 -31.03 28.77
CA LEU C 205 13.64 -31.31 29.49
C LEU C 205 14.01 -31.75 30.88
N GLN C 206 13.40 -31.11 31.87
CA GLN C 206 13.65 -31.40 33.27
C GLN C 206 13.05 -32.76 33.65
N PRO C 207 13.82 -33.60 34.35
CA PRO C 207 13.41 -34.92 34.82
C PRO C 207 12.44 -34.77 35.98
N GLY C 208 11.88 -35.90 36.43
CA GLY C 208 10.97 -35.87 37.56
C GLY C 208 9.52 -35.58 37.23
N GLN C 209 9.18 -35.57 35.94
CA GLN C 209 7.81 -35.31 35.54
C GLN C 209 7.49 -36.11 34.28
N ILE C 210 6.21 -36.18 33.92
CA ILE C 210 5.79 -36.93 32.74
C ILE C 210 5.29 -35.95 31.68
N TYR C 211 5.94 -35.95 30.53
CA TYR C 211 5.60 -35.04 29.43
C TYR C 211 4.54 -35.55 28.46
N LYS C 212 3.45 -34.79 28.39
CA LYS C 212 2.35 -35.14 27.52
C LYS C 212 2.35 -34.29 26.26
N ARG C 213 2.34 -32.98 26.45
CA ARG C 213 2.26 -32.02 25.36
C ARG C 213 3.22 -30.85 25.59
N GLN C 214 3.72 -30.27 24.51
CA GLN C 214 4.64 -29.13 24.60
C GLN C 214 4.26 -28.02 23.63
N LEU C 215 3.79 -26.89 24.15
CA LEU C 215 3.45 -25.77 23.28
C LEU C 215 4.69 -24.91 23.12
N VAL C 216 5.12 -24.73 21.87
CA VAL C 216 6.30 -23.94 21.55
C VAL C 216 5.97 -22.81 20.61
N TYR C 217 6.39 -21.60 20.97
CA TYR C 217 6.19 -20.43 20.12
C TYR C 217 7.36 -19.46 20.26
N VAL C 218 7.63 -18.70 19.20
CA VAL C 218 8.75 -17.77 19.22
C VAL C 218 8.34 -16.33 18.93
N ILE C 219 9.11 -15.41 19.48
CA ILE C 219 8.85 -14.00 19.33
C ILE C 219 9.97 -13.35 18.54
N ASN C 220 9.59 -12.61 17.51
CA ASN C 220 10.53 -11.89 16.64
C ASN C 220 10.49 -10.45 17.12
N SER C 221 11.66 -9.84 17.29
CA SER C 221 11.74 -8.47 17.79
C SER C 221 10.93 -7.48 16.95
N THR C 222 10.76 -7.78 15.67
CA THR C 222 10.02 -6.91 14.78
C THR C 222 8.55 -7.31 14.63
N SER C 223 8.32 -8.54 14.18
CA SER C 223 6.96 -9.02 13.95
C SER C 223 6.25 -9.68 15.13
N GLY C 224 6.90 -9.69 16.30
CA GLY C 224 6.29 -10.29 17.46
C GLY C 224 6.06 -11.78 17.27
N ILE C 225 4.87 -12.27 17.60
CA ILE C 225 4.57 -13.68 17.46
C ILE C 225 4.01 -13.97 16.06
N ASN C 226 3.82 -12.91 15.28
CA ASN C 226 3.30 -13.04 13.92
C ASN C 226 4.44 -13.18 12.92
N ASN C 227 5.18 -14.27 13.01
CA ASN C 227 6.31 -14.52 12.14
C ASN C 227 6.36 -15.97 11.72
N THR C 228 7.23 -16.29 10.78
CA THR C 228 7.40 -17.65 10.28
C THR C 228 8.88 -18.03 10.41
N ASP C 229 9.50 -17.61 11.51
CA ASP C 229 10.90 -17.90 11.73
C ASP C 229 11.22 -19.37 11.95
N PRO C 230 10.33 -20.11 12.67
CA PRO C 230 10.61 -21.53 12.90
C PRO C 230 10.53 -22.36 11.62
N THR C 231 11.52 -23.24 11.40
CA THR C 231 11.54 -24.06 10.20
C THR C 231 11.66 -25.55 10.54
N GLU C 232 12.26 -25.83 11.70
CA GLU C 232 12.43 -27.21 12.12
C GLU C 232 12.38 -27.36 13.64
N TYR C 233 12.00 -28.54 14.09
CA TYR C 233 11.92 -28.87 15.51
C TYR C 233 12.67 -30.19 15.71
N GLU C 234 13.24 -30.40 16.88
CA GLU C 234 13.98 -31.63 17.11
C GLU C 234 14.11 -31.97 18.59
N LEU C 235 13.71 -33.20 18.94
CA LEU C 235 13.83 -33.68 20.31
C LEU C 235 14.91 -34.75 20.24
N LYS C 236 15.98 -34.57 20.98
CA LYS C 236 17.10 -35.51 20.93
C LYS C 236 17.66 -35.96 22.28
N ILE C 237 18.11 -37.21 22.33
CA ILE C 237 18.69 -37.79 23.52
C ILE C 237 20.20 -37.65 23.41
N VAL C 238 20.81 -36.96 24.37
CA VAL C 238 22.26 -36.74 24.35
C VAL C 238 23.01 -37.50 25.43
N ARG C 239 22.28 -38.15 26.34
CA ARG C 239 22.92 -38.89 27.42
C ARG C 239 23.70 -40.11 26.92
N GLY C 240 23.04 -40.95 26.14
CA GLY C 240 23.71 -42.12 25.61
C GLY C 240 24.05 -41.90 24.15
N VAL C 241 23.96 -42.95 23.35
CA VAL C 241 24.23 -42.82 21.92
C VAL C 241 23.25 -41.78 21.41
N PRO C 242 23.76 -40.65 20.88
CA PRO C 242 22.89 -39.60 20.36
C PRO C 242 21.76 -40.17 19.51
N THR C 243 20.52 -39.84 19.88
CA THR C 243 19.37 -40.32 19.15
C THR C 243 18.23 -39.32 19.05
N ASP C 244 17.85 -39.00 17.82
CA ASP C 244 16.76 -38.09 17.58
C ASP C 244 15.49 -38.90 17.79
N LYS C 245 14.66 -38.48 18.76
CA LYS C 245 13.41 -39.17 19.01
C LYS C 245 12.37 -38.50 18.13
N ILE C 246 12.74 -37.34 17.60
CA ILE C 246 11.87 -36.60 16.70
C ILE C 246 12.59 -35.45 16.01
N LYS C 247 12.39 -35.38 14.70
CA LYS C 247 12.99 -34.33 13.89
C LYS C 247 12.01 -34.10 12.77
N VAL C 248 11.23 -33.03 12.88
CA VAL C 248 10.22 -32.70 11.89
C VAL C 248 10.26 -31.23 11.50
N SER C 249 9.92 -30.95 10.25
CA SER C 249 9.91 -29.57 9.76
C SER C 249 8.78 -28.86 10.50
N TRP C 250 8.85 -27.53 10.55
CA TRP C 250 7.82 -26.76 11.24
C TRP C 250 6.48 -26.88 10.53
N ALA C 251 6.51 -26.84 9.20
CA ALA C 251 5.29 -26.96 8.41
C ALA C 251 4.70 -28.34 8.64
N ALA C 252 5.55 -29.35 8.61
CA ALA C 252 5.11 -30.72 8.83
C ALA C 252 4.42 -30.81 10.18
N LEU C 253 5.03 -30.18 11.18
CA LEU C 253 4.50 -30.19 12.54
C LEU C 253 3.16 -29.45 12.61
N GLN C 254 3.08 -28.29 11.95
CA GLN C 254 1.85 -27.52 11.97
C GLN C 254 0.72 -28.27 11.26
N ALA C 255 1.10 -29.11 10.28
CA ALA C 255 0.12 -29.89 9.56
C ALA C 255 -0.48 -30.89 10.55
N GLU C 256 0.40 -31.59 11.26
CA GLU C 256 0.01 -32.56 12.26
C GLU C 256 -0.95 -31.90 13.25
N ASN C 257 -0.78 -30.61 13.46
CA ASN C 257 -1.62 -29.84 14.36
C ASN C 257 -2.99 -29.63 13.72
N GLN C 258 -3.00 -29.35 12.42
CA GLN C 258 -4.24 -29.13 11.69
C GLN C 258 -5.14 -30.36 11.81
N ALA C 259 -4.52 -31.53 11.72
CA ALA C 259 -5.24 -32.79 11.81
C ALA C 259 -5.68 -33.11 13.23
N GLU C 260 -4.75 -33.01 14.17
CA GLU C 260 -5.04 -33.30 15.56
C GLU C 260 -6.08 -32.37 16.19
N TYR C 261 -5.87 -31.06 16.04
CA TYR C 261 -6.74 -30.08 16.67
C TYR C 261 -7.82 -29.45 15.79
N GLN C 262 -7.78 -29.74 14.50
CA GLN C 262 -8.76 -29.19 13.56
C GLN C 262 -8.77 -27.67 13.61
N VAL C 263 -7.58 -27.09 13.54
CA VAL C 263 -7.43 -25.63 13.56
C VAL C 263 -6.16 -25.28 12.81
N ALA C 264 -6.11 -24.08 12.25
CA ALA C 264 -4.91 -23.65 11.55
C ALA C 264 -4.00 -23.15 12.67
N PRO C 265 -2.69 -23.07 12.43
CA PRO C 265 -1.75 -22.60 13.47
C PRO C 265 -2.20 -21.27 14.07
N TYR C 266 -1.94 -21.07 15.35
CA TYR C 266 -2.31 -19.82 16.01
C TYR C 266 -1.56 -18.68 15.31
N SER C 267 -0.39 -19.02 14.79
CA SER C 267 0.46 -18.07 14.07
C SER C 267 1.51 -18.94 13.38
N GLY C 268 2.37 -18.32 12.57
CA GLY C 268 3.39 -19.09 11.89
C GLY C 268 4.50 -19.50 12.84
N ALA C 269 4.49 -18.94 14.04
CA ALA C 269 5.53 -19.24 15.02
C ALA C 269 5.09 -20.15 16.18
N SER C 270 3.90 -20.74 16.09
CA SER C 270 3.40 -21.61 17.15
C SER C 270 3.14 -23.05 16.68
N ALA C 271 3.45 -24.00 17.55
CA ALA C 271 3.24 -25.42 17.26
C ALA C 271 3.15 -26.23 18.53
N ILE C 272 2.43 -27.36 18.47
CA ILE C 272 2.28 -28.23 19.62
C ILE C 272 2.90 -29.59 19.30
N ILE C 273 3.66 -30.11 20.26
CA ILE C 273 4.31 -31.40 20.11
C ILE C 273 3.66 -32.39 21.07
N ASP C 274 2.90 -33.34 20.52
CA ASP C 274 2.25 -34.37 21.34
C ASP C 274 3.21 -35.56 21.39
N PHE C 275 3.80 -35.79 22.56
CA PHE C 275 4.77 -36.86 22.70
C PHE C 275 4.24 -38.28 22.47
N ARG C 276 2.92 -38.46 22.60
CA ARG C 276 2.31 -39.77 22.39
C ARG C 276 2.55 -40.20 20.93
N LYS C 277 2.63 -39.21 20.04
CA LYS C 277 2.87 -39.45 18.61
C LYS C 277 4.30 -39.85 18.26
N TYR C 278 5.22 -39.74 19.21
CA TYR C 278 6.60 -40.08 18.92
C TYR C 278 7.17 -41.03 19.96
N PHE C 279 6.38 -41.30 20.99
CA PHE C 279 6.79 -42.21 22.04
C PHE C 279 5.69 -43.20 22.32
N ASN C 280 6.01 -44.24 23.07
CA ASN C 280 5.02 -45.23 23.43
C ASN C 280 4.35 -44.61 24.64
N GLY C 281 3.36 -43.75 24.38
CA GLY C 281 2.66 -43.07 25.45
C GLY C 281 3.38 -41.76 25.77
N ASP C 282 2.93 -41.06 26.82
CA ASP C 282 3.56 -39.80 27.22
C ASP C 282 5.02 -40.03 27.59
N LEU C 283 5.82 -38.99 27.43
CA LEU C 283 7.25 -39.04 27.74
C LEU C 283 7.47 -39.04 29.25
N ASP C 284 7.81 -40.20 29.79
CA ASP C 284 8.03 -40.36 31.23
C ASP C 284 9.47 -40.16 31.68
N LEU C 285 9.75 -38.99 32.22
CA LEU C 285 11.09 -38.68 32.70
C LEU C 285 11.17 -38.65 34.21
N THR C 286 10.21 -39.30 34.87
CA THR C 286 10.16 -39.36 36.33
C THR C 286 11.51 -39.69 36.94
N HIS C 287 12.14 -40.75 36.45
CA HIS C 287 13.44 -41.15 36.99
C HIS C 287 14.59 -41.06 35.98
N ALA C 288 14.46 -40.20 34.98
CA ALA C 288 15.50 -40.03 33.97
C ALA C 288 16.61 -39.08 34.44
N PRO C 289 17.81 -39.21 33.85
CA PRO C 289 18.94 -38.35 34.22
C PRO C 289 18.58 -36.91 33.83
N SER C 290 19.22 -35.94 34.48
CA SER C 290 18.95 -34.52 34.21
C SER C 290 19.06 -34.05 32.75
N ASP C 291 20.22 -33.57 32.35
CA ASP C 291 20.43 -33.07 30.99
C ASP C 291 20.55 -34.19 29.94
N SER C 292 19.50 -35.00 29.79
CA SER C 292 19.56 -36.11 28.85
C SER C 292 18.77 -35.92 27.57
N ILE C 293 17.65 -35.20 27.65
CA ILE C 293 16.84 -34.96 26.48
C ILE C 293 16.69 -33.48 26.25
N GLU C 294 17.00 -33.05 25.03
CA GLU C 294 16.94 -31.64 24.67
C GLU C 294 15.97 -31.43 23.53
N TYR C 295 15.43 -30.23 23.45
CA TYR C 295 14.56 -29.88 22.35
C TYR C 295 15.33 -28.79 21.63
N ASP C 296 15.50 -28.97 20.33
CA ASP C 296 16.26 -28.05 19.50
C ASP C 296 15.37 -27.34 18.48
N LEU C 297 15.83 -26.19 17.99
CA LEU C 297 15.05 -25.43 17.04
C LEU C 297 15.93 -24.73 16.01
N ALA C 298 15.40 -24.59 14.80
CA ALA C 298 16.10 -23.90 13.73
C ALA C 298 15.20 -22.71 13.39
N LEU C 299 15.72 -21.51 13.55
CA LEU C 299 14.96 -20.29 13.28
C LEU C 299 15.63 -19.45 12.20
N GLN C 300 14.84 -18.62 11.52
CA GLN C 300 15.34 -17.76 10.45
C GLN C 300 15.84 -16.42 10.97
N ASN C 301 15.58 -16.17 12.25
CA ASN C 301 16.01 -14.95 12.91
C ASN C 301 16.27 -15.27 14.38
N GLN C 302 17.12 -14.46 15.02
CA GLN C 302 17.42 -14.66 16.42
C GLN C 302 16.15 -14.24 17.14
N ASP C 303 15.54 -15.17 17.87
CA ASP C 303 14.29 -14.89 18.57
C ASP C 303 14.31 -15.38 20.01
N ASN C 304 13.26 -15.02 20.75
CA ASN C 304 13.10 -15.48 22.12
C ASN C 304 12.11 -16.65 22.05
N VAL C 305 12.49 -17.79 22.60
CA VAL C 305 11.64 -18.97 22.55
C VAL C 305 10.87 -19.25 23.84
N TYR C 306 9.61 -19.61 23.70
CA TYR C 306 8.76 -19.93 24.85
C TYR C 306 8.20 -21.34 24.73
N SER C 307 8.40 -22.12 25.78
CA SER C 307 7.94 -23.50 25.83
C SER C 307 7.02 -23.71 27.04
N LEU C 308 5.74 -23.94 26.77
CA LEU C 308 4.79 -24.21 27.83
C LEU C 308 4.60 -25.73 27.89
N TYR C 309 5.08 -26.35 28.95
CA TYR C 309 5.00 -27.79 29.11
C TYR C 309 3.77 -28.28 29.85
N VAL C 310 2.96 -29.11 29.18
CA VAL C 310 1.80 -29.67 29.83
C VAL C 310 2.26 -31.05 30.31
N SER C 311 2.68 -31.10 31.57
CA SER C 311 3.16 -32.35 32.16
C SER C 311 2.41 -32.65 33.47
N TYR C 312 2.79 -33.75 34.10
CA TYR C 312 2.18 -34.15 35.37
C TYR C 312 3.12 -35.03 36.17
N VAL C 313 2.84 -35.15 37.46
CA VAL C 313 3.66 -35.96 38.33
C VAL C 313 2.75 -36.87 39.16
N LEU C 314 3.22 -38.09 39.40
CA LEU C 314 2.48 -39.04 40.23
C LEU C 314 3.22 -39.02 41.54
N PRO C 315 2.67 -38.36 42.56
CA PRO C 315 3.35 -38.29 43.86
C PRO C 315 3.73 -39.65 44.47
N TYR C 316 3.07 -40.72 44.02
CA TYR C 316 3.36 -42.06 44.54
C TYR C 316 3.75 -42.99 43.40
N TYR C 317 4.45 -42.40 42.43
CA TYR C 317 4.92 -43.10 41.24
C TYR C 317 5.51 -44.48 41.55
N ASP C 318 6.51 -44.52 42.41
CA ASP C 318 7.17 -45.77 42.77
C ASP C 318 6.17 -46.81 43.27
N GLN C 319 5.34 -46.43 44.24
CA GLN C 319 4.33 -47.36 44.77
C GLN C 319 3.48 -47.90 43.62
N LEU C 320 2.97 -46.99 42.78
CA LEU C 320 2.13 -47.41 41.67
C LEU C 320 2.83 -48.40 40.74
N ALA C 321 4.16 -48.40 40.75
CA ALA C 321 4.91 -49.32 39.90
C ALA C 321 4.71 -50.75 40.39
N ALA C 322 3.91 -51.51 39.65
CA ALA C 322 3.61 -52.90 39.99
C ALA C 322 3.56 -53.79 38.75
N LEU C 323 4.65 -53.84 37.98
CA LEU C 323 4.72 -54.67 36.78
C LEU C 323 5.48 -55.96 37.03
N GLY D 1 -36.75 38.60 -30.01
CA GLY D 1 -35.63 37.67 -29.96
C GLY D 1 -34.62 37.95 -31.06
N GLU D 2 -33.68 37.03 -31.25
CA GLU D 2 -32.66 37.21 -32.28
C GLU D 2 -33.27 37.07 -33.67
N ILE D 3 -32.97 38.03 -34.54
CA ILE D 3 -33.47 38.05 -35.91
C ILE D 3 -32.35 37.57 -36.84
N TYR D 4 -32.68 36.65 -37.74
CA TYR D 4 -31.69 36.14 -38.68
C TYR D 4 -32.40 35.59 -39.91
N THR D 5 -31.71 35.56 -41.04
CA THR D 5 -32.35 35.03 -42.23
C THR D 5 -31.58 33.88 -42.84
N GLU D 6 -32.31 33.02 -43.53
CA GLU D 6 -31.74 31.86 -44.18
C GLU D 6 -32.40 31.68 -45.54
N THR D 7 -31.61 31.20 -46.49
CA THR D 7 -32.12 30.94 -47.83
C THR D 7 -32.32 29.43 -47.89
N LEU D 8 -33.48 29.00 -48.36
CA LEU D 8 -33.77 27.57 -48.44
C LEU D 8 -32.94 26.88 -49.53
N GLN D 9 -32.51 25.64 -49.25
CA GLN D 9 -31.71 24.87 -50.20
C GLN D 9 -32.53 24.48 -51.42
N GLN D 10 -33.80 24.20 -51.20
CA GLN D 10 -34.67 23.82 -52.30
C GLN D 10 -35.12 25.01 -53.13
N THR D 11 -34.89 24.92 -54.43
CA THR D 11 -35.27 25.97 -55.37
C THR D 11 -36.36 25.41 -56.28
N TYR D 12 -37.11 26.31 -56.90
CA TYR D 12 -38.21 25.91 -57.77
C TYR D 12 -38.04 26.47 -59.17
N ALA D 13 -37.98 25.57 -60.15
CA ALA D 13 -37.82 25.95 -61.54
C ALA D 13 -39.03 26.70 -62.07
N TRP D 14 -38.78 27.70 -62.91
CA TRP D 14 -39.87 28.45 -63.50
C TRP D 14 -40.32 27.71 -64.73
N THR D 15 -41.61 27.44 -64.81
CA THR D 15 -42.20 26.79 -65.98
C THR D 15 -43.42 27.63 -66.20
N ALA D 16 -43.79 27.85 -67.46
CA ALA D 16 -44.96 28.65 -67.77
C ALA D 16 -46.23 28.03 -67.20
N GLY D 17 -47.21 28.88 -66.91
CA GLY D 17 -48.52 28.46 -66.39
C GLY D 17 -48.51 27.31 -65.41
N THR D 18 -47.68 27.41 -64.39
CA THR D 18 -47.53 26.36 -63.39
C THR D 18 -47.73 26.89 -61.97
N ASN D 19 -48.45 26.14 -61.15
CA ASN D 19 -48.68 26.54 -59.76
C ASN D 19 -47.65 25.82 -58.90
N ILE D 20 -46.78 26.58 -58.26
CA ILE D 20 -45.75 26.00 -57.44
C ILE D 20 -46.01 26.18 -55.95
N PRO D 21 -46.49 25.12 -55.28
CA PRO D 21 -46.78 25.18 -53.84
C PRO D 21 -45.47 25.03 -53.06
N ILE D 22 -45.10 26.08 -52.34
CA ILE D 22 -43.88 26.05 -51.57
C ILE D 22 -44.15 25.99 -50.07
N LYS D 23 -43.64 24.95 -49.43
CA LYS D 23 -43.81 24.76 -48.00
C LYS D 23 -42.81 25.62 -47.25
N ILE D 24 -43.33 26.48 -46.39
CA ILE D 24 -42.49 27.35 -45.59
C ILE D 24 -42.14 26.66 -44.27
N PRO D 25 -40.84 26.50 -43.96
CA PRO D 25 -40.41 25.84 -42.72
C PRO D 25 -40.73 26.70 -41.50
N ARG D 26 -41.13 26.06 -40.41
CA ARG D 26 -41.47 26.78 -39.19
C ARG D 26 -40.40 26.63 -38.12
N ASN D 27 -39.16 26.99 -38.44
CA ASN D 27 -38.06 26.85 -37.47
C ASN D 27 -38.14 27.84 -36.33
N ASN D 28 -38.84 28.95 -36.55
CA ASN D 28 -39.00 30.00 -35.56
C ASN D 28 -40.07 30.95 -36.07
N PHE D 29 -40.29 32.05 -35.36
CA PHE D 29 -41.27 33.02 -35.83
C PHE D 29 -40.71 33.59 -37.15
N ILE D 30 -41.58 34.11 -37.99
CA ILE D 30 -41.15 34.65 -39.29
C ILE D 30 -41.49 36.13 -39.45
N ARG D 31 -40.50 36.94 -39.79
CA ARG D 31 -40.66 38.39 -39.99
C ARG D 31 -40.98 38.70 -41.46
N LYS D 32 -40.37 37.95 -42.36
CA LYS D 32 -40.62 38.14 -43.78
C LYS D 32 -40.09 37.05 -44.68
N ILE D 33 -40.73 36.95 -45.84
CA ILE D 33 -40.35 35.97 -46.84
C ILE D 33 -39.95 36.71 -48.09
N ARG D 34 -38.81 36.31 -48.64
CA ARG D 34 -38.30 36.93 -49.85
C ARG D 34 -38.30 35.91 -50.98
N VAL D 35 -38.71 36.36 -52.17
CA VAL D 35 -38.74 35.50 -53.35
C VAL D 35 -37.97 36.17 -54.50
N GLN D 36 -36.97 35.44 -55.00
CA GLN D 36 -36.15 35.92 -56.11
C GLN D 36 -36.20 34.96 -57.31
N LEU D 37 -36.64 35.48 -58.45
CA LEU D 37 -36.70 34.71 -59.68
C LEU D 37 -35.38 35.03 -60.38
N ILE D 38 -34.45 34.07 -60.36
CA ILE D 38 -33.14 34.28 -60.95
C ILE D 38 -32.77 33.27 -62.03
N GLY D 39 -32.17 33.77 -63.09
CA GLY D 39 -31.75 32.93 -64.19
C GLY D 39 -31.52 33.79 -65.42
N SER D 40 -32.14 33.39 -66.52
CA SER D 40 -31.97 34.16 -67.74
C SER D 40 -33.12 33.95 -68.71
N ILE D 41 -33.16 34.81 -69.72
CA ILE D 41 -34.14 34.76 -70.76
C ILE D 41 -33.33 34.62 -72.05
N SER D 42 -33.51 33.51 -72.77
CA SER D 42 -32.77 33.30 -73.99
C SER D 42 -33.61 33.41 -75.26
N ASN D 43 -32.93 33.71 -76.36
CA ASN D 43 -33.57 33.84 -77.66
C ASN D 43 -32.82 32.92 -78.64
N SER D 44 -33.50 31.90 -79.13
CA SER D 44 -32.88 30.95 -80.05
C SER D 44 -33.23 31.29 -81.50
N GLY D 45 -33.96 32.38 -81.68
CA GLY D 45 -34.35 32.79 -83.02
C GLY D 45 -33.16 33.36 -83.78
N THR D 46 -33.41 33.79 -85.01
CA THR D 46 -32.36 34.37 -85.82
C THR D 46 -32.36 35.89 -85.71
N ALA D 47 -33.48 36.44 -85.26
CA ALA D 47 -33.62 37.88 -85.08
C ALA D 47 -33.73 38.22 -83.58
N ALA D 48 -33.28 39.41 -83.22
CA ALA D 48 -33.35 39.85 -81.83
C ALA D 48 -34.83 40.01 -81.48
N VAL D 49 -35.16 39.86 -80.20
CA VAL D 49 -36.53 40.01 -79.75
C VAL D 49 -36.62 41.06 -78.66
N THR D 50 -37.60 41.94 -78.77
CA THR D 50 -37.78 43.00 -77.79
C THR D 50 -38.75 42.54 -76.71
N LEU D 51 -38.27 42.47 -75.47
CA LEU D 51 -39.12 42.04 -74.36
C LEU D 51 -40.26 43.04 -74.16
N PRO D 52 -41.38 42.57 -73.60
CA PRO D 52 -42.53 43.46 -73.39
C PRO D 52 -42.30 44.62 -72.42
N SER D 53 -43.22 45.56 -72.42
CA SER D 53 -43.14 46.72 -71.56
C SER D 53 -43.69 46.38 -70.18
N ALA D 54 -43.76 47.38 -69.32
CA ALA D 54 -44.30 47.21 -67.97
C ALA D 54 -45.70 46.60 -68.18
N PRO D 55 -46.17 45.74 -67.25
CA PRO D 55 -45.53 45.27 -66.02
C PRO D 55 -44.46 44.19 -66.12
N PHE D 56 -43.93 43.93 -67.31
CA PHE D 56 -42.85 42.94 -67.38
C PHE D 56 -41.71 43.61 -66.62
N PRO D 57 -40.85 42.86 -65.91
CA PRO D 57 -40.81 41.40 -65.72
C PRO D 57 -41.60 40.89 -64.52
N TYR D 58 -42.28 41.77 -63.78
CA TYR D 58 -43.05 41.32 -62.61
C TYR D 58 -44.18 40.36 -62.97
N ASN D 59 -44.76 40.55 -64.15
CA ASN D 59 -45.86 39.70 -64.56
C ASN D 59 -45.42 38.30 -65.03
N LEU D 60 -44.15 37.95 -64.80
CA LEU D 60 -43.66 36.60 -65.10
C LEU D 60 -44.22 35.68 -64.01
N VAL D 61 -44.78 36.31 -62.98
CA VAL D 61 -45.47 35.61 -61.89
C VAL D 61 -46.88 36.13 -62.06
N GLN D 62 -47.84 35.24 -62.17
CA GLN D 62 -49.21 35.70 -62.33
C GLN D 62 -49.78 36.08 -60.96
N THR D 63 -49.63 35.17 -59.99
CA THR D 63 -50.13 35.45 -58.64
C THR D 63 -49.35 34.77 -57.52
N PHE D 64 -49.30 35.44 -56.37
CA PHE D 64 -48.66 34.93 -55.17
C PHE D 64 -49.76 34.70 -54.14
N ASN D 65 -49.78 33.54 -53.53
CA ASN D 65 -50.76 33.28 -52.50
C ASN D 65 -50.03 32.74 -51.29
N LEU D 66 -50.08 33.47 -50.17
CA LEU D 66 -49.43 33.02 -48.95
C LEU D 66 -50.53 32.68 -47.97
N SER D 67 -50.56 31.42 -47.55
CA SER D 67 -51.59 30.95 -46.62
C SER D 67 -51.04 29.91 -45.66
N TYR D 68 -51.84 29.62 -44.62
CA TYR D 68 -51.47 28.63 -43.63
C TYR D 68 -52.72 27.93 -43.11
N GLU D 69 -52.53 26.73 -42.57
CA GLU D 69 -53.64 25.95 -42.05
C GLU D 69 -54.74 25.84 -43.09
N GLY D 70 -54.31 25.69 -44.34
CA GLY D 70 -55.21 25.54 -45.45
C GLY D 70 -56.07 26.71 -45.89
N SER D 71 -56.77 27.36 -44.97
CA SER D 71 -57.69 28.44 -45.35
C SER D 71 -57.40 29.89 -44.98
N LYS D 72 -56.40 30.14 -44.13
CA LYS D 72 -56.10 31.50 -43.76
C LYS D 72 -55.07 32.13 -44.71
N THR D 73 -55.46 33.24 -45.32
CA THR D 73 -54.63 33.94 -46.29
C THR D 73 -53.96 35.22 -45.78
N LEU D 74 -52.64 35.27 -45.91
CA LEU D 74 -51.85 36.42 -45.52
C LEU D 74 -51.69 37.34 -46.73
N TYR D 75 -51.47 36.74 -47.89
CA TYR D 75 -51.29 37.47 -49.14
C TYR D 75 -52.00 36.79 -50.32
N SER D 76 -52.62 37.61 -51.16
CA SER D 76 -53.30 37.16 -52.37
C SER D 76 -53.10 38.35 -53.32
N VAL D 77 -52.02 38.30 -54.09
CA VAL D 77 -51.68 39.40 -54.98
C VAL D 77 -51.05 38.91 -56.27
N SER D 78 -51.17 39.71 -57.33
CA SER D 78 -50.57 39.37 -58.61
C SER D 78 -49.07 39.64 -58.50
N GLY D 79 -48.29 39.08 -59.41
CA GLY D 79 -46.86 39.33 -59.39
C GLY D 79 -46.63 40.79 -59.75
N THR D 80 -47.54 41.33 -60.56
CA THR D 80 -47.51 42.73 -61.01
C THR D 80 -47.75 43.73 -59.89
N GLY D 81 -48.86 43.54 -59.17
CA GLY D 81 -49.18 44.43 -58.08
C GLY D 81 -48.10 44.47 -57.00
N LEU D 82 -47.64 43.31 -56.57
CA LEU D 82 -46.61 43.24 -55.53
C LEU D 82 -45.29 43.82 -56.02
N GLY D 83 -45.00 43.65 -57.31
CA GLY D 83 -43.77 44.18 -57.86
C GLY D 83 -43.80 45.70 -57.89
N ILE D 84 -44.94 46.26 -58.23
CA ILE D 84 -45.07 47.71 -58.25
C ILE D 84 -44.93 48.26 -56.82
N LEU D 85 -45.46 47.53 -55.83
CA LEU D 85 -45.36 47.95 -54.44
C LEU D 85 -43.88 47.93 -54.07
N MSE D 86 -43.17 46.89 -54.50
CA MSE D 86 -41.73 46.78 -54.24
C MSE D 86 -40.99 47.98 -54.84
O MSE D 86 -40.08 48.55 -54.24
CB MSE D 86 -41.17 45.49 -54.83
CG MSE D 86 -41.75 44.22 -54.21
SE MSE D 86 -41.55 44.21 -52.27
CE MSE D 86 -39.65 43.88 -52.21
N TYR D 87 -41.40 48.36 -56.05
CA TYR D 87 -40.81 49.50 -56.75
C TYR D 87 -40.89 50.78 -55.91
N TYR D 88 -42.10 51.15 -55.49
CA TYR D 88 -42.29 52.36 -54.69
C TYR D 88 -41.61 52.24 -53.34
N THR D 89 -41.74 51.05 -52.78
CA THR D 89 -41.22 50.70 -51.47
C THR D 89 -39.70 50.62 -51.34
N THR D 90 -38.99 50.53 -52.46
CA THR D 90 -37.53 50.45 -52.45
C THR D 90 -36.88 51.66 -53.10
N LYS D 91 -37.64 52.74 -53.25
CA LYS D 91 -37.14 53.95 -53.89
C LYS D 91 -36.71 53.58 -55.30
N GLY D 92 -37.42 52.61 -55.87
CA GLY D 92 -37.16 52.14 -57.22
C GLY D 92 -35.92 51.28 -57.37
N GLN D 93 -35.32 50.87 -56.26
CA GLN D 93 -34.10 50.07 -56.34
C GLN D 93 -34.32 48.56 -56.39
N ASN D 94 -35.56 48.13 -56.18
CA ASN D 94 -35.86 46.70 -56.21
C ASN D 94 -35.37 45.98 -57.47
N PRO D 95 -34.70 44.84 -57.30
CA PRO D 95 -34.21 44.09 -58.46
C PRO D 95 -35.36 43.68 -59.39
N ALA D 96 -35.28 44.13 -60.64
CA ALA D 96 -36.28 43.80 -61.65
C ALA D 96 -35.61 43.75 -63.03
N TYR D 97 -34.66 42.84 -63.17
CA TYR D 97 -33.92 42.66 -64.41
C TYR D 97 -34.53 41.49 -65.19
N PRO D 98 -34.67 41.64 -66.52
CA PRO D 98 -34.29 42.84 -67.29
C PRO D 98 -35.39 43.89 -67.28
N ALA D 99 -35.04 45.14 -67.57
CA ALA D 99 -36.04 46.21 -67.60
C ALA D 99 -36.96 45.97 -68.78
N PRO D 100 -38.20 46.48 -68.71
CA PRO D 100 -39.11 46.27 -69.84
C PRO D 100 -38.55 46.90 -71.12
N GLY D 101 -38.84 46.28 -72.25
CA GLY D 101 -38.37 46.81 -73.52
C GLY D 101 -36.94 46.45 -73.86
N THR D 102 -36.30 45.66 -73.01
CA THR D 102 -34.93 45.22 -73.23
C THR D 102 -34.85 44.25 -74.40
N SER D 103 -33.79 44.37 -75.21
CA SER D 103 -33.64 43.49 -76.36
C SER D 103 -32.83 42.24 -76.05
N VAL D 104 -33.30 41.10 -76.53
CA VAL D 104 -32.59 39.85 -76.33
C VAL D 104 -31.98 39.51 -77.70
N PRO D 105 -30.64 39.48 -77.79
CA PRO D 105 -29.95 39.17 -79.05
C PRO D 105 -30.27 37.78 -79.59
N ALA D 106 -30.25 37.65 -80.91
CA ALA D 106 -30.51 36.37 -81.55
C ALA D 106 -29.46 35.41 -81.01
N SER D 107 -29.88 34.19 -80.70
CA SER D 107 -28.96 33.19 -80.17
C SER D 107 -28.28 33.72 -78.92
N GLY D 108 -28.90 34.71 -78.27
CA GLY D 108 -28.31 35.26 -77.07
C GLY D 108 -29.27 35.20 -75.90
N SER D 109 -28.93 35.91 -74.83
CA SER D 109 -29.78 35.95 -73.65
C SER D 109 -29.43 37.13 -72.77
N VAL D 110 -30.38 37.50 -71.90
CA VAL D 110 -30.18 38.60 -70.96
C VAL D 110 -30.46 38.01 -69.57
N ASN D 111 -29.89 38.62 -68.54
CA ASN D 111 -30.08 38.14 -67.18
C ASN D 111 -31.45 38.45 -66.59
N LEU D 112 -31.96 37.51 -65.81
CA LEU D 112 -33.26 37.65 -65.16
C LEU D 112 -33.03 37.66 -63.64
N ASN D 113 -33.56 38.69 -62.97
CA ASN D 113 -33.42 38.81 -61.52
C ASN D 113 -34.53 39.71 -60.99
N VAL D 114 -35.63 39.09 -60.56
CA VAL D 114 -36.78 39.80 -60.05
C VAL D 114 -37.01 39.41 -58.58
N MSE D 115 -37.20 40.42 -57.73
CA MSE D 115 -37.42 40.17 -56.32
C MSE D 115 -38.76 40.69 -55.82
O MSE D 115 -39.27 41.71 -56.29
CB MSE D 115 -36.29 40.82 -55.50
CG MSE D 115 -36.36 40.51 -54.02
SE MSE D 115 -35.02 41.48 -53.02
CE MSE D 115 -33.58 40.20 -53.13
N TRP D 116 -39.32 39.96 -54.86
CA TRP D 116 -40.59 40.29 -54.22
C TRP D 116 -40.41 39.96 -52.75
N GLU D 117 -40.99 40.76 -51.87
CA GLU D 117 -40.89 40.48 -50.45
C GLU D 117 -42.25 40.53 -49.78
N PHE D 118 -42.45 39.61 -48.85
CA PHE D 118 -43.69 39.49 -48.10
C PHE D 118 -43.45 39.82 -46.63
N ASP D 119 -43.95 40.98 -46.20
CA ASP D 119 -43.80 41.41 -44.81
C ASP D 119 -44.81 40.62 -43.97
N LEU D 120 -44.31 39.84 -43.02
CA LEU D 120 -45.16 39.03 -42.15
C LEU D 120 -45.28 39.57 -40.73
N ALA D 121 -44.84 40.81 -40.51
CA ALA D 121 -44.87 41.40 -39.18
C ALA D 121 -44.02 40.47 -38.32
N ARG D 122 -44.62 39.79 -37.37
CA ARG D 122 -43.89 38.84 -36.55
C ARG D 122 -44.80 37.64 -36.39
N PHE D 123 -44.92 36.88 -37.47
CA PHE D 123 -45.78 35.71 -37.55
C PHE D 123 -45.34 34.56 -36.66
N PRO D 124 -46.26 34.01 -35.85
CA PRO D 124 -45.99 32.90 -34.93
C PRO D 124 -45.99 31.57 -35.68
N ALA D 125 -45.06 31.44 -36.63
CA ALA D 125 -44.94 30.24 -37.47
C ALA D 125 -44.85 28.93 -36.69
N THR D 126 -44.20 28.95 -35.53
CA THR D 126 -44.07 27.73 -34.75
C THR D 126 -45.39 27.24 -34.16
N MSE D 127 -46.41 28.10 -34.16
CA MSE D 127 -47.71 27.73 -33.59
C MSE D 127 -48.81 27.42 -34.59
O MSE D 127 -49.96 27.22 -34.21
CB MSE D 127 -48.20 28.84 -32.67
CG MSE D 127 -47.22 29.14 -31.55
SE MSE D 127 -47.92 30.48 -30.37
CE MSE D 127 -48.75 29.29 -29.08
N VAL D 128 -48.47 27.38 -35.88
CA VAL D 128 -49.46 27.06 -36.89
C VAL D 128 -48.92 25.93 -37.73
N GLN D 129 -49.72 25.43 -38.66
CA GLN D 129 -49.27 24.35 -39.53
C GLN D 129 -49.53 24.66 -41.02
N ASN D 130 -48.78 23.97 -41.87
CA ASN D 130 -48.91 24.09 -43.31
C ASN D 130 -48.86 25.52 -43.87
N ILE D 131 -47.72 26.17 -43.73
CA ILE D 131 -47.57 27.51 -44.29
C ILE D 131 -47.15 27.26 -45.74
N ILE D 132 -47.99 27.71 -46.67
CA ILE D 132 -47.74 27.51 -48.09
C ILE D 132 -47.71 28.80 -48.89
N LEU D 133 -46.62 28.99 -49.62
CA LEU D 133 -46.51 30.14 -50.51
C LEU D 133 -46.67 29.55 -51.90
N SER D 134 -47.78 29.84 -52.55
CA SER D 134 -48.03 29.33 -53.89
C SER D 134 -47.70 30.39 -54.95
N ILE D 135 -46.84 30.02 -55.88
CA ILE D 135 -46.45 30.91 -56.95
C ILE D 135 -47.07 30.36 -58.22
N LEU D 136 -48.05 31.08 -58.77
CA LEU D 136 -48.65 30.66 -60.04
C LEU D 136 -47.86 31.48 -61.06
N THR D 137 -47.02 30.81 -61.84
CA THR D 137 -46.19 31.50 -62.83
C THR D 137 -47.01 32.07 -63.98
N GLY D 138 -46.48 33.10 -64.63
CA GLY D 138 -47.18 33.68 -65.76
C GLY D 138 -46.78 32.96 -67.03
N GLN D 139 -46.94 33.64 -68.16
CA GLN D 139 -46.58 33.09 -69.46
C GLN D 139 -45.23 33.64 -69.89
N ALA D 140 -44.56 32.93 -70.80
CA ALA D 140 -43.27 33.42 -71.27
C ALA D 140 -43.52 34.48 -72.34
N PRO D 141 -42.63 35.48 -72.45
CA PRO D 141 -42.87 36.50 -73.48
C PRO D 141 -42.72 35.82 -74.85
N SER D 142 -43.41 36.34 -75.85
CA SER D 142 -43.33 35.75 -77.19
C SER D 142 -41.91 35.67 -77.75
N GLY D 143 -41.64 34.60 -78.47
CA GLY D 143 -40.34 34.41 -79.08
C GLY D 143 -39.16 34.21 -78.15
N VAL D 144 -39.42 33.91 -76.88
CA VAL D 144 -38.32 33.74 -75.94
C VAL D 144 -38.58 32.62 -74.95
N SER D 145 -37.51 32.13 -74.32
CA SER D 145 -37.64 31.06 -73.34
C SER D 145 -37.04 31.54 -72.02
N ILE D 146 -37.54 30.99 -70.92
CA ILE D 146 -37.08 31.37 -69.59
C ILE D 146 -36.37 30.19 -68.93
N ASN D 147 -35.17 30.47 -68.44
CA ASN D 147 -34.36 29.45 -67.78
C ASN D 147 -34.02 30.01 -66.40
N ALA D 148 -34.90 29.78 -65.42
CA ALA D 148 -34.67 30.32 -64.09
C ALA D 148 -35.38 29.55 -62.98
N SER D 149 -35.05 29.90 -61.74
CA SER D 149 -35.62 29.29 -60.57
C SER D 149 -35.91 30.34 -59.50
N PHE D 150 -36.82 29.99 -58.59
CA PHE D 150 -37.20 30.85 -57.48
C PHE D 150 -36.37 30.47 -56.26
N TYR D 151 -35.78 31.46 -55.64
CA TYR D 151 -35.00 31.24 -54.43
C TYR D 151 -35.78 31.86 -53.28
N ILE D 152 -35.98 31.07 -52.23
CA ILE D 152 -36.75 31.51 -51.08
C ILE D 152 -35.84 31.80 -49.89
N THR D 153 -35.98 33.00 -49.34
CA THR D 153 -35.16 33.41 -48.21
C THR D 153 -36.09 33.84 -47.08
N ILE D 154 -35.92 33.23 -45.90
CA ILE D 154 -36.77 33.53 -44.75
C ILE D 154 -36.07 34.33 -43.66
N THR D 155 -36.72 35.37 -43.19
CA THR D 155 -36.18 36.16 -42.10
C THR D 155 -36.92 35.63 -40.88
N TYR D 156 -36.18 35.01 -39.97
CA TYR D 156 -36.78 34.47 -38.76
C TYR D 156 -36.47 35.32 -37.54
N GLU D 157 -37.17 35.02 -36.46
CA GLU D 157 -36.94 35.67 -35.19
C GLU D 157 -37.16 34.61 -34.13
N ARG D 158 -36.12 34.30 -33.36
CA ARG D 158 -36.22 33.31 -32.31
C ARG D 158 -36.96 33.94 -31.14
N VAL D 159 -38.26 33.66 -31.06
CA VAL D 159 -39.10 34.20 -30.00
C VAL D 159 -39.35 33.12 -28.95
N THR D 160 -38.71 33.26 -27.79
CA THR D 160 -38.83 32.29 -26.71
C THR D 160 -40.21 32.31 -26.06
N ALA D 161 -40.59 31.19 -25.47
CA ALA D 161 -41.86 31.09 -24.77
C ALA D 161 -41.80 32.14 -23.65
N GLN D 162 -40.62 32.28 -23.07
CA GLN D 162 -40.42 33.24 -21.99
C GLN D 162 -40.65 34.65 -22.48
N GLU D 163 -40.35 34.91 -23.75
CA GLU D 163 -40.58 36.24 -24.28
C GLU D 163 -42.06 36.44 -24.50
N ILE D 164 -42.73 35.39 -24.96
CA ILE D 164 -44.17 35.47 -25.21
C ILE D 164 -44.92 35.72 -23.90
N LEU D 165 -44.42 35.15 -22.80
CA LEU D 165 -45.06 35.33 -21.50
C LEU D 165 -44.92 36.78 -21.03
N SER D 166 -43.73 37.33 -21.17
CA SER D 166 -43.48 38.69 -20.75
C SER D 166 -44.25 39.68 -21.60
N GLU D 167 -44.74 39.23 -22.75
CA GLU D 167 -45.50 40.09 -23.66
C GLU D 167 -47.00 39.87 -23.61
N GLY D 168 -47.48 39.24 -22.53
CA GLY D 168 -48.91 39.02 -22.39
C GLY D 168 -49.41 37.63 -22.69
N GLY D 169 -48.49 36.70 -22.96
CA GLY D 169 -48.91 35.34 -23.25
C GLY D 169 -49.77 35.23 -24.51
N LEU D 170 -50.55 34.17 -24.58
CA LEU D 170 -51.40 33.91 -25.75
C LEU D 170 -52.76 34.59 -25.71
N GLY D 171 -53.40 34.65 -26.87
CA GLY D 171 -54.71 35.26 -26.98
C GLY D 171 -55.73 34.33 -26.32
N ALA D 172 -56.98 34.77 -26.27
CA ALA D 172 -58.04 33.98 -25.65
C ALA D 172 -58.12 32.55 -26.14
N ASP D 173 -58.21 32.35 -27.45
CA ASP D 173 -58.30 31.01 -28.01
C ASP D 173 -57.01 30.21 -27.92
N GLY D 174 -55.98 30.81 -27.32
CA GLY D 174 -54.71 30.11 -27.17
C GLY D 174 -54.00 29.68 -28.44
N GLU D 175 -54.39 30.25 -29.58
CA GLU D 175 -53.77 29.88 -30.84
C GLU D 175 -52.50 30.67 -31.18
N MSE D 176 -52.50 31.96 -30.89
CA MSE D 176 -51.34 32.79 -31.18
C MSE D 176 -51.05 33.78 -30.05
O MSE D 176 -51.90 34.00 -29.18
CB MSE D 176 -51.55 33.58 -32.47
CG MSE D 176 -51.90 32.74 -33.69
SE MSE D 176 -52.20 33.84 -35.27
CE MSE D 176 -51.82 32.53 -36.64
N PRO D 177 -49.84 34.38 -30.04
CA PRO D 177 -49.48 35.35 -29.02
C PRO D 177 -50.50 36.48 -29.02
N LEU D 178 -50.79 37.02 -27.85
CA LEU D 178 -51.75 38.11 -27.74
C LEU D 178 -51.35 39.30 -28.58
N ALA D 179 -50.07 39.62 -28.59
CA ALA D 179 -49.55 40.76 -29.33
C ALA D 179 -49.23 40.46 -30.80
N THR D 180 -50.10 39.70 -31.46
CA THR D 180 -49.90 39.33 -32.86
C THR D 180 -50.61 40.25 -33.86
N VAL D 181 -49.88 40.63 -34.90
CA VAL D 181 -50.43 41.45 -35.96
C VAL D 181 -50.29 40.59 -37.20
N LEU D 182 -51.41 40.32 -37.86
CA LEU D 182 -51.41 39.49 -39.04
C LEU D 182 -51.58 40.32 -40.30
N PRO D 183 -50.65 40.18 -41.26
CA PRO D 183 -50.81 40.97 -42.48
C PRO D 183 -51.98 40.42 -43.28
N LYS D 184 -52.66 41.30 -44.02
CA LYS D 184 -53.79 40.92 -44.85
C LYS D 184 -53.66 41.75 -46.12
N VAL D 185 -52.74 41.33 -46.98
CA VAL D 185 -52.44 42.03 -48.22
C VAL D 185 -53.14 41.35 -49.39
N ILE D 186 -54.22 41.96 -49.84
CA ILE D 186 -55.07 41.43 -50.91
C ILE D 186 -55.27 42.37 -52.08
N GLU D 187 -55.25 41.82 -53.29
CA GLU D 187 -55.46 42.63 -54.48
C GLU D 187 -56.86 42.37 -55.02
N ILE D 188 -57.63 43.44 -55.16
CA ILE D 188 -59.00 43.35 -55.62
C ILE D 188 -59.21 44.13 -56.91
N PRO D 189 -59.67 43.45 -57.98
CA PRO D 189 -59.90 44.12 -59.26
C PRO D 189 -61.32 44.66 -59.41
N THR D 190 -61.48 45.60 -60.34
CA THR D 190 -62.77 46.18 -60.66
C THR D 190 -62.70 46.40 -62.17
N PHE D 191 -63.40 45.57 -62.91
CA PHE D 191 -63.38 45.65 -64.37
C PHE D 191 -64.38 46.61 -64.97
N ASN D 192 -64.05 47.05 -66.18
CA ASN D 192 -64.89 47.93 -66.98
C ASN D 192 -65.33 49.26 -66.36
N VAL D 193 -64.44 49.90 -65.63
CA VAL D 193 -64.78 51.19 -65.04
C VAL D 193 -64.85 52.18 -66.21
N PRO D 194 -66.00 52.82 -66.40
CA PRO D 194 -66.21 53.79 -67.50
C PRO D 194 -65.47 55.11 -67.38
N ALA D 195 -65.26 55.74 -68.53
CA ALA D 195 -64.56 57.02 -68.59
C ALA D 195 -65.41 58.13 -68.00
N SER D 196 -64.78 59.06 -67.30
CA SER D 196 -65.48 60.17 -66.69
C SER D 196 -64.46 61.22 -66.24
N SER D 197 -64.81 62.50 -66.31
CA SER D 197 -63.89 63.54 -65.85
C SER D 197 -64.07 63.71 -64.34
N ALA D 198 -65.23 63.29 -63.85
CA ALA D 198 -65.55 63.35 -62.43
C ALA D 198 -65.38 61.92 -61.89
N PRO D 199 -64.89 61.76 -60.66
CA PRO D 199 -64.70 60.42 -60.07
C PRO D 199 -65.98 59.61 -59.88
N ILE D 200 -65.97 58.36 -60.31
CA ILE D 200 -67.12 57.49 -60.13
C ILE D 200 -66.73 56.29 -59.25
N HIS D 201 -67.74 55.62 -58.70
CA HIS D 201 -67.54 54.48 -57.82
C HIS D 201 -66.76 53.32 -58.43
N VAL D 202 -65.69 52.92 -57.77
CA VAL D 202 -64.93 51.77 -58.25
C VAL D 202 -65.30 50.59 -57.34
N ALA D 203 -65.09 50.77 -56.03
CA ALA D 203 -65.41 49.73 -55.04
C ALA D 203 -65.50 50.28 -53.62
N TYR D 204 -65.97 49.43 -52.70
CA TYR D 204 -66.11 49.78 -51.29
C TYR D 204 -65.03 49.06 -50.51
N LEU D 205 -64.47 49.71 -49.50
CA LEU D 205 -63.44 49.07 -48.69
C LEU D 205 -64.13 48.06 -47.77
N GLN D 206 -63.57 46.87 -47.70
CA GLN D 206 -64.10 45.79 -46.88
C GLN D 206 -63.77 46.04 -45.39
N PRO D 207 -64.77 45.90 -44.50
CA PRO D 207 -64.51 46.11 -43.08
C PRO D 207 -63.78 44.89 -42.53
N GLY D 208 -63.49 44.92 -41.24
CA GLY D 208 -62.80 43.80 -40.62
C GLY D 208 -61.30 43.79 -40.74
N GLN D 209 -60.70 44.92 -41.16
CA GLN D 209 -59.25 45.00 -41.30
C GLN D 209 -58.76 46.44 -41.12
N ILE D 210 -57.46 46.61 -41.00
CA ILE D 210 -56.86 47.93 -40.83
C ILE D 210 -56.01 48.26 -42.06
N TYR D 211 -56.38 49.33 -42.76
CA TYR D 211 -55.73 49.77 -43.99
C TYR D 211 -54.55 50.73 -43.81
N LYS D 212 -53.36 50.27 -44.21
CA LYS D 212 -52.16 51.09 -44.09
C LYS D 212 -51.94 51.86 -45.40
N ARG D 213 -52.01 51.17 -46.52
CA ARG D 213 -51.83 51.83 -47.81
C ARG D 213 -52.52 51.08 -48.94
N GLN D 214 -52.87 51.81 -49.99
CA GLN D 214 -53.54 51.25 -51.14
C GLN D 214 -52.80 51.58 -52.42
N LEU D 215 -52.40 50.55 -53.16
CA LEU D 215 -51.74 50.74 -54.43
C LEU D 215 -52.79 50.60 -55.51
N VAL D 216 -52.94 51.64 -56.33
CA VAL D 216 -53.91 51.60 -57.40
C VAL D 216 -53.21 51.78 -58.74
N TYR D 217 -53.56 50.93 -59.70
CA TYR D 217 -53.03 51.06 -61.04
C TYR D 217 -54.11 50.65 -62.02
N VAL D 218 -54.14 51.31 -63.17
CA VAL D 218 -55.17 51.02 -64.16
C VAL D 218 -54.57 50.55 -65.48
N ILE D 219 -55.28 49.66 -66.13
CA ILE D 219 -54.86 49.09 -67.39
C ILE D 219 -55.73 49.57 -68.54
N ASN D 220 -55.09 50.13 -69.57
CA ASN D 220 -55.79 50.60 -70.77
C ASN D 220 -55.70 49.46 -71.78
N SER D 221 -56.80 49.17 -72.49
CA SER D 221 -56.80 48.06 -73.44
C SER D 221 -55.74 48.14 -74.54
N THR D 222 -55.33 49.34 -74.92
CA THR D 222 -54.30 49.45 -75.95
C THR D 222 -52.95 49.86 -75.38
N SER D 223 -52.95 50.79 -74.42
CA SER D 223 -51.71 51.26 -73.79
C SER D 223 -51.18 50.35 -72.68
N GLY D 224 -52.03 49.49 -72.14
CA GLY D 224 -51.58 48.64 -71.06
C GLY D 224 -51.53 49.49 -69.80
N ILE D 225 -50.52 49.30 -68.96
CA ILE D 225 -50.41 50.08 -67.73
C ILE D 225 -49.69 51.42 -67.98
N ASN D 226 -49.15 51.58 -69.17
CA ASN D 226 -48.46 52.82 -69.51
C ASN D 226 -49.41 53.81 -70.17
N ASN D 227 -50.27 54.40 -69.33
CA ASN D 227 -51.25 55.36 -69.79
C ASN D 227 -51.36 56.51 -68.79
N THR D 228 -52.13 57.52 -69.17
CA THR D 228 -52.36 58.69 -68.32
C THR D 228 -53.87 58.89 -68.14
N ASP D 229 -54.60 57.78 -68.13
CA ASP D 229 -56.06 57.79 -67.97
C ASP D 229 -56.58 58.32 -66.64
N PRO D 230 -55.96 57.94 -65.51
CA PRO D 230 -56.50 58.47 -64.26
C PRO D 230 -56.18 59.95 -64.00
N THR D 231 -57.21 60.73 -63.70
CA THR D 231 -57.03 62.16 -63.46
C THR D 231 -57.41 62.59 -62.05
N GLU D 232 -58.11 61.71 -61.32
CA GLU D 232 -58.52 62.06 -59.97
C GLU D 232 -58.88 60.84 -59.13
N TYR D 233 -58.50 60.88 -57.85
CA TYR D 233 -58.78 59.82 -56.89
C TYR D 233 -59.61 60.45 -55.77
N GLU D 234 -60.58 59.70 -55.27
CA GLU D 234 -61.45 60.19 -54.20
C GLU D 234 -61.88 59.07 -53.25
N LEU D 235 -61.70 59.29 -51.95
CA LEU D 235 -62.11 58.33 -50.93
C LEU D 235 -63.31 58.99 -50.27
N LYS D 236 -64.47 58.36 -50.37
CA LYS D 236 -65.67 58.97 -49.83
C LYS D 236 -66.49 58.08 -48.90
N ILE D 237 -66.89 58.67 -47.76
CA ILE D 237 -67.73 57.99 -46.80
C ILE D 237 -69.14 58.25 -47.33
N VAL D 238 -69.82 57.19 -47.76
CA VAL D 238 -71.16 57.30 -48.32
C VAL D 238 -72.30 57.04 -47.34
N ARG D 239 -71.98 56.54 -46.14
CA ARG D 239 -73.02 56.28 -45.15
C ARG D 239 -73.09 57.45 -44.18
N GLY D 240 -74.31 57.88 -43.86
CA GLY D 240 -74.48 59.01 -42.98
C GLY D 240 -74.27 60.24 -43.85
N VAL D 241 -73.75 61.31 -43.29
CA VAL D 241 -73.50 62.51 -44.08
C VAL D 241 -72.35 62.17 -45.03
N PRO D 242 -72.60 62.23 -46.35
CA PRO D 242 -71.59 61.93 -47.37
C PRO D 242 -70.44 62.93 -47.28
N THR D 243 -69.29 62.45 -46.84
CA THR D 243 -68.13 63.32 -46.70
C THR D 243 -66.84 62.74 -47.27
N ASP D 244 -66.15 63.53 -48.10
CA ASP D 244 -64.90 63.09 -48.69
C ASP D 244 -63.81 63.09 -47.63
N LYS D 245 -62.95 62.08 -47.66
CA LYS D 245 -61.85 62.02 -46.72
C LYS D 245 -60.61 62.38 -47.51
N ILE D 246 -60.71 62.20 -48.82
CA ILE D 246 -59.62 62.53 -49.71
C ILE D 246 -60.10 62.68 -51.14
N LYS D 247 -59.75 63.82 -51.74
CA LYS D 247 -60.12 64.13 -53.11
C LYS D 247 -58.87 64.83 -53.64
N VAL D 248 -58.15 64.15 -54.52
CA VAL D 248 -56.90 64.69 -55.04
C VAL D 248 -56.71 64.38 -56.52
N SER D 249 -56.06 65.27 -57.24
CA SER D 249 -55.78 65.04 -58.66
C SER D 249 -54.73 63.94 -58.71
N TRP D 250 -54.71 63.18 -59.79
CA TRP D 250 -53.74 62.11 -59.92
C TRP D 250 -52.34 62.74 -59.87
N ALA D 251 -52.20 63.91 -60.48
CA ALA D 251 -50.92 64.62 -60.49
C ALA D 251 -50.49 64.89 -59.06
N ALA D 252 -51.38 65.46 -58.28
CA ALA D 252 -51.08 65.76 -56.89
C ALA D 252 -50.76 64.49 -56.10
N LEU D 253 -51.47 63.40 -56.41
CA LEU D 253 -51.24 62.15 -55.70
C LEU D 253 -49.83 61.63 -56.02
N GLN D 254 -49.50 61.57 -57.30
CA GLN D 254 -48.18 61.11 -57.71
C GLN D 254 -47.06 61.97 -57.12
N ALA D 255 -47.30 63.28 -56.99
CA ALA D 255 -46.30 64.19 -56.42
C ALA D 255 -46.08 63.80 -54.96
N GLU D 256 -47.17 63.51 -54.27
CA GLU D 256 -47.09 63.10 -52.88
C GLU D 256 -46.29 61.80 -52.78
N ASN D 257 -46.52 60.88 -53.73
CA ASN D 257 -45.78 59.60 -53.74
C ASN D 257 -44.28 59.89 -53.93
N GLN D 258 -44.00 60.81 -54.84
CA GLN D 258 -42.63 61.20 -55.15
C GLN D 258 -41.89 61.59 -53.86
N ALA D 259 -42.50 62.47 -53.08
CA ALA D 259 -41.89 62.93 -51.83
C ALA D 259 -41.80 61.84 -50.79
N GLU D 260 -42.85 61.04 -50.67
CA GLU D 260 -42.89 59.96 -49.69
C GLU D 260 -41.93 58.82 -50.01
N TYR D 261 -41.94 58.36 -51.26
CA TYR D 261 -41.09 57.24 -51.64
C TYR D 261 -39.76 57.59 -52.31
N GLN D 262 -39.54 58.87 -52.58
CA GLN D 262 -38.29 59.31 -53.19
C GLN D 262 -38.00 58.60 -54.51
N VAL D 263 -39.01 58.55 -55.37
CA VAL D 263 -38.88 57.94 -56.69
C VAL D 263 -40.05 58.41 -57.54
N ALA D 264 -39.85 58.45 -58.85
CA ALA D 264 -40.90 58.87 -59.76
C ALA D 264 -41.96 57.76 -59.85
N PRO D 265 -43.17 58.11 -60.34
CA PRO D 265 -44.26 57.13 -60.47
C PRO D 265 -43.84 55.93 -61.33
N TYR D 266 -44.32 54.75 -60.97
CA TYR D 266 -44.01 53.54 -61.72
C TYR D 266 -44.43 53.77 -63.17
N SER D 267 -45.59 54.37 -63.36
CA SER D 267 -46.09 54.69 -64.69
C SER D 267 -47.10 55.81 -64.48
N GLY D 268 -47.73 56.27 -65.55
CA GLY D 268 -48.70 57.33 -65.40
C GLY D 268 -50.02 56.83 -64.80
N ALA D 269 -50.16 55.51 -64.70
CA ALA D 269 -51.39 54.93 -64.17
C ALA D 269 -51.28 54.25 -62.81
N SER D 270 -50.22 54.53 -62.06
CA SER D 270 -50.06 53.91 -60.73
C SER D 270 -49.90 54.97 -59.64
N ALA D 271 -50.49 54.71 -58.48
CA ALA D 271 -50.40 55.64 -57.36
C ALA D 271 -50.64 54.92 -56.02
N ILE D 272 -50.02 55.43 -54.97
CA ILE D 272 -50.20 54.83 -53.67
C ILE D 272 -50.87 55.83 -52.74
N ILE D 273 -51.89 55.37 -52.02
CA ILE D 273 -52.57 56.21 -51.07
C ILE D 273 -52.18 55.73 -49.68
N ASP D 274 -51.45 56.56 -48.94
CA ASP D 274 -51.07 56.22 -47.59
C ASP D 274 -52.15 56.84 -46.73
N PHE D 275 -53.04 55.99 -46.21
CA PHE D 275 -54.15 56.46 -45.40
C PHE D 275 -53.70 57.26 -44.19
N ARG D 276 -52.48 57.01 -43.76
CA ARG D 276 -51.85 57.70 -42.63
C ARG D 276 -51.83 59.22 -42.87
N LYS D 277 -51.63 59.61 -44.13
CA LYS D 277 -51.57 61.02 -44.50
C LYS D 277 -52.93 61.70 -44.57
N TYR D 278 -54.00 60.94 -44.35
CA TYR D 278 -55.34 61.53 -44.42
C TYR D 278 -56.22 61.24 -43.20
N PHE D 279 -55.73 60.40 -42.30
CA PHE D 279 -56.45 60.06 -41.08
C PHE D 279 -55.46 60.11 -39.95
N ASN D 280 -55.94 59.93 -38.72
CA ASN D 280 -55.04 59.93 -37.58
C ASN D 280 -54.55 58.50 -37.45
N GLY D 281 -53.54 58.15 -38.23
CA GLY D 281 -53.02 56.81 -38.21
C GLY D 281 -53.65 56.00 -39.33
N ASP D 282 -53.54 54.67 -39.27
CA ASP D 282 -54.10 53.82 -40.30
C ASP D 282 -55.62 53.77 -40.23
N LEU D 283 -56.26 53.56 -41.37
CA LEU D 283 -57.72 53.49 -41.43
C LEU D 283 -58.22 52.15 -40.89
N ASP D 284 -58.57 52.15 -39.60
CA ASP D 284 -59.06 50.96 -38.88
C ASP D 284 -60.55 50.71 -39.14
N LEU D 285 -60.88 49.75 -39.99
CA LEU D 285 -62.28 49.44 -40.26
C LEU D 285 -62.66 48.09 -39.67
N THR D 286 -61.92 47.67 -38.65
CA THR D 286 -62.16 46.39 -37.99
C THR D 286 -63.63 46.16 -37.68
N HIS D 287 -64.27 47.11 -37.03
CA HIS D 287 -65.68 46.96 -36.68
C HIS D 287 -66.57 47.98 -37.38
N ALA D 288 -66.21 48.34 -38.60
CA ALA D 288 -66.98 49.32 -39.35
C ALA D 288 -68.06 48.61 -40.15
N PRO D 289 -69.09 49.34 -40.58
CA PRO D 289 -70.19 48.77 -41.38
C PRO D 289 -69.71 48.62 -42.81
N SER D 290 -70.16 47.58 -43.50
CA SER D 290 -69.75 47.37 -44.88
C SER D 290 -70.30 48.46 -45.79
N ASP D 291 -69.81 48.50 -47.02
CA ASP D 291 -70.25 49.49 -48.00
C ASP D 291 -70.33 50.90 -47.43
N SER D 292 -69.37 51.27 -46.58
CA SER D 292 -69.39 52.60 -45.97
C SER D 292 -68.39 53.59 -46.58
N ILE D 293 -67.25 53.07 -47.03
CA ILE D 293 -66.22 53.89 -47.66
C ILE D 293 -65.89 53.37 -49.05
N GLU D 294 -65.99 54.25 -50.04
CA GLU D 294 -65.70 53.88 -51.42
C GLU D 294 -64.53 54.68 -51.95
N TYR D 295 -63.84 54.13 -52.94
CA TYR D 295 -62.76 54.83 -53.57
C TYR D 295 -63.25 54.99 -55.00
N ASP D 296 -63.16 56.22 -55.50
CA ASP D 296 -63.63 56.56 -56.83
C ASP D 296 -62.48 57.06 -57.68
N LEU D 297 -62.60 56.86 -58.98
CA LEU D 297 -61.57 57.29 -59.91
C LEU D 297 -62.14 58.01 -61.10
N ALA D 298 -61.38 58.98 -61.60
CA ALA D 298 -61.73 59.73 -62.79
C ALA D 298 -60.78 59.16 -63.86
N LEU D 299 -61.35 58.60 -64.91
CA LEU D 299 -60.55 58.00 -65.97
C LEU D 299 -60.95 58.57 -67.33
N GLN D 300 -59.98 58.72 -68.22
CA GLN D 300 -60.24 59.28 -69.54
C GLN D 300 -60.66 58.20 -70.53
N ASN D 301 -60.48 56.94 -70.14
CA ASN D 301 -60.85 55.80 -70.98
C ASN D 301 -61.38 54.69 -70.10
N GLN D 302 -62.33 53.93 -70.61
CA GLN D 302 -62.87 52.81 -69.85
C GLN D 302 -61.73 51.81 -69.68
N ASP D 303 -61.35 51.55 -68.44
CA ASP D 303 -60.23 50.65 -68.13
C ASP D 303 -60.56 49.69 -66.98
N ASN D 304 -59.65 48.74 -66.76
CA ASN D 304 -59.80 47.80 -65.66
C ASN D 304 -58.93 48.38 -64.54
N VAL D 305 -59.46 48.38 -63.32
CA VAL D 305 -58.75 48.92 -62.17
C VAL D 305 -58.32 47.84 -61.18
N TYR D 306 -57.09 47.97 -60.68
CA TYR D 306 -56.55 47.01 -59.72
C TYR D 306 -56.12 47.72 -58.45
N SER D 307 -56.62 47.24 -57.33
CA SER D 307 -56.29 47.82 -56.04
C SER D 307 -55.65 46.81 -55.12
N LEU D 308 -54.39 47.04 -54.77
CA LEU D 308 -53.69 46.16 -53.86
C LEU D 308 -53.67 46.87 -52.49
N TYR D 309 -54.36 46.25 -51.53
CA TYR D 309 -54.47 46.79 -50.18
C TYR D 309 -53.43 46.24 -49.21
N VAL D 310 -52.63 47.13 -48.64
CA VAL D 310 -51.66 46.69 -47.66
C VAL D 310 -52.34 46.94 -46.33
N SER D 311 -52.99 45.90 -45.81
CA SER D 311 -53.72 45.98 -44.55
C SER D 311 -53.25 44.92 -43.58
N TYR D 312 -53.79 44.97 -42.36
CA TYR D 312 -53.47 44.00 -41.34
C TYR D 312 -54.66 43.82 -40.42
N VAL D 313 -54.60 42.76 -39.61
CA VAL D 313 -55.65 42.43 -38.68
C VAL D 313 -55.05 41.98 -37.36
N LEU D 314 -55.69 42.38 -36.27
CA LEU D 314 -55.25 41.98 -34.94
C LEU D 314 -56.20 40.86 -34.53
N PRO D 315 -55.74 39.60 -34.54
CA PRO D 315 -56.61 38.47 -34.15
C PRO D 315 -57.24 38.64 -32.77
N TYR D 316 -56.57 39.38 -31.89
CA TYR D 316 -57.08 39.61 -30.55
C TYR D 316 -57.35 41.09 -30.36
N TYR D 317 -57.90 41.71 -31.39
CA TYR D 317 -58.23 43.12 -31.40
C TYR D 317 -59.02 43.55 -30.16
N ASP D 318 -60.19 42.97 -29.98
CA ASP D 318 -61.03 43.33 -28.85
C ASP D 318 -60.31 43.14 -27.52
N GLN D 319 -59.70 41.97 -27.35
CA GLN D 319 -58.99 41.66 -26.12
C GLN D 319 -57.98 42.77 -25.82
N LEU D 320 -57.47 43.42 -26.87
CA LEU D 320 -56.50 44.49 -26.67
C LEU D 320 -57.25 45.77 -26.31
N ALA D 321 -57.96 45.70 -25.19
CA ALA D 321 -58.73 46.83 -24.67
C ALA D 321 -58.27 47.07 -23.23
N ALA D 322 -57.07 46.59 -22.92
CA ALA D 322 -56.50 46.74 -21.60
C ALA D 322 -56.08 48.20 -21.45
N LEU D 323 -56.42 49.00 -22.45
CA LEU D 323 -56.09 50.42 -22.44
C LEU D 323 -56.91 51.17 -21.38
C1 MPD E . -8.09 56.59 -56.39
C2 MPD E . -8.74 55.42 -57.10
O2 MPD E . -10.14 55.59 -56.90
CM MPD E . -8.40 55.43 -58.57
C3 MPD E . -8.45 54.02 -56.49
C4 MPD E . -7.04 53.45 -56.61
O4 MPD E . -6.11 54.31 -56.00
C5 MPD E . -6.95 52.09 -55.94
C1 MPD F . -12.74 33.80 -51.02
C2 MPD F . -11.82 33.58 -52.20
O2 MPD F . -12.59 33.89 -53.38
CM MPD F . -10.64 34.48 -52.14
C3 MPD F . -11.31 32.12 -52.35
C4 MPD F . -12.35 31.00 -52.49
O4 MPD F . -13.14 31.19 -53.64
C5 MPD F . -11.68 29.65 -52.61
C1 MPD G . -6.79 11.84 -41.10
C2 MPD G . -7.28 12.67 -39.91
O2 MPD G . -6.42 12.30 -38.81
CM MPD G . -7.12 14.13 -40.18
C3 MPD G . -8.72 12.34 -39.43
C4 MPD G . -9.93 12.47 -40.40
O4 MPD G . -9.82 11.61 -41.52
C5 MPD G . -11.22 12.12 -39.70
C1 MPD H . 0.99 58.15 -57.13
C2 MPD H . 2.02 59.23 -57.29
O2 MPD H . 2.59 59.00 -58.59
CM MPD H . 1.41 60.61 -57.24
C3 MPD H . 3.20 59.15 -56.30
C4 MPD H . 2.95 59.60 -54.83
O4 MPD H . 1.96 58.83 -54.19
C5 MPD H . 4.20 59.45 -54.03
C1 MPD I . 3.86 61.39 -62.84
C2 MPD I . 3.29 61.79 -61.49
O2 MPD I . 4.34 61.55 -60.54
CM MPD I . 2.92 63.24 -61.44
C3 MPD I . 2.09 60.93 -61.01
C4 MPD I . 0.71 61.18 -61.65
O4 MPD I . 0.73 60.93 -63.04
C5 MPD I . -0.32 60.25 -61.04
C1 MPD J . -23.22 52.88 -64.42
C2 MPD J . -22.40 51.60 -64.57
O2 MPD J . -21.13 51.89 -63.96
CM MPD J . -23.06 50.46 -63.86
C3 MPD J . -22.18 51.18 -66.05
C4 MPD J . -20.74 51.04 -66.55
O4 MPD J . -20.05 50.06 -65.82
C5 MPD J . -20.70 50.63 -68.01
C1 MPD K . -15.74 41.17 -29.97
C2 MPD K . -15.35 39.71 -29.81
O2 MPD K . -14.23 39.53 -30.68
CM MPD K . -14.96 39.38 -28.40
C3 MPD K . -16.43 38.72 -30.32
C4 MPD K . -17.77 38.63 -29.57
O4 MPD K . -18.45 39.86 -29.59
C5 MPD K . -18.68 37.59 -30.20
C1 MPD L . -28.35 31.66 -33.03
C2 MPD L . -29.56 31.36 -33.91
O2 MPD L . -30.33 30.37 -33.20
CM MPD L . -30.37 32.58 -34.12
C3 MPD L . -29.17 30.80 -35.30
C4 MPD L . -29.04 29.27 -35.47
O4 MPD L . -30.27 28.61 -35.20
C5 MPD L . -28.65 28.92 -36.88
C1 MPD M . 46.52 -54.96 59.35
C2 MPD M . 45.07 -55.40 59.28
O2 MPD M . 44.73 -55.35 57.87
CM MPD M . 44.88 -56.79 59.80
C3 MPD M . 44.06 -54.43 59.98
C4 MPD M . 44.17 -54.21 61.51
O4 MPD M . 45.41 -53.64 61.86
C5 MPD M . 43.08 -53.25 61.97
C1 MPD N . 19.00 -16.95 8.22
C2 MPD N . 19.82 -18.21 8.41
O2 MPD N . 19.02 -19.07 9.27
CM MPD N . 20.09 -18.88 7.10
C3 MPD N . 21.17 -17.93 9.13
C4 MPD N . 21.76 -19.04 10.03
O4 MPD N . 21.99 -20.23 9.31
C5 MPD N . 23.08 -18.60 10.64
C1 MPD O . 19.39 -30.49 36.98
C2 MPD O . 18.33 -29.97 36.02
O2 MPD O . 19.06 -29.22 35.03
CM MPD O . 17.56 -31.06 35.37
C3 MPD O . 17.30 -28.98 36.68
C4 MPD O . 16.26 -29.56 37.69
O4 MPD O . 16.91 -30.13 38.82
C5 MPD O . 15.33 -28.48 38.23
C1 MPD P . -7.35 -21.05 53.90
C2 MPD P . -7.69 -22.52 53.88
O2 MPD P . -6.48 -23.21 53.48
CM MPD P . -8.12 -23.00 55.23
C3 MPD P . -8.76 -22.91 52.80
C4 MPD P . -10.24 -22.59 53.08
O4 MPD P . -10.47 -21.21 53.25
C5 MPD P . -11.11 -23.05 51.92
C1 MPD Q . -2.57 -35.92 31.30
C2 MPD Q . -3.31 -35.31 32.46
O2 MPD Q . -4.53 -34.77 31.92
CM MPD Q . -3.62 -36.35 33.49
C3 MPD Q . -2.50 -34.17 33.15
C4 MPD Q . -2.50 -32.80 32.48
O4 MPD Q . -3.81 -32.26 32.42
C5 MPD Q . -1.66 -31.81 33.27
C1 MPD R . 5.85 -15.08 25.68
C2 MPD R . 5.34 -14.53 26.98
O2 MPD R . 3.92 -14.57 26.86
CM MPD R . 5.80 -15.35 28.14
C3 MPD R . 5.75 -13.06 27.22
C4 MPD R . 5.42 -12.08 26.10
O4 MPD R . 4.04 -12.03 25.86
C5 MPD R . 5.87 -10.66 26.47
C1 MPD S . -54.36 41.07 -66.10
C2 MPD S . -53.18 42.03 -66.11
O2 MPD S . -52.35 41.56 -67.20
CM MPD S . -53.62 43.44 -66.38
C3 MPD S . -52.29 42.00 -64.87
C4 MPD S . -52.88 42.57 -63.56
O4 MPD S . -54.00 41.84 -63.16
C5 MPD S . -51.89 42.49 -62.45
C1 MPD T . -38.88 51.32 -66.33
C2 MPD T . -39.44 51.23 -64.92
O2 MPD T . -40.31 50.07 -64.94
CM MPD T . -38.37 51.02 -63.89
C3 MPD T . -40.34 52.44 -64.51
C4 MPD T . -39.68 53.83 -64.32
O4 MPD T . -39.07 54.30 -65.51
C5 MPD T . -40.70 54.86 -63.92
C1 MPD U . -55.12 43.01 -70.28
C2 MPD U . -53.70 42.76 -70.75
O2 MPD U . -53.31 41.51 -70.13
CM MPD U . -53.63 42.66 -72.23
C3 MPD U . -52.72 43.86 -70.28
C4 MPD U . -51.32 43.46 -69.81
O4 MPD U . -50.59 42.82 -70.84
C5 MPD U . -50.52 44.68 -69.38
#